data_6WXR
#
_entry.id   6WXR
#
_cell.length_a   1.00
_cell.length_b   1.00
_cell.length_c   1.00
_cell.angle_alpha   90.00
_cell.angle_beta   90.00
_cell.angle_gamma   90.00
#
_symmetry.space_group_name_H-M   'P 1'
#
loop_
_entity.id
_entity.type
_entity.pdbx_description
1 polymer 'Dual oxidase 1'
2 polymer 'Dual oxidase maturation factor 1'
3 branched alpha-D-mannopyranose-(1-3)-alpha-D-mannopyranose-(1-6)-beta-D-mannopyranose-(1-4)-2-acetamido-2-deoxy-beta-D-glucopyranose-(1-4)-2-acetamido-2-deoxy-beta-D-glucopyranose
4 non-polymer 'FLAVIN-ADENINE DINUCLEOTIDE'
5 non-polymer 2-acetamido-2-deoxy-beta-D-glucopyranose
6 non-polymer 'PROTOPORPHYRIN IX CONTAINING FE'
#
loop_
_entity_poly.entity_id
_entity_poly.type
_entity_poly.pdbx_seq_one_letter_code
_entity_poly.pdbx_strand_id
1 'polypeptide(L)'
;GPSRGAQNSISWEVQRFDGWYNNLMEHRWGSKGSRLQRLVPASYADGVYQPLKEPYLPNPRHLSNRVMRGSAGQPSLRNR
TVLGVFFGYHVLSDLVSVETPGCPAEFLNIYIPHGDPVFDPDKRGNVVLPFQRSRWDRNTGQSPSNPRDQSNQVTGWLDG
SAIYGSSHSWSDTLRSFSGGQLASGPDPAFPSDSQSSLLMWMAPDPSTGQGGPRGVYAFGAQRGNREPFLQALGLLWFRY
HNLCARKLAQEHPHWGDEELFQHARKRVIATYQNIAMYEWLPSFLKQTPPEYPGYRPFLDPSISPEFVVASEQFLSTMVP
SGVYMRNASCHFQGIPSHNSSVSGALRVCNSYWSREHPKLQRAEDVDALLLGMASQIAEREDHVVVEDMQDFWPGPLKFS
RTDYLASCLQRGRDLGLPSYTKAREALGLSPISHWQDINPALSRSNGTVLEATAALYNQDLSRLELLPGGLLESHGDPGP
LFSTIVLDQFVRLRDGDRYWFENTRNGLFSKEEIAEIRNTSLRDILVAVTNVDPSALQPNVFFWLAGDPCPQPSQLSAKG
LPACAPLFIRDYFEGSGFGFGLTIGTLCCFPLVSLLSAWIVARLRKRNFKRLQRQDRQSIMSEKLVGGVEALEWQGRNEP
CRPVLVHLQPGQIRVVDGRLTVLRTIQLRPPQQVNLILSSNRGRRTLLLKIPKEYDLVLLFNMEEERQALVENVRGALKE
NGLSFQEWELREQELMRAAVTRQQRGHLLETFFRHLFSQVLDINQADAGTLPLDSSTKVREALTCELSRAEFADSLGLKP
QDMFVESMFSLADKDGNGYLSFREFLDILVVFMKGSPEEKSRLMFRMYDFDGNGLISKDEFIRMLRSFIEISNNCLSKAQ
LAEVVESMFRESGFQDKEELTWEDFHFMLRDHDSDLRFTQLCVKGVEVPEVIKNLCRRASYISQEKICPSPRMSAHCARN
NMKTASSPQRLQCPMDTDPPQEIRRRFGKKVTSFQPLLFTEAHREKFQRSRRHQTVQQFKRFIENYRRHIGCVAVFYTIT
GALFLERAYYYAFAAHHSGITDTTRVGIILSRGTAASISFMFSYILLTMCRNLITFLRETFLNRYIPFDAAVDFHRLIAS
TAIILTVLHSAGHVVNVYLFSISPLSVLSCLFPGLFHDDGSEFPQKYYWWFFQTVPGLTGVLLLLALAIMYVFASHHFRR
RSFRGFWLTHHLYIFLYILLIIHGSFALIQMPRFHIFFLVPAIIYVGDKLVSLSRKKVEISVVKAELLPSGVTHLRFQRP
QGFEYKSGQWVRIACLALGTTEYHPFTLTSAPHEDTLSLHIRAAGPWTTRLREIYSPPTGDTCARYPKLYLDGPFGEGHQ
EWHKFEVSVLVGGGIGVTPFASILKDLVFKSSVSCQVFCKKIYFIWVTRTQRQFEWLADIIREVEENDRQDLVSVHIYIT
QLAEKFDLRTTMLYICERHFQKVLNRSLFTGLRSITHFGRPPFEPFFNSLQEVHPQVRKIGVFSCGPPGMTKNVEKACQL
INRQDRTHFSHHYENF
;
A
2 'polypeptide(L)'
;MAALGHTLPFYTGTKPTFPMDTTLAVIITIFLTALVTFIIILPGIRGKTRLFWLLRVVTSLFIGAVILAVNFSSEWSVGH
VNANTTYKAFSPKWVSVDVGLQIGLGGVNITLTGTPVQQLNETINYNEAFAWRLGRSYAEEYAKALEKGLPDPVLYLAEK
FTPRSPCGLYNQYRLAGHYASAMLWVAFLCWLLANVMLSMPVLVYGGHMLLATGLFQLLALFFFSMTTSLISPCPLRLGT
AVLHTHHGPAFWITLATGLLCILLGLVMAVAHRMQPHRLKAFFNQSSEDPVLEWGSEEGGLLSPHYRSIAESPETQDIPM
SVASSETCFKEEHPKESDCSL
;
B
#
# COMPACT_ATOMS: atom_id res chain seq x y z
N GLN A 7 19.90 25.84 -35.60
CA GLN A 7 19.00 24.76 -35.99
C GLN A 7 17.59 25.28 -36.24
N ASN A 8 17.22 26.34 -35.53
CA ASN A 8 15.89 26.94 -35.65
C ASN A 8 15.97 28.39 -35.18
N SER A 9 14.80 29.00 -34.97
CA SER A 9 14.71 30.42 -34.65
C SER A 9 14.51 30.69 -33.16
N ILE A 10 14.70 29.68 -32.30
CA ILE A 10 14.65 29.87 -30.85
C ILE A 10 16.06 30.26 -30.43
N SER A 11 16.39 31.54 -30.60
CA SER A 11 17.72 32.05 -30.28
C SER A 11 17.76 32.63 -28.87
N TRP A 12 17.33 31.83 -27.90
CA TRP A 12 17.37 32.22 -26.49
C TRP A 12 17.23 30.97 -25.64
N GLU A 13 17.35 31.14 -24.33
CA GLU A 13 17.27 30.04 -23.38
C GLU A 13 15.82 29.91 -22.93
N VAL A 14 15.16 28.83 -23.36
CA VAL A 14 13.75 28.63 -23.05
C VAL A 14 13.56 28.57 -21.53
N GLN A 15 12.54 29.25 -21.04
CA GLN A 15 12.27 29.33 -19.61
C GLN A 15 11.66 28.02 -19.11
N ARG A 16 12.26 27.46 -18.06
CA ARG A 16 11.74 26.23 -17.48
C ARG A 16 10.36 26.48 -16.87
N PHE A 17 9.59 25.39 -16.74
CA PHE A 17 8.28 25.46 -16.14
C PHE A 17 8.32 25.28 -14.62
N ASP A 18 9.25 24.46 -14.13
CA ASP A 18 9.31 24.19 -12.70
C ASP A 18 9.88 25.37 -11.91
N GLY A 19 10.74 26.17 -12.53
CA GLY A 19 11.33 27.32 -11.89
C GLY A 19 12.81 27.17 -11.60
N TRP A 20 13.36 25.96 -11.64
CA TRP A 20 14.76 25.74 -11.32
C TRP A 20 15.67 26.49 -12.29
N TYR A 21 16.93 26.59 -11.90
CA TYR A 21 18.00 27.13 -12.75
C TYR A 21 17.65 28.51 -13.29
N ASN A 22 17.06 29.33 -12.43
CA ASN A 22 16.79 30.73 -12.77
C ASN A 22 17.86 31.68 -12.29
N ASN A 23 18.46 31.41 -11.13
CA ASN A 23 19.63 32.15 -10.68
C ASN A 23 20.84 31.23 -10.71
N LEU A 24 21.98 31.76 -11.17
CA LEU A 24 23.15 30.93 -11.39
C LEU A 24 23.65 30.32 -10.10
N MET A 25 23.79 31.13 -9.05
CA MET A 25 24.39 30.63 -7.81
C MET A 25 23.49 29.63 -7.10
N GLU A 26 22.26 30.03 -6.80
CA GLU A 26 21.27 29.17 -6.13
C GLU A 26 20.23 28.72 -7.15
N HIS A 27 20.25 27.44 -7.50
CA HIS A 27 19.35 26.92 -8.52
C HIS A 27 17.96 26.63 -7.98
N ARG A 28 17.67 26.95 -6.72
CA ARG A 28 16.51 26.42 -6.01
C ARG A 28 15.55 27.52 -5.55
N TRP A 29 15.91 28.80 -5.70
CA TRP A 29 15.16 29.86 -5.02
C TRP A 29 13.68 29.87 -5.39
N GLY A 30 13.36 30.12 -6.66
CA GLY A 30 11.98 30.02 -7.08
C GLY A 30 11.73 28.71 -7.78
N SER A 31 11.13 27.75 -7.08
CA SER A 31 10.93 26.43 -7.65
C SER A 31 9.54 25.95 -7.19
N LYS A 32 9.13 24.79 -7.71
CA LYS A 32 7.78 24.27 -7.51
C LYS A 32 7.54 24.07 -6.01
N GLY A 33 8.39 23.32 -5.31
CA GLY A 33 8.12 23.04 -3.91
C GLY A 33 9.06 23.71 -2.92
N SER A 34 9.47 24.94 -3.20
CA SER A 34 10.36 25.66 -2.31
C SER A 34 9.64 25.96 -0.99
N ARG A 35 10.39 26.47 -0.01
CA ARG A 35 9.86 26.74 1.31
C ARG A 35 9.77 28.24 1.54
N LEU A 36 8.72 28.66 2.25
CA LEU A 36 8.48 30.08 2.47
C LEU A 36 9.50 30.65 3.46
N GLN A 37 10.05 31.82 3.12
CA GLN A 37 11.09 32.47 3.92
C GLN A 37 10.45 33.56 4.76
N ARG A 38 10.49 33.39 6.08
CA ARG A 38 9.75 34.27 6.98
C ARG A 38 10.42 35.64 7.10
N LEU A 39 9.61 36.66 7.38
CA LEU A 39 10.10 37.99 7.75
C LEU A 39 10.40 38.10 9.23
N VAL A 40 9.80 37.24 10.05
CA VAL A 40 9.90 37.30 11.51
C VAL A 40 10.01 35.87 12.02
N PRO A 41 10.88 35.59 13.01
CA PRO A 41 10.99 34.22 13.52
C PRO A 41 9.64 33.63 13.88
N ALA A 42 9.53 32.31 13.75
CA ALA A 42 8.28 31.61 13.95
C ALA A 42 7.68 31.91 15.32
N SER A 43 6.35 31.86 15.39
CA SER A 43 5.65 32.20 16.62
C SER A 43 4.73 31.06 17.04
N TYR A 44 5.25 29.84 17.05
CA TYR A 44 4.48 28.68 17.46
C TYR A 44 4.33 28.64 18.97
N ALA A 45 3.46 27.73 19.43
CA ALA A 45 3.15 27.68 20.86
C ALA A 45 4.31 27.10 21.67
N ASP A 46 4.67 25.85 21.40
CA ASP A 46 5.79 25.25 22.11
C ASP A 46 7.12 25.83 21.64
N GLY A 47 7.23 26.15 20.35
CA GLY A 47 8.45 26.72 19.83
C GLY A 47 8.82 26.14 18.47
N VAL A 48 8.32 24.95 18.16
CA VAL A 48 8.67 24.24 16.95
C VAL A 48 7.52 24.13 15.98
N TYR A 49 6.45 23.40 16.34
CA TYR A 49 5.35 23.21 15.39
C TYR A 49 3.97 23.24 16.04
N GLN A 50 3.82 23.76 17.25
CA GLN A 50 2.51 23.76 17.89
C GLN A 50 1.86 25.12 17.71
N PRO A 51 0.61 25.18 17.25
CA PRO A 51 -0.02 26.47 16.99
C PRO A 51 -0.76 27.00 18.21
N LEU A 52 -0.78 28.33 18.32
CA LEU A 52 -1.56 28.97 19.36
C LEU A 52 -3.04 28.63 19.18
N LYS A 53 -3.81 28.72 20.26
CA LYS A 53 -5.16 28.18 20.26
C LYS A 53 -6.07 29.06 21.11
N GLU A 54 -7.25 28.53 21.40
CA GLU A 54 -8.38 29.26 21.96
C GLU A 54 -8.19 29.72 23.41
N PRO A 55 -7.56 28.92 24.31
CA PRO A 55 -7.27 29.45 25.65
C PRO A 55 -6.39 30.68 25.59
N TYR A 56 -5.47 30.72 24.62
CA TYR A 56 -4.54 31.84 24.51
C TYR A 56 -5.15 32.99 23.71
N LEU A 57 -5.71 32.69 22.54
CA LEU A 57 -6.26 33.67 21.62
C LEU A 57 -7.73 33.41 21.37
N PRO A 58 -8.51 34.46 21.10
CA PRO A 58 -9.96 34.29 21.00
C PRO A 58 -10.38 33.29 19.93
N ASN A 59 -11.64 32.90 20.00
CA ASN A 59 -12.19 31.91 19.09
C ASN A 59 -12.34 32.52 17.69
N PRO A 60 -11.90 31.82 16.64
CA PRO A 60 -12.01 32.40 15.29
C PRO A 60 -13.44 32.72 14.87
N ARG A 61 -14.38 31.80 15.13
CA ARG A 61 -15.76 32.03 14.74
C ARG A 61 -16.44 33.09 15.60
N HIS A 62 -15.93 33.36 16.81
CA HIS A 62 -16.42 34.47 17.61
C HIS A 62 -15.67 35.76 17.37
N LEU A 63 -14.44 35.70 16.84
CA LEU A 63 -13.73 36.90 16.44
C LEU A 63 -14.26 37.44 15.13
N SER A 64 -14.57 36.54 14.19
CA SER A 64 -15.12 36.95 12.90
C SER A 64 -16.46 37.67 13.07
N ASN A 65 -17.32 37.16 13.96
CA ASN A 65 -18.67 37.70 14.07
C ASN A 65 -18.67 39.10 14.66
N ARG A 66 -17.68 39.42 15.50
CA ARG A 66 -17.74 40.68 16.25
C ARG A 66 -17.29 41.86 15.39
N VAL A 67 -16.19 41.71 14.67
CA VAL A 67 -15.59 42.84 13.97
C VAL A 67 -15.88 42.78 12.47
N MET A 68 -15.74 41.60 11.88
CA MET A 68 -15.83 41.44 10.43
C MET A 68 -17.22 40.95 10.02
N ARG A 69 -18.23 41.77 10.30
CA ARG A 69 -19.59 41.48 9.91
C ARG A 69 -20.36 42.78 9.74
N GLY A 70 -21.07 42.91 8.63
CA GLY A 70 -21.83 44.11 8.38
C GLY A 70 -22.56 44.04 7.05
N SER A 71 -22.98 45.22 6.59
CA SER A 71 -23.76 45.32 5.37
C SER A 71 -22.89 45.00 4.15
N ALA A 72 -23.51 45.08 2.97
CA ALA A 72 -22.84 44.75 1.72
C ALA A 72 -23.11 45.79 0.62
N GLY A 73 -23.49 47.01 0.98
CA GLY A 73 -23.75 48.04 0.00
C GLY A 73 -22.85 49.25 0.15
N GLN A 74 -21.57 49.03 0.45
CA GLN A 74 -20.64 50.14 0.65
C GLN A 74 -19.72 50.27 -0.55
N PRO A 75 -19.66 51.43 -1.18
CA PRO A 75 -18.81 51.58 -2.37
C PRO A 75 -17.37 51.88 -1.99
N SER A 76 -16.46 51.45 -2.85
CA SER A 76 -15.04 51.67 -2.62
C SER A 76 -14.72 53.16 -2.63
N LEU A 77 -13.70 53.53 -1.87
CA LEU A 77 -13.36 54.95 -1.73
C LEU A 77 -12.65 55.47 -2.97
N ARG A 78 -11.89 54.62 -3.65
CA ARG A 78 -11.12 55.00 -4.82
C ARG A 78 -11.74 54.45 -6.11
N ASN A 79 -12.96 53.92 -6.02
CA ASN A 79 -13.73 53.48 -7.18
C ASN A 79 -13.05 52.33 -7.92
N ARG A 80 -12.43 51.41 -7.19
CA ARG A 80 -11.78 50.28 -7.81
C ARG A 80 -12.82 49.28 -8.32
N THR A 81 -12.81 49.05 -9.63
CA THR A 81 -13.73 48.11 -10.24
C THR A 81 -13.38 46.68 -9.83
N VAL A 82 -14.39 45.81 -9.82
CA VAL A 82 -14.22 44.45 -9.31
C VAL A 82 -13.35 43.59 -10.21
N LEU A 83 -13.14 44.00 -11.45
CA LEU A 83 -12.15 43.31 -12.28
C LEU A 83 -10.76 43.45 -11.68
N GLY A 84 -10.50 44.56 -10.98
CA GLY A 84 -9.26 44.67 -10.25
C GLY A 84 -9.15 43.63 -9.15
N VAL A 85 -10.22 43.47 -8.37
CA VAL A 85 -10.23 42.48 -7.30
C VAL A 85 -9.94 41.09 -7.84
N PHE A 86 -10.62 40.71 -8.92
CA PHE A 86 -10.45 39.35 -9.39
C PHE A 86 -9.19 39.14 -10.24
N PHE A 87 -8.67 40.19 -10.86
CA PHE A 87 -7.35 40.08 -11.47
C PHE A 87 -6.27 39.95 -10.40
N GLY A 88 -6.48 40.57 -9.23
CA GLY A 88 -5.58 40.34 -8.12
C GLY A 88 -5.67 38.91 -7.61
N TYR A 89 -6.89 38.40 -7.48
CA TYR A 89 -7.06 36.99 -7.13
C TYR A 89 -6.37 36.07 -8.13
N HIS A 90 -6.34 36.48 -9.40
CA HIS A 90 -5.66 35.67 -10.42
C HIS A 90 -4.15 35.76 -10.28
N VAL A 91 -3.61 36.97 -10.20
CA VAL A 91 -2.18 37.18 -10.06
C VAL A 91 -1.63 36.45 -8.84
N LEU A 92 -2.29 36.56 -7.70
CA LEU A 92 -1.79 36.01 -6.45
C LEU A 92 -1.99 34.50 -6.37
N SER A 93 -2.36 33.86 -7.47
CA SER A 93 -2.32 32.42 -7.62
C SER A 93 -1.19 32.00 -8.54
N ASP A 94 -0.56 32.95 -9.21
CA ASP A 94 0.67 32.71 -9.95
C ASP A 94 1.87 32.58 -9.02
N LEU A 95 1.81 33.20 -7.84
CA LEU A 95 2.95 33.33 -6.96
C LEU A 95 2.93 32.35 -5.80
N VAL A 96 1.83 32.27 -5.05
CA VAL A 96 1.83 31.55 -3.78
C VAL A 96 0.57 30.69 -3.70
N SER A 97 0.70 29.50 -3.12
CA SER A 97 -0.42 28.58 -2.91
C SER A 97 -0.08 27.71 -1.72
N VAL A 98 -0.70 27.98 -0.57
CA VAL A 98 -0.47 27.24 0.66
C VAL A 98 -1.75 26.57 1.15
N GLU A 99 -2.64 26.18 0.24
CA GLU A 99 -3.97 25.73 0.61
C GLU A 99 -4.12 24.21 0.63
N THR A 100 -3.32 23.48 -0.14
CA THR A 100 -3.50 22.03 -0.20
C THR A 100 -2.94 21.38 1.06
N PRO A 101 -3.72 20.58 1.77
CA PRO A 101 -3.23 19.98 3.01
C PRO A 101 -2.29 18.82 2.76
N GLY A 102 -1.01 19.05 3.01
CA GLY A 102 -0.07 17.94 3.08
C GLY A 102 -0.26 17.29 4.44
N CYS A 103 -0.12 15.99 4.53
CA CYS A 103 -0.65 15.33 5.71
C CYS A 103 0.17 14.10 6.05
N PRO A 104 0.81 14.09 7.22
CA PRO A 104 0.44 13.10 8.23
C PRO A 104 -0.77 13.67 8.94
N ALA A 105 -1.96 13.14 8.64
CA ALA A 105 -3.21 13.88 8.82
C ALA A 105 -3.31 14.52 10.20
N GLU A 106 -3.33 15.85 10.22
CA GLU A 106 -3.34 16.62 11.47
C GLU A 106 -4.28 17.80 11.35
N PHE A 107 -5.36 17.78 12.13
CA PHE A 107 -6.35 18.86 12.10
C PHE A 107 -6.11 19.84 13.23
N LEU A 108 -6.68 21.05 13.07
CA LEU A 108 -6.92 21.97 14.18
C LEU A 108 -8.29 22.63 13.92
N ASN A 109 -9.31 22.06 14.54
CA ASN A 109 -10.68 22.36 14.17
C ASN A 109 -11.13 23.71 14.74
N ILE A 110 -12.21 24.23 14.16
CA ILE A 110 -12.87 25.44 14.64
C ILE A 110 -14.02 25.01 15.54
N TYR A 111 -14.17 25.68 16.68
CA TYR A 111 -15.20 25.35 17.65
C TYR A 111 -16.23 26.48 17.65
N ILE A 112 -17.43 26.17 17.15
CA ILE A 112 -18.52 27.14 17.03
C ILE A 112 -19.07 27.43 18.43
N PRO A 113 -19.43 28.68 18.74
CA PRO A 113 -20.07 28.97 20.01
C PRO A 113 -21.48 28.37 20.06
N HIS A 114 -22.15 28.59 21.18
CA HIS A 114 -23.48 28.02 21.37
C HIS A 114 -24.53 28.83 20.64
N GLY A 115 -25.35 28.16 19.84
CA GLY A 115 -26.47 28.81 19.17
C GLY A 115 -26.06 29.80 18.10
N ASP A 116 -25.20 29.37 17.18
CA ASP A 116 -24.82 30.24 16.08
C ASP A 116 -25.90 30.21 15.01
N PRO A 117 -26.51 31.35 14.68
CA PRO A 117 -27.66 31.34 13.77
C PRO A 117 -27.39 30.70 12.41
N VAL A 118 -26.14 30.47 12.05
CA VAL A 118 -25.84 29.88 10.75
C VAL A 118 -25.37 28.44 10.85
N PHE A 119 -24.44 28.14 11.77
CA PHE A 119 -23.87 26.81 11.86
C PHE A 119 -24.41 25.98 13.02
N ASP A 120 -25.00 26.62 14.03
CA ASP A 120 -25.59 25.92 15.17
C ASP A 120 -26.98 26.48 15.42
N PRO A 121 -27.90 26.33 14.46
CA PRO A 121 -29.17 27.06 14.55
C PRO A 121 -30.11 26.51 15.61
N ASP A 122 -30.09 25.20 15.84
CA ASP A 122 -31.00 24.57 16.78
C ASP A 122 -30.40 24.39 18.18
N LYS A 123 -29.30 25.09 18.48
CA LYS A 123 -28.66 25.01 19.79
C LYS A 123 -28.33 23.57 20.17
N ARG A 124 -27.55 22.91 19.32
CA ARG A 124 -27.16 21.51 19.56
C ARG A 124 -25.82 21.44 20.30
N GLY A 125 -25.75 22.17 21.40
CA GLY A 125 -24.55 22.11 22.24
C GLY A 125 -23.36 22.76 21.55
N ASN A 126 -22.42 21.92 21.14
CA ASN A 126 -21.21 22.37 20.47
C ASN A 126 -21.05 21.61 19.16
N VAL A 127 -20.78 22.34 18.08
CA VAL A 127 -20.59 21.76 16.76
C VAL A 127 -19.21 22.16 16.25
N VAL A 128 -18.58 21.27 15.49
CA VAL A 128 -17.18 21.37 15.13
C VAL A 128 -17.05 21.54 13.62
N LEU A 129 -16.29 22.55 13.21
CA LEU A 129 -15.95 22.74 11.81
C LEU A 129 -14.56 22.20 11.55
N PRO A 130 -14.38 21.21 10.70
CA PRO A 130 -13.04 20.65 10.47
C PRO A 130 -12.14 21.63 9.74
N PHE A 131 -10.84 21.50 10.01
CA PHE A 131 -9.82 22.34 9.38
C PHE A 131 -8.48 21.60 9.47
N GLN A 132 -7.76 21.58 8.35
CA GLN A 132 -6.58 20.73 8.21
C GLN A 132 -5.34 21.57 8.00
N ARG A 133 -4.20 21.09 8.50
CA ARG A 133 -2.94 21.78 8.34
C ARG A 133 -2.39 21.55 6.94
N SER A 134 -1.60 22.53 6.46
CA SER A 134 -1.11 22.52 5.09
C SER A 134 0.27 21.87 5.00
N ARG A 135 0.79 21.83 3.77
CA ARG A 135 2.08 21.20 3.51
C ARG A 135 3.20 21.90 4.27
N TRP A 136 4.13 21.11 4.79
CA TRP A 136 5.31 21.62 5.46
C TRP A 136 6.56 20.97 4.89
N ASP A 137 7.69 21.64 5.09
CA ASP A 137 8.98 21.18 4.57
C ASP A 137 9.48 20.07 5.49
N ARG A 138 9.73 18.89 4.90
CA ARG A 138 10.04 17.70 5.69
C ARG A 138 11.35 17.82 6.46
N ASN A 139 12.23 18.73 6.04
CA ASN A 139 13.52 18.91 6.68
C ASN A 139 13.50 20.01 7.74
N THR A 140 12.32 20.51 8.10
CA THR A 140 12.19 21.52 9.13
C THR A 140 11.09 21.12 10.10
N GLY A 141 11.17 21.66 11.31
CA GLY A 141 10.23 21.36 12.36
C GLY A 141 10.67 20.30 13.33
N GLN A 142 11.94 20.30 13.77
CA GLN A 142 12.46 19.26 14.63
C GLN A 142 13.24 19.80 15.82
N SER A 143 13.42 21.11 15.93
CA SER A 143 14.17 21.71 17.03
C SER A 143 13.85 23.19 17.06
N PRO A 144 13.91 23.82 18.24
CA PRO A 144 13.63 25.26 18.32
C PRO A 144 14.62 26.12 17.55
N SER A 145 15.66 25.52 16.96
CA SER A 145 16.56 26.29 16.12
C SER A 145 15.97 26.53 14.74
N ASN A 146 15.25 25.54 14.21
CA ASN A 146 14.57 25.65 12.91
C ASN A 146 13.15 25.13 13.06
N PRO A 147 12.18 26.02 13.28
CA PRO A 147 10.78 25.59 13.38
C PRO A 147 10.24 25.21 12.02
N ARG A 148 9.06 24.61 12.02
CA ARG A 148 8.43 24.13 10.79
C ARG A 148 8.18 25.28 9.82
N ASP A 149 8.51 25.04 8.55
CA ASP A 149 8.29 25.99 7.48
C ASP A 149 7.45 25.35 6.38
N GLN A 150 6.48 26.09 5.88
CA GLN A 150 5.58 25.58 4.86
C GLN A 150 6.21 25.71 3.47
N SER A 151 5.57 25.05 2.50
CA SER A 151 6.08 25.02 1.14
C SER A 151 4.95 25.32 0.17
N ASN A 152 5.09 26.39 -0.61
CA ASN A 152 4.14 26.70 -1.66
C ASN A 152 4.35 25.77 -2.85
N GLN A 153 3.26 25.39 -3.52
CA GLN A 153 3.30 24.39 -4.57
C GLN A 153 3.21 24.99 -5.97
N VAL A 154 3.54 26.27 -6.12
CA VAL A 154 3.56 26.91 -7.44
C VAL A 154 4.89 27.61 -7.61
N THR A 155 5.29 27.77 -8.88
CA THR A 155 6.53 28.47 -9.21
C THR A 155 6.50 29.89 -8.67
N GLY A 156 7.38 30.19 -7.72
CA GLY A 156 7.32 31.44 -7.00
C GLY A 156 7.76 32.67 -7.76
N TRP A 157 7.83 32.58 -9.08
CA TRP A 157 8.08 33.73 -9.93
C TRP A 157 6.77 34.18 -10.59
N LEU A 158 6.81 35.38 -11.16
CA LEU A 158 5.73 35.88 -11.99
C LEU A 158 6.04 35.49 -13.44
N ASP A 159 5.89 34.19 -13.72
CA ASP A 159 6.31 33.60 -14.98
C ASP A 159 5.16 32.88 -15.66
N GLY A 160 3.95 33.39 -15.46
CA GLY A 160 2.77 32.77 -16.04
C GLY A 160 2.57 31.35 -15.55
N SER A 161 2.88 31.10 -14.29
CA SER A 161 2.69 29.78 -13.69
C SER A 161 1.23 29.49 -13.37
N ALA A 162 0.31 30.34 -13.81
CA ALA A 162 -1.12 30.12 -13.69
C ALA A 162 -1.77 29.84 -15.03
N ILE A 163 -1.08 30.16 -16.13
CA ILE A 163 -1.62 29.87 -17.45
C ILE A 163 -1.11 28.53 -17.97
N TYR A 164 0.21 28.31 -17.90
CA TYR A 164 0.82 27.12 -18.49
C TYR A 164 1.20 26.05 -17.48
N GLY A 165 0.64 26.08 -16.28
CA GLY A 165 1.05 25.09 -15.31
C GLY A 165 2.43 25.35 -14.76
N SER A 166 2.74 24.72 -13.63
CA SER A 166 4.01 24.94 -12.94
C SER A 166 5.00 23.81 -13.16
N SER A 167 4.76 22.93 -14.13
CA SER A 167 5.72 21.89 -14.47
C SER A 167 5.67 21.60 -15.96
N HIS A 168 6.40 20.58 -16.42
CA HIS A 168 6.45 20.24 -17.83
C HIS A 168 5.47 19.13 -18.21
N SER A 169 5.26 18.15 -17.33
CA SER A 169 4.22 17.15 -17.58
C SER A 169 2.84 17.78 -17.47
N TRP A 170 2.74 18.92 -16.78
CA TRP A 170 1.47 19.64 -16.70
C TRP A 170 1.24 20.51 -17.92
N SER A 171 2.28 21.16 -18.42
CA SER A 171 2.15 22.00 -19.61
C SER A 171 1.98 21.20 -20.89
N ASP A 172 1.96 19.87 -20.80
CA ASP A 172 1.68 19.02 -21.95
C ASP A 172 0.22 18.59 -21.98
N THR A 173 -0.35 18.30 -20.80
CA THR A 173 -1.72 17.80 -20.74
C THR A 173 -2.75 18.88 -21.05
N LEU A 174 -2.29 20.10 -21.30
CA LEU A 174 -3.21 21.14 -21.76
C LEU A 174 -2.72 21.80 -23.04
N ARG A 175 -2.03 21.06 -23.91
CA ARG A 175 -1.53 21.55 -25.18
C ARG A 175 -1.98 20.60 -26.28
N SER A 176 -2.13 21.13 -27.49
CA SER A 176 -2.63 20.35 -28.61
C SER A 176 -1.57 19.99 -29.64
N PHE A 177 -0.42 20.66 -29.62
CA PHE A 177 0.68 20.39 -30.56
C PHE A 177 0.25 20.57 -32.01
N SER A 178 -0.82 21.36 -32.23
CA SER A 178 -1.31 21.69 -33.56
C SER A 178 -1.11 23.19 -33.71
N GLY A 179 0.09 23.57 -34.15
CA GLY A 179 0.56 24.93 -33.94
C GLY A 179 0.86 25.13 -32.47
N GLY A 180 1.21 26.36 -32.11
CA GLY A 180 1.37 26.64 -30.71
C GLY A 180 0.03 27.02 -30.12
N GLN A 181 -0.69 26.05 -29.54
CA GLN A 181 -2.03 26.31 -29.06
C GLN A 181 -2.32 25.39 -27.88
N LEU A 182 -3.05 25.93 -26.91
CA LEU A 182 -3.55 25.13 -25.80
C LEU A 182 -4.84 24.44 -26.26
N ALA A 183 -5.00 23.19 -25.85
CA ALA A 183 -6.08 22.36 -26.37
C ALA A 183 -7.42 22.91 -25.94
N SER A 184 -8.27 23.23 -26.91
CA SER A 184 -9.64 23.67 -26.64
C SER A 184 -10.60 22.50 -26.79
N GLY A 185 -11.86 22.73 -26.45
CA GLY A 185 -12.88 21.72 -26.57
C GLY A 185 -13.67 21.87 -27.85
N PRO A 186 -14.88 21.30 -27.88
CA PRO A 186 -15.75 21.53 -29.04
C PRO A 186 -15.97 23.00 -29.33
N ASP A 187 -15.97 23.84 -28.30
CA ASP A 187 -16.03 25.28 -28.50
C ASP A 187 -14.61 25.84 -28.58
N PRO A 188 -14.28 26.60 -29.62
CA PRO A 188 -12.91 27.13 -29.72
C PRO A 188 -12.55 28.11 -28.62
N ALA A 189 -13.56 28.69 -27.95
CA ALA A 189 -13.27 29.68 -26.93
C ALA A 189 -12.93 29.03 -25.60
N PHE A 190 -13.51 27.88 -25.31
CA PHE A 190 -13.25 27.37 -23.98
C PHE A 190 -12.24 26.23 -24.01
N PRO A 191 -11.45 26.05 -22.95
CA PRO A 191 -10.51 24.93 -22.90
C PRO A 191 -11.23 23.60 -22.80
N SER A 192 -10.43 22.54 -22.77
CA SER A 192 -10.94 21.18 -22.85
C SER A 192 -11.23 20.65 -21.45
N ASP A 193 -12.51 20.53 -21.12
CA ASP A 193 -12.93 19.92 -19.86
C ASP A 193 -12.47 18.47 -19.78
N SER A 194 -12.15 17.87 -20.92
CA SER A 194 -11.78 16.46 -21.02
C SER A 194 -10.48 16.14 -20.30
N GLN A 195 -9.74 17.15 -19.87
CA GLN A 195 -8.59 16.98 -18.98
C GLN A 195 -9.01 17.49 -17.61
N SER A 196 -9.75 16.66 -16.88
CA SER A 196 -10.34 17.08 -15.62
C SER A 196 -9.77 16.28 -14.46
N SER A 197 -9.81 14.95 -14.55
CA SER A 197 -9.18 14.13 -13.53
C SER A 197 -7.67 14.28 -13.64
N LEU A 198 -6.99 13.97 -12.53
CA LEU A 198 -5.53 13.88 -12.45
C LEU A 198 -4.86 15.22 -12.73
N LEU A 199 -5.64 16.24 -13.08
CA LEU A 199 -5.08 17.53 -13.41
C LEU A 199 -5.57 18.63 -12.47
N MET A 200 -6.88 18.80 -12.36
CA MET A 200 -7.43 19.97 -11.70
C MET A 200 -8.07 19.61 -10.36
N TRP A 201 -8.66 20.61 -9.73
CA TRP A 201 -9.27 20.49 -8.42
C TRP A 201 -10.77 20.35 -8.59
N MET A 202 -11.32 19.24 -8.10
CA MET A 202 -12.74 18.94 -8.22
C MET A 202 -13.39 19.08 -6.86
N ALA A 203 -14.12 20.16 -6.65
CA ALA A 203 -14.87 20.31 -5.41
C ALA A 203 -16.35 20.34 -5.74
N PRO A 204 -17.18 19.67 -4.93
CA PRO A 204 -18.61 19.62 -5.23
C PRO A 204 -19.24 21.00 -5.12
N ASP A 205 -20.04 21.35 -6.12
CA ASP A 205 -20.78 22.60 -6.09
C ASP A 205 -21.63 22.64 -4.81
N PRO A 206 -21.32 23.52 -3.86
CA PRO A 206 -21.99 23.46 -2.55
C PRO A 206 -23.48 23.80 -2.59
N SER A 207 -24.00 24.26 -3.74
CA SER A 207 -25.41 24.63 -3.83
C SER A 207 -26.28 23.51 -4.38
N THR A 208 -25.71 22.61 -5.18
CA THR A 208 -26.46 21.47 -5.67
C THR A 208 -25.87 20.16 -5.17
N GLY A 209 -24.56 19.97 -5.39
CA GLY A 209 -23.90 18.77 -4.94
C GLY A 209 -23.14 18.02 -6.02
N GLN A 210 -23.24 18.49 -7.27
CA GLN A 210 -22.58 17.80 -8.37
C GLN A 210 -21.07 17.90 -8.25
N GLY A 211 -20.40 16.76 -8.36
CA GLY A 211 -18.95 16.72 -8.27
C GLY A 211 -18.31 16.02 -9.44
N GLY A 212 -18.98 16.04 -10.58
CA GLY A 212 -18.50 15.33 -11.76
C GLY A 212 -17.40 16.08 -12.48
N PRO A 213 -16.67 15.36 -13.34
CA PRO A 213 -15.59 16.00 -14.10
C PRO A 213 -16.06 16.81 -15.30
N ARG A 214 -17.36 17.03 -15.46
CA ARG A 214 -17.88 17.76 -16.61
C ARG A 214 -18.11 19.21 -16.22
N GLY A 215 -17.45 20.12 -16.92
CA GLY A 215 -17.49 21.53 -16.59
C GLY A 215 -16.28 22.03 -15.82
N VAL A 216 -15.28 21.19 -15.60
CA VAL A 216 -14.04 21.57 -14.94
C VAL A 216 -13.00 21.75 -16.03
N TYR A 217 -12.72 23.01 -16.36
CA TYR A 217 -11.80 23.32 -17.45
C TYR A 217 -10.38 22.93 -17.07
N ALA A 218 -9.44 23.17 -17.99
CA ALA A 218 -8.03 22.86 -17.78
C ALA A 218 -7.23 24.15 -17.83
N PHE A 219 -6.84 24.64 -16.66
CA PHE A 219 -6.02 25.85 -16.54
C PHE A 219 -4.67 25.48 -15.95
N GLY A 220 -3.80 26.48 -15.83
CA GLY A 220 -2.50 26.29 -15.22
C GLY A 220 -2.48 26.38 -13.71
N ALA A 221 -3.57 26.83 -13.11
CA ALA A 221 -3.72 26.87 -11.66
C ALA A 221 -4.68 25.75 -11.27
N GLN A 222 -4.29 24.93 -10.30
CA GLN A 222 -5.07 23.75 -9.94
C GLN A 222 -6.49 24.09 -9.55
N ARG A 223 -6.71 25.28 -8.98
CA ARG A 223 -8.07 25.69 -8.66
C ARG A 223 -8.36 27.08 -9.21
N GLY A 224 -8.75 27.14 -10.48
CA GLY A 224 -9.20 28.35 -11.12
C GLY A 224 -10.68 28.37 -11.41
N ASN A 225 -11.38 27.27 -11.14
CA ASN A 225 -12.81 27.14 -11.36
C ASN A 225 -13.62 27.52 -10.14
N ARG A 226 -12.98 28.04 -9.10
CA ARG A 226 -13.64 28.35 -7.84
C ARG A 226 -14.73 29.40 -7.97
N GLU A 227 -14.66 30.23 -9.00
CA GLU A 227 -15.68 31.25 -9.24
C GLU A 227 -15.77 31.46 -10.74
N PRO A 228 -16.96 31.66 -11.30
CA PRO A 228 -17.05 32.07 -12.71
C PRO A 228 -16.29 33.36 -13.01
N PHE A 229 -16.07 34.20 -11.98
CA PHE A 229 -15.40 35.47 -12.21
C PHE A 229 -13.89 35.28 -12.27
N LEU A 230 -13.39 34.15 -11.79
CA LEU A 230 -11.99 33.80 -11.97
C LEU A 230 -11.80 32.98 -13.24
N GLN A 231 -12.77 32.11 -13.53
CA GLN A 231 -12.79 31.44 -14.82
C GLN A 231 -12.80 32.44 -15.96
N ALA A 232 -13.44 33.60 -15.78
CA ALA A 232 -13.47 34.59 -16.85
C ALA A 232 -12.06 35.04 -17.22
N LEU A 233 -11.22 35.31 -16.22
CA LEU A 233 -9.86 35.75 -16.52
C LEU A 233 -9.00 34.60 -17.01
N GLY A 234 -9.23 33.40 -16.48
CA GLY A 234 -8.57 32.22 -17.05
C GLY A 234 -8.83 32.08 -18.54
N LEU A 235 -10.10 32.15 -18.94
CA LEU A 235 -10.45 32.07 -20.35
C LEU A 235 -9.87 33.24 -21.13
N LEU A 236 -9.81 34.42 -20.51
CA LEU A 236 -9.23 35.57 -21.19
C LEU A 236 -7.77 35.31 -21.56
N TRP A 237 -6.98 34.82 -20.61
CA TRP A 237 -5.57 34.60 -20.90
C TRP A 237 -5.37 33.44 -21.86
N PHE A 238 -6.18 32.38 -21.70
CA PHE A 238 -6.15 31.27 -22.66
C PHE A 238 -6.40 31.76 -24.09
N ARG A 239 -7.50 32.49 -24.30
CA ARG A 239 -7.83 32.98 -25.62
C ARG A 239 -6.81 33.98 -26.13
N TYR A 240 -6.17 34.75 -25.26
CA TYR A 240 -5.13 35.67 -25.74
C TYR A 240 -3.90 34.91 -26.22
N HIS A 241 -3.50 33.87 -25.50
CA HIS A 241 -2.40 33.03 -25.99
C HIS A 241 -2.74 32.47 -27.36
N ASN A 242 -3.93 31.86 -27.50
CA ASN A 242 -4.31 31.29 -28.79
C ASN A 242 -4.32 32.35 -29.88
N LEU A 243 -4.77 33.57 -29.55
CA LEU A 243 -4.86 34.63 -30.55
C LEU A 243 -3.47 35.05 -31.04
N CYS A 244 -2.57 35.38 -30.11
CA CYS A 244 -1.25 35.82 -30.53
C CYS A 244 -0.50 34.69 -31.25
N ALA A 245 -0.74 33.45 -30.84
CA ALA A 245 -0.07 32.32 -31.49
C ALA A 245 -0.58 32.11 -32.91
N ARG A 246 -1.89 32.21 -33.12
CA ARG A 246 -2.40 32.05 -34.48
C ARG A 246 -1.99 33.23 -35.36
N LYS A 247 -1.83 34.43 -34.77
CA LYS A 247 -1.29 35.53 -35.56
C LYS A 247 0.15 35.25 -35.96
N LEU A 248 0.96 34.77 -35.03
CA LEU A 248 2.33 34.35 -35.37
C LEU A 248 2.34 33.33 -36.49
N ALA A 249 1.41 32.35 -36.42
CA ALA A 249 1.30 31.36 -37.48
C ALA A 249 0.93 31.97 -38.82
N GLN A 250 0.03 32.95 -38.84
CA GLN A 250 -0.34 33.60 -40.09
C GLN A 250 0.67 34.64 -40.55
N GLU A 251 1.71 34.93 -39.77
CA GLU A 251 2.81 35.75 -40.27
C GLU A 251 4.13 35.01 -40.40
N HIS A 252 4.26 33.79 -39.89
CA HIS A 252 5.43 32.95 -40.08
C HIS A 252 4.95 31.53 -40.36
N PRO A 253 4.54 31.25 -41.60
CA PRO A 253 3.85 29.97 -41.86
C PRO A 253 4.73 28.74 -41.70
N HIS A 254 6.00 28.82 -42.12
CA HIS A 254 6.88 27.65 -42.11
C HIS A 254 7.32 27.23 -40.72
N TRP A 255 6.91 27.95 -39.67
CA TRP A 255 7.33 27.61 -38.32
C TRP A 255 6.62 26.34 -37.84
N GLY A 256 7.27 25.64 -36.90
CA GLY A 256 6.73 24.42 -36.34
C GLY A 256 5.70 24.68 -35.28
N ASP A 257 5.48 23.66 -34.44
CA ASP A 257 4.58 23.82 -33.30
C ASP A 257 5.32 24.42 -32.11
N GLU A 258 6.54 23.92 -31.84
CA GLU A 258 7.28 24.40 -30.68
C GLU A 258 7.70 25.85 -30.84
N GLU A 259 8.07 26.26 -32.06
CA GLU A 259 8.46 27.64 -32.28
C GLU A 259 7.31 28.60 -32.01
N LEU A 260 6.14 28.30 -32.60
CA LEU A 260 4.96 29.12 -32.34
C LEU A 260 4.63 29.15 -30.86
N PHE A 261 4.63 27.98 -30.21
CA PHE A 261 4.26 27.93 -28.80
C PHE A 261 5.22 28.75 -27.96
N GLN A 262 6.52 28.63 -28.18
CA GLN A 262 7.48 29.32 -27.33
C GLN A 262 7.47 30.82 -27.59
N HIS A 263 7.28 31.25 -28.83
CA HIS A 263 7.22 32.67 -29.10
C HIS A 263 5.97 33.30 -28.49
N ALA A 264 4.81 32.68 -28.72
CA ALA A 264 3.58 33.18 -28.11
C ALA A 264 3.66 33.12 -26.59
N ARG A 265 4.33 32.12 -26.04
CA ARG A 265 4.45 31.99 -24.60
C ARG A 265 5.29 33.11 -24.01
N LYS A 266 6.43 33.42 -24.64
CA LYS A 266 7.25 34.50 -24.11
C LYS A 266 6.54 35.84 -24.25
N ARG A 267 5.78 36.04 -25.33
CA ARG A 267 5.06 37.30 -25.49
C ARG A 267 3.95 37.42 -24.44
N VAL A 268 3.22 36.34 -24.20
CA VAL A 268 2.14 36.37 -23.21
C VAL A 268 2.72 36.59 -21.82
N ILE A 269 3.84 35.95 -21.50
CA ILE A 269 4.45 36.12 -20.20
C ILE A 269 4.91 37.55 -20.00
N ALA A 270 5.51 38.15 -21.03
CA ALA A 270 5.94 39.54 -20.93
C ALA A 270 4.76 40.47 -20.71
N THR A 271 3.69 40.29 -21.49
CA THR A 271 2.51 41.13 -21.33
C THR A 271 1.89 40.97 -19.95
N TYR A 272 1.84 39.73 -19.46
CA TYR A 272 1.32 39.46 -18.12
C TYR A 272 2.13 40.18 -17.06
N GLN A 273 3.45 40.07 -17.12
CA GLN A 273 4.29 40.72 -16.12
C GLN A 273 4.12 42.23 -16.16
N ASN A 274 4.15 42.81 -17.37
CA ASN A 274 3.92 44.25 -17.52
C ASN A 274 2.61 44.66 -16.87
N ILE A 275 1.51 44.04 -17.30
CA ILE A 275 0.20 44.41 -16.75
C ILE A 275 0.20 44.28 -15.24
N ALA A 276 0.47 43.06 -14.74
CA ALA A 276 0.45 42.84 -13.30
C ALA A 276 1.21 43.92 -12.55
N MET A 277 2.52 44.01 -12.78
CA MET A 277 3.32 44.96 -12.01
C MET A 277 2.85 46.39 -12.23
N TYR A 278 3.11 46.92 -13.44
CA TYR A 278 3.04 48.36 -13.66
C TYR A 278 1.61 48.84 -13.89
N GLU A 279 0.62 47.96 -13.71
CA GLU A 279 -0.76 48.38 -13.88
C GLU A 279 -1.56 48.09 -12.61
N TRP A 280 -1.41 46.89 -12.06
CA TRP A 280 -2.16 46.50 -10.88
C TRP A 280 -1.56 47.02 -9.58
N LEU A 281 -0.22 47.08 -9.43
CA LEU A 281 0.23 47.54 -8.12
C LEU A 281 -0.06 49.02 -7.87
N PRO A 282 0.18 49.93 -8.82
CA PRO A 282 -0.15 51.34 -8.55
C PRO A 282 -1.63 51.59 -8.27
N SER A 283 -2.47 50.57 -8.47
CA SER A 283 -3.88 50.66 -8.15
C SER A 283 -4.27 49.89 -6.90
N PHE A 284 -3.55 48.81 -6.56
CA PHE A 284 -3.84 48.07 -5.34
C PHE A 284 -3.57 48.92 -4.11
N LEU A 285 -2.43 49.60 -4.08
CA LEU A 285 -1.96 50.32 -2.90
C LEU A 285 -1.62 51.77 -3.17
N LYS A 286 -1.93 52.28 -4.36
CA LYS A 286 -1.91 53.72 -4.66
C LYS A 286 -0.52 54.33 -4.52
N GLN A 287 0.51 53.60 -4.95
CA GLN A 287 1.84 54.18 -5.13
C GLN A 287 2.63 53.25 -6.02
N THR A 288 3.42 53.84 -6.94
CA THR A 288 4.10 53.22 -8.07
C THR A 288 5.40 52.54 -7.62
N PRO A 289 5.75 51.42 -8.24
CA PRO A 289 7.07 50.85 -8.01
C PRO A 289 8.15 51.81 -8.46
N PRO A 290 9.31 51.82 -7.78
CA PRO A 290 10.27 52.90 -7.98
C PRO A 290 10.79 53.04 -9.40
N GLU A 291 11.47 52.01 -9.90
CA GLU A 291 12.12 52.01 -11.21
C GLU A 291 12.71 50.64 -11.43
N TYR A 292 13.31 50.42 -12.59
CA TYR A 292 14.04 49.17 -12.85
C TYR A 292 15.55 49.43 -12.85
N PRO A 293 16.27 49.02 -11.81
CA PRO A 293 17.73 48.96 -11.91
C PRO A 293 18.16 47.69 -12.61
N GLY A 294 19.47 47.50 -12.68
CA GLY A 294 19.99 46.28 -13.27
C GLY A 294 19.49 45.04 -12.53
N TYR A 295 19.42 43.93 -13.25
CA TYR A 295 19.07 42.64 -12.67
C TYR A 295 19.99 42.34 -11.49
N ARG A 296 19.42 42.22 -10.29
CA ARG A 296 20.21 41.99 -9.09
C ARG A 296 20.31 40.49 -8.81
N PRO A 297 21.46 39.87 -9.07
CA PRO A 297 21.57 38.41 -8.93
C PRO A 297 21.65 37.95 -7.49
N PHE A 298 21.46 38.86 -6.54
CA PHE A 298 21.64 38.55 -5.13
C PHE A 298 20.41 38.80 -4.27
N LEU A 299 19.35 39.39 -4.80
CA LEU A 299 18.13 39.57 -4.03
C LEU A 299 17.41 38.24 -3.86
N ASP A 300 16.75 38.08 -2.71
CA ASP A 300 16.09 36.82 -2.41
C ASP A 300 14.61 36.88 -2.79
N PRO A 301 14.20 36.26 -3.89
CA PRO A 301 12.79 36.26 -4.28
C PRO A 301 12.03 35.09 -3.69
N SER A 302 11.90 35.04 -2.37
CA SER A 302 11.22 33.94 -1.68
C SER A 302 9.95 34.46 -1.04
N ILE A 303 8.83 33.80 -1.31
CA ILE A 303 7.53 34.25 -0.82
C ILE A 303 7.44 34.03 0.68
N SER A 304 6.98 35.04 1.39
CA SER A 304 6.78 34.94 2.83
C SER A 304 5.32 34.66 3.14
N PRO A 305 5.02 34.18 4.36
CA PRO A 305 3.62 33.96 4.74
C PRO A 305 2.87 35.27 4.98
N GLU A 306 3.57 36.28 5.52
CA GLU A 306 2.93 37.58 5.68
C GLU A 306 2.45 38.14 4.36
N PHE A 307 3.12 37.80 3.26
CA PHE A 307 2.62 38.21 1.94
C PHE A 307 1.30 37.51 1.63
N VAL A 308 1.21 36.22 1.90
CA VAL A 308 -0.06 35.50 1.74
C VAL A 308 -1.15 36.23 2.49
N VAL A 309 -0.94 36.44 3.80
CA VAL A 309 -1.94 37.08 4.64
C VAL A 309 -2.35 38.42 4.04
N ALA A 310 -1.40 39.36 3.93
CA ALA A 310 -1.70 40.68 3.43
C ALA A 310 -2.47 40.61 2.10
N SER A 311 -1.83 40.06 1.07
CA SER A 311 -2.42 40.10 -0.26
C SER A 311 -3.80 39.46 -0.29
N GLU A 312 -3.90 38.16 -0.02
CA GLU A 312 -5.18 37.49 -0.25
C GLU A 312 -6.21 37.83 0.82
N GLN A 313 -5.84 37.75 2.09
CA GLN A 313 -6.81 38.02 3.13
C GLN A 313 -7.13 39.50 3.26
N PHE A 314 -6.50 40.35 2.44
CA PHE A 314 -7.04 41.71 2.32
C PHE A 314 -7.85 41.88 1.05
N LEU A 315 -7.49 41.17 -0.02
CA LEU A 315 -8.34 41.20 -1.21
C LEU A 315 -9.74 40.68 -0.89
N SER A 316 -9.85 39.79 0.09
CA SER A 316 -11.16 39.26 0.47
C SER A 316 -12.07 40.30 1.11
N THR A 317 -11.58 41.51 1.41
CA THR A 317 -12.40 42.49 2.12
C THR A 317 -13.28 43.31 1.20
N MET A 318 -13.11 43.21 -0.12
CA MET A 318 -13.81 44.07 -1.05
C MET A 318 -14.58 43.32 -2.13
N VAL A 319 -14.67 41.99 -2.04
CA VAL A 319 -15.47 41.23 -3.00
C VAL A 319 -16.95 41.56 -2.80
N PRO A 320 -17.70 41.84 -3.85
CA PRO A 320 -19.11 42.23 -3.67
C PRO A 320 -20.02 41.01 -3.51
N SER A 321 -21.32 41.30 -3.37
CA SER A 321 -22.30 40.24 -3.19
C SER A 321 -22.70 39.63 -4.53
N GLY A 322 -23.04 40.47 -5.49
CA GLY A 322 -23.40 40.00 -6.81
C GLY A 322 -22.65 40.74 -7.89
N VAL A 323 -22.29 40.03 -8.97
CA VAL A 323 -21.52 40.66 -10.04
C VAL A 323 -22.44 40.96 -11.22
N TYR A 324 -22.28 42.15 -11.80
CA TYR A 324 -23.09 42.59 -12.92
C TYR A 324 -22.75 41.82 -14.19
N MET A 325 -23.40 42.21 -15.28
CA MET A 325 -23.26 41.58 -16.58
C MET A 325 -23.81 42.53 -17.62
N ARG A 326 -23.00 42.86 -18.64
CA ARG A 326 -23.43 43.82 -19.65
C ARG A 326 -22.73 43.51 -20.95
N ASN A 327 -23.34 43.93 -22.05
CA ASN A 327 -22.75 43.75 -23.36
C ASN A 327 -22.19 45.08 -23.86
N ALA A 328 -21.78 45.12 -25.14
CA ALA A 328 -20.98 46.22 -25.65
C ALA A 328 -21.64 47.58 -25.37
N SER A 329 -22.96 47.66 -25.47
CA SER A 329 -23.68 48.91 -25.20
C SER A 329 -24.37 48.89 -23.84
N CYS A 330 -23.87 48.05 -22.92
CA CYS A 330 -24.18 48.10 -21.49
C CYS A 330 -25.70 48.18 -21.22
N HIS A 331 -26.36 47.09 -21.58
CA HIS A 331 -27.71 46.81 -21.10
C HIS A 331 -27.58 45.73 -20.03
N PHE A 332 -27.61 46.14 -18.77
CA PHE A 332 -27.15 45.30 -17.66
C PHE A 332 -28.18 44.21 -17.37
N GLN A 333 -28.32 43.29 -18.33
CA GLN A 333 -29.08 42.07 -18.08
C GLN A 333 -28.29 40.84 -18.47
N GLY A 334 -27.51 40.95 -19.55
CA GLY A 334 -26.72 39.82 -20.03
C GLY A 334 -26.02 40.09 -21.34
N SER A 343 -31.75 39.46 -9.95
CA SER A 343 -31.93 39.83 -11.35
C SER A 343 -30.84 39.20 -12.22
N GLY A 344 -30.29 40.00 -13.14
CA GLY A 344 -29.22 39.50 -13.99
C GLY A 344 -27.89 39.44 -13.27
N ALA A 345 -27.77 40.16 -12.17
CA ALA A 345 -26.53 40.17 -11.37
C ALA A 345 -26.42 38.86 -10.62
N LEU A 346 -25.66 37.92 -11.19
CA LEU A 346 -25.58 36.56 -10.66
C LEU A 346 -24.91 36.58 -9.27
N ARG A 347 -25.62 36.04 -8.28
CA ARG A 347 -25.15 36.01 -6.91
C ARG A 347 -23.86 35.21 -6.80
N VAL A 348 -23.04 35.55 -5.80
CA VAL A 348 -21.73 34.93 -5.67
C VAL A 348 -21.82 33.61 -4.89
N CYS A 349 -22.47 33.65 -3.72
CA CYS A 349 -22.52 32.49 -2.83
C CYS A 349 -23.16 31.27 -3.47
N ASN A 350 -23.81 31.41 -4.62
CA ASN A 350 -24.42 30.30 -5.33
C ASN A 350 -23.60 29.87 -6.54
N SER A 351 -22.43 30.48 -6.76
CA SER A 351 -21.63 30.22 -7.95
C SER A 351 -20.29 29.54 -7.65
N TYR A 352 -19.99 29.25 -6.39
CA TYR A 352 -18.73 28.59 -6.06
C TYR A 352 -18.67 27.22 -6.71
N TRP A 353 -17.63 26.99 -7.50
CA TRP A 353 -17.36 25.73 -8.17
C TRP A 353 -18.45 25.34 -9.17
N SER A 354 -19.12 26.32 -9.76
CA SER A 354 -20.21 26.03 -10.70
C SER A 354 -19.67 25.25 -11.89
N ARG A 355 -20.30 24.10 -12.18
CA ARG A 355 -19.81 23.23 -13.24
C ARG A 355 -20.20 23.78 -14.61
N GLU A 356 -21.50 23.87 -14.88
CA GLU A 356 -22.01 24.44 -16.11
C GLU A 356 -23.01 25.52 -15.75
N HIS A 357 -22.70 26.75 -16.09
CA HIS A 357 -23.61 27.80 -15.69
C HIS A 357 -24.56 28.12 -16.84
N PRO A 358 -25.86 28.12 -16.61
CA PRO A 358 -26.81 28.30 -17.73
C PRO A 358 -26.66 29.62 -18.46
N LYS A 359 -25.92 30.57 -17.92
CA LYS A 359 -25.67 31.84 -18.59
C LYS A 359 -24.32 31.91 -19.28
N LEU A 360 -23.27 31.38 -18.64
CA LEU A 360 -21.91 31.47 -19.16
C LEU A 360 -21.56 30.24 -20.00
N GLN A 361 -22.40 29.97 -21.00
CA GLN A 361 -22.24 28.81 -21.86
C GLN A 361 -21.75 29.16 -23.25
N ARG A 362 -21.40 30.42 -23.50
CA ARG A 362 -20.92 30.84 -24.81
C ARG A 362 -20.00 32.03 -24.64
N ALA A 363 -19.08 32.19 -25.62
CA ALA A 363 -18.04 33.20 -25.51
C ALA A 363 -18.61 34.60 -25.34
N GLU A 364 -19.75 34.88 -25.97
CA GLU A 364 -20.36 36.19 -25.84
C GLU A 364 -20.77 36.46 -24.40
N ASP A 365 -21.16 35.43 -23.67
CA ASP A 365 -21.57 35.61 -22.28
C ASP A 365 -20.35 35.86 -21.39
N VAL A 366 -19.23 35.22 -21.69
CA VAL A 366 -18.01 35.47 -20.92
C VAL A 366 -17.50 36.89 -21.20
N ASP A 367 -17.56 37.33 -22.46
CA ASP A 367 -17.22 38.71 -22.76
C ASP A 367 -18.14 39.68 -22.05
N ALA A 368 -19.43 39.33 -21.93
CA ALA A 368 -20.37 40.18 -21.21
C ALA A 368 -20.02 40.22 -19.73
N LEU A 369 -19.63 39.09 -19.15
CA LEU A 369 -19.22 39.06 -17.75
C LEU A 369 -18.00 39.93 -17.52
N LEU A 370 -17.03 39.88 -18.43
CA LEU A 370 -15.84 40.72 -18.29
C LEU A 370 -16.19 42.20 -18.41
N LEU A 371 -17.02 42.55 -19.39
CA LEU A 371 -17.41 43.94 -19.57
C LEU A 371 -18.31 44.43 -18.44
N GLY A 372 -18.90 43.50 -17.68
CA GLY A 372 -19.68 43.91 -16.53
C GLY A 372 -18.82 44.08 -15.29
N MET A 373 -17.85 43.20 -15.10
CA MET A 373 -16.89 43.35 -14.02
C MET A 373 -16.08 44.63 -14.18
N ALA A 374 -15.71 44.96 -15.41
CA ALA A 374 -14.89 46.13 -15.69
C ALA A 374 -15.65 47.44 -15.52
N SER A 375 -16.89 47.37 -15.01
CA SER A 375 -17.70 48.56 -14.79
C SER A 375 -18.38 48.60 -13.43
N GLN A 376 -18.17 47.62 -12.55
CA GLN A 376 -18.85 47.54 -11.27
C GLN A 376 -17.86 47.89 -10.16
N ILE A 377 -18.19 48.94 -9.41
CA ILE A 377 -17.34 49.43 -8.33
C ILE A 377 -17.38 48.46 -7.16
N ALA A 378 -16.28 47.76 -6.91
CA ALA A 378 -16.22 46.76 -5.86
C ALA A 378 -16.44 47.39 -4.49
N GLU A 379 -16.55 46.52 -3.47
CA GLU A 379 -16.86 46.98 -2.12
C GLU A 379 -15.75 47.85 -1.56
N ARG A 380 -16.01 48.43 -0.40
CA ARG A 380 -15.03 49.32 0.21
C ARG A 380 -14.06 48.55 1.09
N GLU A 381 -12.92 49.19 1.38
CA GLU A 381 -11.78 48.54 2.02
C GLU A 381 -11.81 48.84 3.51
N ASP A 382 -12.37 47.92 4.29
CA ASP A 382 -12.37 48.02 5.73
C ASP A 382 -12.57 46.64 6.35
N HIS A 383 -12.88 46.58 7.64
CA HIS A 383 -13.02 45.30 8.31
C HIS A 383 -14.26 44.55 7.84
N VAL A 384 -15.31 45.27 7.43
CA VAL A 384 -16.56 44.63 7.07
C VAL A 384 -16.37 43.74 5.85
N VAL A 385 -16.77 42.48 5.99
CA VAL A 385 -16.71 41.50 4.90
C VAL A 385 -18.13 41.00 4.64
N VAL A 386 -18.45 40.77 3.37
CA VAL A 386 -19.80 40.37 3.01
C VAL A 386 -20.09 38.97 3.52
N GLU A 387 -21.38 38.62 3.54
CA GLU A 387 -21.84 37.34 4.04
C GLU A 387 -21.61 36.20 3.06
N ASP A 388 -21.29 36.47 1.80
CA ASP A 388 -21.06 35.43 0.81
C ASP A 388 -19.72 34.73 0.99
N MET A 389 -18.88 35.19 1.92
CA MET A 389 -17.62 34.54 2.23
C MET A 389 -17.57 34.20 3.71
N GLN A 390 -18.08 35.11 4.54
CA GLN A 390 -18.07 34.89 5.97
C GLN A 390 -18.97 33.73 6.36
N ASP A 391 -20.15 33.65 5.77
CA ASP A 391 -21.09 32.60 6.14
C ASP A 391 -21.11 31.44 5.15
N PHE A 392 -20.95 31.72 3.86
CA PHE A 392 -21.24 30.74 2.81
C PHE A 392 -20.03 30.38 1.95
N TRP A 393 -18.84 30.37 2.53
CA TRP A 393 -17.68 29.90 1.79
C TRP A 393 -17.72 28.37 1.70
N PRO A 394 -17.46 27.79 0.53
CA PRO A 394 -17.55 26.33 0.38
C PRO A 394 -16.69 25.60 1.39
N GLY A 395 -17.27 24.59 2.03
CA GLY A 395 -16.60 23.85 3.06
C GLY A 395 -15.61 22.86 2.51
N PRO A 396 -14.41 22.80 3.10
CA PRO A 396 -13.38 21.91 2.56
C PRO A 396 -13.72 20.44 2.74
N LEU A 397 -14.33 20.06 3.88
CA LEU A 397 -14.66 18.66 4.12
C LEU A 397 -15.86 18.55 5.05
N LYS A 398 -16.83 17.72 4.65
CA LYS A 398 -17.83 17.14 5.55
C LYS A 398 -18.92 18.12 5.96
N PHE A 399 -18.82 19.37 5.50
CA PHE A 399 -19.77 20.33 6.06
C PHE A 399 -20.46 21.20 5.01
N SER A 400 -19.88 21.28 3.81
CA SER A 400 -20.47 21.95 2.66
C SER A 400 -20.51 23.47 2.77
N ARG A 401 -20.20 24.01 3.95
CA ARG A 401 -20.12 25.45 4.15
C ARG A 401 -19.07 25.71 5.22
N THR A 402 -18.55 26.92 5.27
CA THR A 402 -17.45 27.24 6.17
C THR A 402 -17.28 28.74 6.23
N ASP A 403 -17.00 29.25 7.43
CA ASP A 403 -16.60 30.63 7.58
C ASP A 403 -15.23 30.85 6.92
N TYR A 404 -15.13 31.89 6.10
CA TYR A 404 -13.83 32.19 5.50
C TYR A 404 -12.91 32.82 6.53
N LEU A 405 -13.30 33.97 7.09
CA LEU A 405 -12.44 34.70 8.01
C LEU A 405 -12.14 33.92 9.29
N ALA A 406 -12.87 32.84 9.55
CA ALA A 406 -12.57 31.96 10.66
C ALA A 406 -11.70 30.79 10.25
N SER A 407 -11.45 30.66 8.95
CA SER A 407 -10.44 29.75 8.44
C SER A 407 -9.14 30.45 8.09
N CYS A 408 -9.20 31.73 7.72
CA CYS A 408 -8.00 32.49 7.47
C CYS A 408 -7.24 32.75 8.76
N LEU A 409 -7.95 32.93 9.87
CA LEU A 409 -7.28 33.05 11.16
C LEU A 409 -6.68 31.72 11.60
N GLN A 410 -7.39 30.62 11.35
CA GLN A 410 -6.84 29.31 11.66
C GLN A 410 -5.62 29.00 10.81
N ARG A 411 -5.55 29.54 9.60
CA ARG A 411 -4.35 29.36 8.79
C ARG A 411 -3.24 30.30 9.23
N GLY A 412 -3.57 31.53 9.65
CA GLY A 412 -2.55 32.43 10.15
C GLY A 412 -1.91 31.91 11.42
N ARG A 413 -2.68 31.23 12.27
CA ARG A 413 -2.12 30.59 13.44
C ARG A 413 -1.59 29.19 13.15
N ASP A 414 -1.99 28.59 12.03
CA ASP A 414 -1.42 27.34 11.57
C ASP A 414 0.03 27.55 11.14
N LEU A 415 0.22 28.39 10.12
CA LEU A 415 1.54 28.93 9.82
C LEU A 415 2.02 29.73 11.02
N GLY A 416 3.33 29.92 11.12
CA GLY A 416 3.85 30.67 12.25
C GLY A 416 3.83 32.17 12.05
N LEU A 417 2.64 32.73 11.82
CA LEU A 417 2.54 34.16 11.58
C LEU A 417 2.72 34.93 12.89
N PRO A 418 3.39 36.08 12.83
CA PRO A 418 3.57 36.88 14.04
C PRO A 418 2.27 37.55 14.50
N SER A 419 2.36 38.34 15.55
CA SER A 419 1.26 39.18 15.98
C SER A 419 1.29 40.47 15.14
N TYR A 420 0.51 41.47 15.54
CA TYR A 420 0.48 42.71 14.78
C TYR A 420 1.44 43.75 15.33
N THR A 421 1.79 43.67 16.62
CA THR A 421 2.81 44.55 17.18
C THR A 421 4.21 44.01 17.04
N LYS A 422 4.36 42.69 16.93
CA LYS A 422 5.67 42.10 16.67
C LYS A 422 6.06 42.23 15.20
N ALA A 423 5.09 42.18 14.30
CA ALA A 423 5.34 42.29 12.87
C ALA A 423 5.17 43.72 12.36
N ARG A 424 5.12 44.69 13.26
CA ARG A 424 5.10 46.10 12.89
C ARG A 424 6.38 46.81 13.30
N GLU A 425 7.23 46.15 14.10
CA GLU A 425 8.51 46.70 14.49
C GLU A 425 9.67 46.05 13.76
N ALA A 426 9.44 44.94 13.07
CA ALA A 426 10.45 44.30 12.23
C ALA A 426 10.46 44.84 10.81
N LEU A 427 9.66 45.87 10.54
CA LEU A 427 9.64 46.52 9.22
C LEU A 427 10.00 47.98 9.30
N GLY A 428 10.44 48.47 10.46
CA GLY A 428 10.79 49.86 10.63
C GLY A 428 9.64 50.80 10.90
N LEU A 429 8.44 50.27 11.14
CA LEU A 429 7.28 51.11 11.39
C LEU A 429 7.20 51.48 12.87
N SER A 430 6.57 52.62 13.13
CA SER A 430 6.46 53.16 14.47
C SER A 430 5.59 52.26 15.35
N PRO A 431 5.73 52.37 16.68
CA PRO A 431 4.88 51.57 17.56
C PRO A 431 3.56 52.27 17.90
N ILE A 432 2.59 51.47 18.29
CA ILE A 432 1.25 51.95 18.61
C ILE A 432 1.07 51.93 20.12
N SER A 433 0.33 52.90 20.65
CA SER A 433 0.18 53.02 22.10
C SER A 433 -0.92 52.08 22.62
N HIS A 434 -2.15 52.28 22.16
CA HIS A 434 -3.27 51.49 22.65
C HIS A 434 -4.25 51.26 21.51
N TRP A 435 -5.42 50.72 21.85
CA TRP A 435 -6.37 50.26 20.84
C TRP A 435 -6.95 51.42 20.04
N GLN A 436 -7.18 52.57 20.68
CA GLN A 436 -7.73 53.71 19.95
C GLN A 436 -6.74 54.26 18.94
N ASP A 437 -5.46 53.93 19.08
CA ASP A 437 -4.41 54.44 18.20
C ASP A 437 -4.08 53.48 17.07
N ILE A 438 -4.77 52.33 16.98
CA ILE A 438 -4.61 51.46 15.82
C ILE A 438 -5.08 52.17 14.56
N ASN A 439 -6.33 52.61 14.55
CA ASN A 439 -6.87 53.42 13.46
C ASN A 439 -7.44 54.70 14.05
N PRO A 440 -6.70 55.82 13.99
CA PRO A 440 -7.21 57.04 14.63
C PRO A 440 -8.42 57.63 13.94
N ALA A 441 -8.60 57.37 12.64
CA ALA A 441 -9.75 57.93 11.94
C ALA A 441 -10.99 57.08 12.16
N LEU A 442 -10.83 55.78 12.39
CA LEU A 442 -11.97 54.92 12.66
C LEU A 442 -12.63 55.28 13.98
N SER A 443 -11.83 55.49 15.03
CA SER A 443 -12.37 55.82 16.34
C SER A 443 -12.99 57.21 16.40
N ARG A 444 -12.80 58.04 15.36
CA ARG A 444 -13.43 59.34 15.36
C ARG A 444 -14.91 59.25 15.01
N SER A 445 -15.36 58.12 14.47
CA SER A 445 -16.75 57.93 14.09
C SER A 445 -17.12 56.46 14.27
N ASN A 446 -17.92 56.17 15.30
CA ASN A 446 -18.37 54.82 15.61
C ASN A 446 -17.19 53.87 15.78
N GLY A 447 -16.38 54.16 16.80
CA GLY A 447 -15.24 53.33 17.12
C GLY A 447 -15.60 52.19 18.05
N THR A 448 -16.88 51.80 18.08
CA THR A 448 -17.35 50.74 18.95
C THR A 448 -17.01 49.35 18.41
N VAL A 449 -16.18 49.27 17.38
CA VAL A 449 -15.62 48.00 16.95
C VAL A 449 -14.25 47.75 17.56
N LEU A 450 -13.45 48.80 17.78
CA LEU A 450 -12.20 48.63 18.50
C LEU A 450 -12.45 48.23 19.95
N GLU A 451 -13.53 48.74 20.55
CA GLU A 451 -13.91 48.27 21.88
C GLU A 451 -14.32 46.81 21.86
N ALA A 452 -15.08 46.41 20.83
CA ALA A 452 -15.57 45.03 20.76
C ALA A 452 -14.43 44.06 20.53
N THR A 453 -13.37 44.49 19.84
CA THR A 453 -12.21 43.62 19.65
C THR A 453 -11.19 43.71 20.78
N ALA A 454 -11.20 44.81 21.54
CA ALA A 454 -10.38 44.86 22.75
C ALA A 454 -10.95 43.96 23.84
N ALA A 455 -12.28 43.96 23.98
CA ALA A 455 -12.91 43.06 24.93
C ALA A 455 -12.59 41.60 24.62
N LEU A 456 -12.49 41.26 23.34
CA LEU A 456 -12.14 39.89 22.96
C LEU A 456 -10.71 39.54 23.37
N TYR A 457 -9.78 40.48 23.23
CA TYR A 457 -8.39 40.25 23.57
C TYR A 457 -8.06 40.67 25.00
N ASN A 458 -9.07 40.86 25.84
CA ASN A 458 -8.89 41.25 27.24
C ASN A 458 -8.08 42.53 27.36
N GLN A 459 -8.25 43.43 26.39
CA GLN A 459 -7.56 44.73 26.36
C GLN A 459 -6.04 44.54 26.36
N ASP A 460 -5.57 43.49 25.68
CA ASP A 460 -4.15 43.22 25.53
C ASP A 460 -3.78 43.53 24.08
N LEU A 461 -3.08 44.64 23.86
CA LEU A 461 -2.79 45.12 22.53
C LEU A 461 -1.81 44.24 21.75
N SER A 462 -0.79 43.68 22.41
CA SER A 462 0.21 42.89 21.70
C SER A 462 -0.24 41.46 21.44
N ARG A 463 -1.43 41.27 20.88
CA ARG A 463 -1.89 39.93 20.53
C ARG A 463 -2.57 39.84 19.18
N LEU A 464 -2.83 40.96 18.49
CA LEU A 464 -3.60 40.93 17.26
C LEU A 464 -3.00 39.96 16.24
N GLU A 465 -3.83 39.02 15.78
CA GLU A 465 -3.38 37.94 14.91
C GLU A 465 -2.95 38.42 13.54
N LEU A 466 -2.90 39.73 13.31
CA LEU A 466 -2.36 40.39 12.12
C LEU A 466 -3.31 40.33 10.93
N LEU A 467 -4.35 39.52 10.99
CA LEU A 467 -5.46 39.73 10.06
C LEU A 467 -6.45 40.74 10.61
N PRO A 468 -6.96 40.63 11.85
CA PRO A 468 -7.82 41.70 12.36
C PRO A 468 -7.04 42.98 12.64
N GLY A 469 -5.72 42.88 12.83
CA GLY A 469 -4.93 44.06 13.03
C GLY A 469 -4.68 44.82 11.74
N GLY A 470 -4.50 44.09 10.64
CA GLY A 470 -4.34 44.74 9.35
C GLY A 470 -5.64 45.25 8.79
N LEU A 471 -6.73 44.51 8.98
CA LEU A 471 -8.02 44.96 8.45
C LEU A 471 -8.59 46.13 9.24
N LEU A 472 -8.11 46.34 10.46
CA LEU A 472 -8.64 47.43 11.27
C LEU A 472 -7.93 48.75 10.99
N GLU A 473 -6.77 48.70 10.32
CA GLU A 473 -6.00 49.90 10.03
C GLU A 473 -6.24 50.42 8.62
N SER A 474 -6.91 49.66 7.76
CA SER A 474 -7.10 50.01 6.37
C SER A 474 -8.34 50.88 6.26
N HIS A 475 -8.14 52.15 5.90
CA HIS A 475 -9.25 53.09 5.77
C HIS A 475 -9.83 53.06 4.37
N GLY A 476 -9.03 53.41 3.37
CA GLY A 476 -9.47 53.35 1.99
C GLY A 476 -8.50 52.59 1.11
N ASP A 477 -7.28 52.43 1.60
CA ASP A 477 -6.24 51.67 0.93
C ASP A 477 -5.78 50.58 1.89
N PRO A 478 -4.90 49.66 1.47
CA PRO A 478 -4.31 48.74 2.46
C PRO A 478 -3.56 49.48 3.54
N GLY A 479 -3.46 48.90 4.73
CA GLY A 479 -2.83 49.55 5.85
C GLY A 479 -1.35 49.78 5.61
N PRO A 480 -0.75 50.69 6.38
CA PRO A 480 0.69 50.95 6.25
C PRO A 480 1.54 49.68 6.42
N LEU A 481 0.96 48.66 7.05
CA LEU A 481 1.68 47.42 7.26
C LEU A 481 1.60 46.51 6.04
N PHE A 482 0.40 46.36 5.48
CA PHE A 482 0.24 45.48 4.32
C PHE A 482 0.89 46.07 3.08
N SER A 483 0.87 47.40 2.96
CA SER A 483 1.40 48.05 1.78
C SER A 483 2.89 47.81 1.63
N THR A 484 3.65 47.94 2.72
CA THR A 484 5.09 47.73 2.63
C THR A 484 5.44 46.29 2.32
N ILE A 485 4.73 45.34 2.93
CA ILE A 485 4.96 43.92 2.64
C ILE A 485 4.73 43.64 1.17
N VAL A 486 3.57 44.04 0.64
CA VAL A 486 3.28 43.74 -0.76
C VAL A 486 4.27 44.43 -1.68
N LEU A 487 4.58 45.70 -1.40
CA LEU A 487 5.47 46.45 -2.27
C LEU A 487 6.87 45.86 -2.32
N ASP A 488 7.48 45.61 -1.14
CA ASP A 488 8.85 45.12 -1.17
C ASP A 488 8.91 43.68 -1.66
N GLN A 489 7.86 42.89 -1.42
CA GLN A 489 7.84 41.54 -1.96
C GLN A 489 7.80 41.56 -3.49
N PHE A 490 7.00 42.45 -4.07
CA PHE A 490 6.94 42.52 -5.53
C PHE A 490 8.23 43.09 -6.11
N VAL A 491 8.85 44.04 -5.41
CA VAL A 491 10.12 44.58 -5.89
C VAL A 491 11.20 43.50 -5.84
N ARG A 492 11.16 42.64 -4.83
CA ARG A 492 12.10 41.52 -4.78
C ARG A 492 11.79 40.50 -5.86
N LEU A 493 10.52 40.36 -6.23
CA LEU A 493 10.16 39.43 -7.30
C LEU A 493 10.66 39.92 -8.64
N ARG A 494 10.62 41.23 -8.88
CA ARG A 494 11.03 41.74 -10.19
C ARG A 494 12.55 41.89 -10.27
N ASP A 495 13.18 42.38 -9.21
CA ASP A 495 14.62 42.64 -9.23
C ASP A 495 15.47 41.40 -8.98
N GLY A 496 14.86 40.23 -8.78
CA GLY A 496 15.61 39.01 -8.61
C GLY A 496 15.26 37.97 -9.65
N ASP A 497 14.66 38.41 -10.75
CA ASP A 497 14.19 37.54 -11.81
C ASP A 497 15.02 37.75 -13.06
N ARG A 498 15.56 36.66 -13.61
CA ARG A 498 16.43 36.76 -14.77
C ARG A 498 15.63 36.93 -16.06
N TYR A 499 14.51 36.23 -16.17
CA TYR A 499 13.66 36.29 -17.37
C TYR A 499 12.66 37.43 -17.30
N TRP A 500 12.94 38.46 -16.52
CA TRP A 500 12.08 39.63 -16.50
C TRP A 500 12.17 40.36 -17.84
N PHE A 501 11.00 40.69 -18.41
CA PHE A 501 10.95 41.20 -19.77
C PHE A 501 11.76 42.49 -19.96
N GLU A 502 12.08 43.20 -18.88
CA GLU A 502 12.89 44.40 -18.96
C GLU A 502 14.38 44.12 -18.80
N ASN A 503 14.78 42.86 -18.70
CA ASN A 503 16.18 42.48 -18.61
C ASN A 503 16.77 42.43 -20.01
N THR A 504 17.76 43.28 -20.27
CA THR A 504 18.41 43.32 -21.58
C THR A 504 19.51 42.27 -21.72
N ARG A 505 19.82 41.52 -20.67
CA ARG A 505 20.88 40.53 -20.75
C ARG A 505 20.36 39.18 -21.22
N ASN A 506 19.13 38.82 -20.83
CA ASN A 506 18.61 37.51 -21.17
C ASN A 506 18.39 37.32 -22.66
N GLY A 507 18.35 38.40 -23.44
CA GLY A 507 18.19 38.29 -24.87
C GLY A 507 16.84 37.81 -25.33
N LEU A 508 15.78 38.11 -24.57
CA LEU A 508 14.44 37.71 -24.98
C LEU A 508 13.85 38.71 -25.97
N PHE A 509 13.77 39.98 -25.57
CA PHE A 509 13.19 41.02 -26.40
C PHE A 509 14.23 42.09 -26.68
N SER A 510 14.08 42.76 -27.82
CA SER A 510 14.92 43.88 -28.20
C SER A 510 14.45 45.14 -27.48
N LYS A 511 15.01 46.29 -27.88
CA LYS A 511 14.63 47.54 -27.25
C LYS A 511 13.23 47.97 -27.66
N GLU A 512 12.89 47.81 -28.94
CA GLU A 512 11.55 48.18 -29.40
C GLU A 512 10.51 47.17 -28.96
N GLU A 513 10.91 45.91 -28.77
CA GLU A 513 9.96 44.91 -28.29
C GLU A 513 9.69 45.09 -26.80
N ILE A 514 10.61 45.75 -26.09
CA ILE A 514 10.33 46.10 -24.69
C ILE A 514 9.52 47.39 -24.62
N ALA A 515 9.84 48.37 -25.47
CA ALA A 515 9.08 49.60 -25.50
C ALA A 515 7.68 49.38 -26.03
N GLU A 516 7.43 48.25 -26.68
CA GLU A 516 6.09 47.96 -27.17
C GLU A 516 5.29 47.14 -26.16
N ILE A 517 5.97 46.27 -25.42
CA ILE A 517 5.29 45.52 -24.37
C ILE A 517 4.94 46.43 -23.20
N ARG A 518 5.81 47.41 -22.90
CA ARG A 518 5.59 48.32 -21.80
C ARG A 518 4.55 49.40 -22.13
N ASN A 519 3.80 49.24 -23.22
CA ASN A 519 2.70 50.13 -23.54
C ASN A 519 1.46 49.28 -23.82
N THR A 520 1.16 48.35 -22.93
CA THR A 520 0.01 47.47 -23.07
C THR A 520 -0.79 47.47 -21.77
N SER A 521 -2.04 47.91 -21.85
CA SER A 521 -2.95 47.91 -20.72
C SER A 521 -3.93 46.75 -20.85
N LEU A 522 -4.75 46.57 -19.82
CA LEU A 522 -5.72 45.49 -19.84
C LEU A 522 -6.87 45.79 -20.79
N ARG A 523 -7.05 47.05 -21.18
CA ARG A 523 -8.06 47.36 -22.19
C ARG A 523 -7.66 46.81 -23.55
N ASP A 524 -6.37 46.86 -23.87
CA ASP A 524 -5.90 46.37 -25.16
C ASP A 524 -6.14 44.87 -25.29
N ILE A 525 -5.92 44.12 -24.21
CA ILE A 525 -6.11 42.67 -24.26
C ILE A 525 -7.60 42.34 -24.35
N LEU A 526 -8.43 43.04 -23.59
CA LEU A 526 -9.87 42.82 -23.68
C LEU A 526 -10.39 43.13 -25.07
N VAL A 527 -9.87 44.21 -25.69
CA VAL A 527 -10.30 44.57 -27.03
C VAL A 527 -9.84 43.55 -28.05
N ALA A 528 -8.62 43.03 -27.87
CA ALA A 528 -8.09 42.05 -28.81
C ALA A 528 -8.83 40.72 -28.72
N VAL A 529 -9.17 40.30 -27.50
CA VAL A 529 -9.79 39.00 -27.32
C VAL A 529 -11.29 39.06 -27.63
N THR A 530 -12.01 39.97 -26.98
CA THR A 530 -13.45 40.05 -27.14
C THR A 530 -13.90 40.76 -28.41
N ASN A 531 -12.96 41.26 -29.20
CA ASN A 531 -13.26 41.96 -30.46
C ASN A 531 -14.28 43.08 -30.23
N VAL A 532 -14.00 43.91 -29.23
CA VAL A 532 -14.88 45.01 -28.85
C VAL A 532 -14.21 46.32 -29.21
N ASP A 533 -15.02 47.29 -29.64
CA ASP A 533 -14.51 48.60 -29.98
C ASP A 533 -13.85 49.25 -28.77
N PRO A 534 -12.69 49.89 -28.96
CA PRO A 534 -11.95 50.48 -27.84
C PRO A 534 -12.64 51.66 -27.17
N SER A 535 -13.80 52.10 -27.66
CA SER A 535 -14.54 53.18 -27.05
C SER A 535 -15.69 52.69 -26.19
N ALA A 536 -15.84 51.38 -26.03
CA ALA A 536 -16.81 50.79 -25.13
C ALA A 536 -16.20 50.43 -23.78
N LEU A 537 -14.95 50.84 -23.55
CA LEU A 537 -14.27 50.58 -22.30
C LEU A 537 -13.55 51.86 -21.87
N GLN A 538 -12.83 51.76 -20.77
CA GLN A 538 -12.14 52.85 -20.10
C GLN A 538 -10.64 52.65 -20.17
N PRO A 539 -9.86 53.74 -20.22
CA PRO A 539 -8.40 53.58 -20.36
C PRO A 539 -7.77 52.78 -19.23
N ASN A 540 -8.14 53.06 -17.98
CA ASN A 540 -7.67 52.30 -16.83
C ASN A 540 -8.83 51.43 -16.34
N VAL A 541 -8.77 50.14 -16.65
CA VAL A 541 -9.84 49.20 -16.29
C VAL A 541 -9.95 49.00 -14.79
N PHE A 542 -8.91 49.33 -14.02
CA PHE A 542 -8.90 49.14 -12.58
C PHE A 542 -9.47 50.35 -11.84
N PHE A 543 -10.17 51.25 -12.54
CA PHE A 543 -10.72 52.45 -11.92
C PHE A 543 -11.91 52.93 -12.74
N TRP A 544 -12.90 53.49 -12.05
CA TRP A 544 -14.07 54.10 -12.68
C TRP A 544 -14.18 55.53 -12.16
N LEU A 545 -13.91 56.51 -13.03
CA LEU A 545 -13.63 57.87 -12.60
C LEU A 545 -14.59 58.91 -13.18
N ALA A 546 -15.89 58.62 -13.15
CA ALA A 546 -16.95 59.60 -13.40
C ALA A 546 -16.98 60.12 -14.83
N GLY A 547 -16.09 59.66 -15.69
CA GLY A 547 -16.11 60.07 -17.08
C GLY A 547 -16.12 58.88 -18.01
N ASP A 548 -15.80 57.72 -17.46
CA ASP A 548 -15.70 56.51 -18.25
C ASP A 548 -17.07 56.07 -18.74
N PRO A 549 -17.15 55.34 -19.86
CA PRO A 549 -18.46 55.07 -20.48
C PRO A 549 -19.23 54.01 -19.73
N CYS A 550 -20.54 53.95 -20.00
CA CYS A 550 -21.44 52.92 -19.50
C CYS A 550 -21.46 52.86 -17.98
N PRO A 551 -22.09 53.85 -17.33
CA PRO A 551 -22.07 53.91 -15.87
C PRO A 551 -22.78 52.72 -15.22
N GLN A 552 -22.64 52.65 -13.90
CA GLN A 552 -23.28 51.61 -13.12
C GLN A 552 -24.74 51.97 -12.87
N PRO A 553 -25.65 50.99 -12.91
CA PRO A 553 -27.07 51.29 -12.65
C PRO A 553 -27.31 51.76 -11.22
N SER A 554 -26.84 50.98 -10.25
CA SER A 554 -26.95 51.34 -8.84
C SER A 554 -26.04 50.41 -8.05
N GLN A 555 -25.51 50.93 -6.94
CA GLN A 555 -24.63 50.15 -6.08
C GLN A 555 -25.34 48.89 -5.62
N LEU A 556 -24.65 47.76 -5.69
CA LEU A 556 -25.29 46.46 -5.50
C LEU A 556 -25.33 46.05 -4.03
N SER A 557 -26.42 46.37 -3.34
CA SER A 557 -26.66 45.81 -2.02
C SER A 557 -27.19 44.39 -2.15
N ALA A 558 -27.21 43.66 -1.03
CA ALA A 558 -27.71 42.29 -1.01
C ALA A 558 -29.22 42.30 -0.80
N LYS A 559 -29.90 43.03 -1.67
CA LYS A 559 -31.35 43.16 -1.64
C LYS A 559 -31.89 42.96 -3.04
N GLY A 560 -32.76 41.96 -3.19
CA GLY A 560 -33.27 41.59 -4.50
C GLY A 560 -32.48 40.52 -5.20
N LEU A 561 -31.54 39.86 -4.51
CA LEU A 561 -30.73 38.79 -5.04
C LEU A 561 -31.22 37.45 -4.52
N PRO A 562 -31.08 36.38 -5.31
CA PRO A 562 -31.44 35.05 -4.80
C PRO A 562 -30.62 34.71 -3.56
N ALA A 563 -31.29 34.10 -2.58
CA ALA A 563 -30.64 33.77 -1.32
C ALA A 563 -29.59 32.68 -1.53
N CYS A 564 -28.75 32.50 -0.53
CA CYS A 564 -27.68 31.52 -0.59
C CYS A 564 -28.22 30.14 -0.24
N ALA A 565 -27.76 29.13 -0.97
CA ALA A 565 -28.25 27.78 -0.74
C ALA A 565 -27.88 27.31 0.66
N PRO A 566 -28.85 26.83 1.43
CA PRO A 566 -28.61 26.53 2.84
C PRO A 566 -27.60 25.40 3.04
N LEU A 567 -27.30 25.15 4.32
CA LEU A 567 -26.25 24.21 4.69
C LEU A 567 -26.79 22.79 4.72
N PHE A 568 -25.90 21.82 4.49
CA PHE A 568 -26.22 20.41 4.68
C PHE A 568 -24.93 19.67 5.01
N ILE A 569 -25.00 18.78 6.00
CA ILE A 569 -23.83 17.97 6.34
C ILE A 569 -23.74 16.79 5.40
N ARG A 570 -22.51 16.43 5.00
CA ARG A 570 -22.30 15.34 4.07
C ARG A 570 -22.08 14.03 4.82
N ASP A 571 -22.79 12.99 4.40
CA ASP A 571 -22.81 11.70 5.08
C ASP A 571 -22.17 10.65 4.19
N TYR A 572 -20.90 10.35 4.42
CA TYR A 572 -20.33 9.13 3.89
C TYR A 572 -20.96 7.95 4.61
N PHE A 573 -21.03 6.81 3.93
CA PHE A 573 -21.63 5.61 4.51
C PHE A 573 -23.06 5.87 4.96
N GLU A 574 -23.91 6.24 4.00
CA GLU A 574 -25.28 6.62 4.27
C GLU A 574 -26.26 5.60 3.70
N GLY A 575 -26.19 5.32 2.40
CA GLY A 575 -27.07 4.32 1.83
C GLY A 575 -26.54 2.91 2.00
N SER A 576 -25.21 2.77 1.94
CA SER A 576 -24.57 1.46 1.91
C SER A 576 -24.17 1.03 3.32
N GLY A 577 -25.18 0.92 4.19
CA GLY A 577 -24.99 0.33 5.49
C GLY A 577 -25.62 -1.04 5.55
N PHE A 578 -26.81 -1.16 4.94
CA PHE A 578 -27.49 -2.44 4.84
C PHE A 578 -26.67 -3.41 4.00
N GLY A 579 -26.12 -2.93 2.88
CA GLY A 579 -25.26 -3.79 2.07
C GLY A 579 -24.00 -4.22 2.81
N PHE A 580 -23.46 -3.33 3.64
CA PHE A 580 -22.28 -3.68 4.43
C PHE A 580 -22.63 -4.77 5.45
N GLY A 581 -23.73 -4.60 6.18
CA GLY A 581 -24.16 -5.63 7.10
C GLY A 581 -24.45 -6.95 6.41
N LEU A 582 -25.01 -6.90 5.20
CA LEU A 582 -25.30 -8.13 4.47
C LEU A 582 -24.03 -8.81 4.00
N THR A 583 -23.04 -8.03 3.56
CA THR A 583 -21.76 -8.62 3.19
C THR A 583 -21.08 -9.28 4.38
N ILE A 584 -21.14 -8.63 5.55
CA ILE A 584 -20.57 -9.24 6.75
C ILE A 584 -21.31 -10.51 7.12
N GLY A 585 -22.64 -10.49 7.04
CA GLY A 585 -23.41 -11.68 7.36
C GLY A 585 -23.14 -12.82 6.39
N THR A 586 -22.89 -12.49 5.12
CA THR A 586 -22.56 -13.53 4.14
C THR A 586 -21.17 -14.10 4.39
N LEU A 587 -20.21 -13.24 4.73
CA LEU A 587 -18.90 -13.72 5.14
C LEU A 587 -19.00 -14.65 6.34
N CYS A 588 -19.88 -14.32 7.29
CA CYS A 588 -20.01 -15.14 8.49
C CYS A 588 -20.70 -16.47 8.18
N CYS A 589 -21.58 -16.50 7.19
CA CYS A 589 -22.21 -17.76 6.78
C CYS A 589 -21.46 -18.41 5.61
N PHE A 590 -20.14 -18.50 5.73
CA PHE A 590 -19.33 -19.41 4.93
C PHE A 590 -19.32 -20.81 5.52
N PRO A 591 -19.17 -20.98 6.85
CA PRO A 591 -19.27 -22.33 7.41
C PRO A 591 -20.58 -23.03 7.10
N LEU A 592 -21.68 -22.30 7.02
CA LEU A 592 -22.98 -22.95 6.83
C LEU A 592 -23.11 -23.53 5.42
N VAL A 593 -22.60 -22.81 4.41
CA VAL A 593 -22.68 -23.31 3.04
C VAL A 593 -21.84 -24.57 2.88
N SER A 594 -20.61 -24.55 3.40
CA SER A 594 -19.76 -25.73 3.32
C SER A 594 -20.34 -26.89 4.13
N LEU A 595 -20.94 -26.59 5.28
CA LEU A 595 -21.59 -27.62 6.08
C LEU A 595 -22.73 -28.26 5.31
N LEU A 596 -23.56 -27.46 4.64
CA LEU A 596 -24.66 -28.02 3.85
C LEU A 596 -24.12 -28.84 2.68
N SER A 597 -23.07 -28.35 2.01
CA SER A 597 -22.49 -29.09 0.90
C SER A 597 -21.96 -30.44 1.36
N ALA A 598 -21.24 -30.46 2.48
CA ALA A 598 -20.70 -31.73 2.98
C ALA A 598 -21.80 -32.64 3.49
N TRP A 599 -22.88 -32.06 4.01
CA TRP A 599 -24.01 -32.88 4.46
C TRP A 599 -24.67 -33.58 3.27
N ILE A 600 -24.92 -32.85 2.18
CA ILE A 600 -25.49 -33.50 1.01
C ILE A 600 -24.48 -34.46 0.39
N VAL A 601 -23.18 -34.19 0.53
CA VAL A 601 -22.17 -35.14 0.05
C VAL A 601 -22.27 -36.44 0.83
N ALA A 602 -22.45 -36.36 2.14
CA ALA A 602 -22.59 -37.57 2.94
C ALA A 602 -23.86 -38.33 2.59
N ARG A 603 -24.99 -37.61 2.49
CA ARG A 603 -26.26 -38.25 2.14
C ARG A 603 -26.19 -38.90 0.76
N LEU A 604 -25.41 -38.32 -0.15
CA LEU A 604 -25.27 -38.90 -1.48
C LEU A 604 -24.32 -40.09 -1.48
N ARG A 605 -23.25 -40.01 -0.68
CA ARG A 605 -22.30 -41.11 -0.61
C ARG A 605 -22.94 -42.34 0.03
N LYS A 606 -23.85 -42.14 0.98
CA LYS A 606 -24.58 -43.28 1.53
C LYS A 606 -25.46 -43.98 0.50
N ARG A 607 -25.80 -43.30 -0.60
CA ARG A 607 -26.64 -43.87 -1.64
C ARG A 607 -25.85 -44.79 -2.55
N HIS A 1013 -5.73 -36.94 47.62
CA HIS A 1013 -4.65 -37.85 47.99
C HIS A 1013 -4.39 -38.87 46.89
N GLN A 1014 -5.45 -39.22 46.17
CA GLN A 1014 -5.29 -40.04 44.97
C GLN A 1014 -5.21 -39.17 43.72
N THR A 1015 -5.89 -38.02 43.74
CA THR A 1015 -5.84 -37.11 42.60
C THR A 1015 -4.45 -36.52 42.42
N VAL A 1016 -3.73 -36.31 43.52
CA VAL A 1016 -2.36 -35.82 43.43
C VAL A 1016 -1.47 -36.85 42.73
N GLN A 1017 -1.67 -38.14 43.03
CA GLN A 1017 -0.90 -39.17 42.35
C GLN A 1017 -1.30 -39.29 40.89
N GLN A 1018 -2.59 -39.10 40.60
CA GLN A 1018 -3.02 -39.08 39.21
C GLN A 1018 -2.36 -37.95 38.43
N PHE A 1019 -2.31 -36.75 39.00
CA PHE A 1019 -1.65 -35.64 38.34
C PHE A 1019 -0.15 -35.88 38.22
N LYS A 1020 0.45 -36.55 39.20
CA LYS A 1020 1.87 -36.87 39.11
C LYS A 1020 2.14 -37.84 37.96
N ARG A 1021 1.31 -38.88 37.83
CA ARG A 1021 1.46 -39.80 36.72
C ARG A 1021 1.27 -39.09 35.38
N PHE A 1022 0.29 -38.17 35.32
CA PHE A 1022 0.04 -37.45 34.07
C PHE A 1022 1.22 -36.57 33.70
N ILE A 1023 1.77 -35.83 34.66
CA ILE A 1023 2.91 -34.97 34.35
C ILE A 1023 4.15 -35.80 34.05
N GLU A 1024 4.19 -37.03 34.59
CA GLU A 1024 5.31 -37.92 34.27
C GLU A 1024 5.24 -38.42 32.83
N ASN A 1025 4.04 -38.79 32.37
CA ASN A 1025 3.91 -39.28 31.01
C ASN A 1025 4.05 -38.16 29.98
N TYR A 1026 3.46 -37.00 30.26
CA TYR A 1026 3.30 -35.93 29.29
C TYR A 1026 4.27 -34.77 29.48
N ARG A 1027 5.53 -35.03 29.84
CA ARG A 1027 6.49 -33.95 30.01
C ARG A 1027 6.86 -33.32 28.68
N ARG A 1028 7.25 -34.14 27.69
CA ARG A 1028 7.74 -33.61 26.44
C ARG A 1028 6.64 -32.93 25.63
N HIS A 1029 5.41 -33.44 25.72
CA HIS A 1029 4.29 -32.80 25.06
C HIS A 1029 4.07 -31.39 25.60
N ILE A 1030 4.10 -31.25 26.92
CA ILE A 1030 3.94 -29.95 27.55
C ILE A 1030 5.07 -29.02 27.16
N GLY A 1031 6.30 -29.52 27.17
CA GLY A 1031 7.42 -28.71 26.74
C GLY A 1031 7.26 -28.17 25.33
N CYS A 1032 6.90 -29.06 24.39
CA CYS A 1032 6.77 -28.64 22.99
C CYS A 1032 5.63 -27.64 22.81
N VAL A 1033 4.47 -27.90 23.43
CA VAL A 1033 3.36 -26.97 23.30
C VAL A 1033 3.70 -25.61 23.89
N ALA A 1034 4.37 -25.61 25.05
CA ALA A 1034 4.74 -24.35 25.69
C ALA A 1034 5.70 -23.55 24.83
N VAL A 1035 6.70 -24.22 24.25
CA VAL A 1035 7.68 -23.51 23.43
C VAL A 1035 7.01 -22.94 22.18
N PHE A 1036 6.15 -23.74 21.53
CA PHE A 1036 5.46 -23.26 20.33
C PHE A 1036 4.60 -22.04 20.63
N TYR A 1037 3.77 -22.12 21.68
CA TYR A 1037 2.88 -21.01 21.99
C TYR A 1037 3.65 -19.80 22.50
N THR A 1038 4.77 -20.02 23.18
CA THR A 1038 5.64 -18.92 23.56
C THR A 1038 6.15 -18.17 22.34
N ILE A 1039 6.63 -18.91 21.33
CA ILE A 1039 7.14 -18.25 20.13
C ILE A 1039 6.04 -17.46 19.43
N THR A 1040 4.85 -18.05 19.29
CA THR A 1040 3.78 -17.35 18.59
C THR A 1040 3.34 -16.11 19.37
N GLY A 1041 3.19 -16.23 20.69
CA GLY A 1041 2.84 -15.08 21.50
C GLY A 1041 3.91 -14.00 21.46
N ALA A 1042 5.17 -14.40 21.35
CA ALA A 1042 6.24 -13.41 21.26
C ALA A 1042 6.15 -12.63 19.95
N LEU A 1043 5.89 -13.32 18.84
CA LEU A 1043 5.70 -12.61 17.57
C LEU A 1043 4.53 -11.63 17.65
N PHE A 1044 3.39 -12.11 18.15
CA PHE A 1044 2.20 -11.25 18.25
C PHE A 1044 2.48 -10.04 19.14
N LEU A 1045 3.11 -10.27 20.30
CA LEU A 1045 3.39 -9.18 21.22
C LEU A 1045 4.37 -8.19 20.62
N GLU A 1046 5.38 -8.67 19.91
CA GLU A 1046 6.31 -7.77 19.24
C GLU A 1046 5.58 -6.83 18.30
N ARG A 1047 4.76 -7.39 17.40
CA ARG A 1047 4.08 -6.55 16.44
C ARG A 1047 3.11 -5.57 17.12
N ALA A 1048 2.26 -6.09 18.03
CA ALA A 1048 1.26 -5.25 18.66
C ALA A 1048 1.89 -4.16 19.51
N TYR A 1049 2.99 -4.47 20.19
CA TYR A 1049 3.68 -3.47 21.00
C TYR A 1049 4.35 -2.43 20.12
N TYR A 1050 4.98 -2.85 19.02
CA TYR A 1050 5.56 -1.89 18.09
C TYR A 1050 4.51 -0.92 17.59
N TYR A 1051 3.29 -1.41 17.35
CA TYR A 1051 2.26 -0.51 16.83
C TYR A 1051 1.63 0.37 17.90
N ALA A 1052 1.24 -0.21 19.05
CA ALA A 1052 0.45 0.52 20.04
C ALA A 1052 1.13 1.78 20.57
N PHE A 1053 2.21 1.62 21.33
CA PHE A 1053 2.99 2.73 21.85
C PHE A 1053 4.47 2.37 21.76
N ALA A 1054 5.09 2.75 20.65
CA ALA A 1054 6.49 2.44 20.39
C ALA A 1054 6.97 3.35 19.27
N ALA A 1055 8.11 3.01 18.68
CA ALA A 1055 8.67 3.82 17.60
C ALA A 1055 7.89 3.62 16.30
N HIS A 1056 6.69 4.18 16.24
CA HIS A 1056 5.86 4.13 15.04
C HIS A 1056 5.50 5.56 14.63
N HIS A 1057 5.72 5.88 13.36
CA HIS A 1057 5.28 7.16 12.82
C HIS A 1057 3.76 7.19 12.84
N SER A 1058 3.18 7.99 13.74
CA SER A 1058 1.74 7.95 14.00
C SER A 1058 0.97 8.64 12.87
N GLY A 1059 1.02 8.02 11.69
CA GLY A 1059 0.23 8.46 10.57
C GLY A 1059 -1.08 7.71 10.46
N ILE A 1060 -0.99 6.37 10.52
CA ILE A 1060 -2.18 5.54 10.38
C ILE A 1060 -2.93 5.37 11.71
N THR A 1061 -2.23 5.45 12.83
CA THR A 1061 -2.82 5.20 14.14
C THR A 1061 -3.35 6.51 14.71
N ASP A 1062 -4.60 6.84 14.36
CA ASP A 1062 -5.28 7.98 14.96
C ASP A 1062 -6.48 7.51 15.78
N THR A 1063 -7.38 6.76 15.16
CA THR A 1063 -8.47 6.09 15.85
C THR A 1063 -8.52 4.60 15.57
N THR A 1064 -7.75 4.13 14.58
CA THR A 1064 -7.71 2.72 14.20
C THR A 1064 -6.59 1.97 14.92
N ARG A 1065 -6.21 2.41 16.12
CA ARG A 1065 -5.18 1.70 16.87
C ARG A 1065 -5.60 0.26 17.14
N VAL A 1066 -6.84 0.06 17.59
CA VAL A 1066 -7.29 -1.29 17.95
C VAL A 1066 -7.26 -2.20 16.72
N GLY A 1067 -7.86 -1.76 15.62
CA GLY A 1067 -7.93 -2.60 14.43
C GLY A 1067 -6.57 -2.91 13.85
N ILE A 1068 -5.70 -1.90 13.74
CA ILE A 1068 -4.40 -2.12 13.12
C ILE A 1068 -3.52 -2.96 14.04
N ILE A 1069 -3.64 -2.77 15.36
CA ILE A 1069 -2.90 -3.62 16.31
C ILE A 1069 -3.34 -5.07 16.15
N LEU A 1070 -4.65 -5.31 16.14
CA LEU A 1070 -5.17 -6.66 16.00
C LEU A 1070 -4.67 -7.32 14.73
N SER A 1071 -4.87 -6.65 13.58
CA SER A 1071 -4.48 -7.23 12.30
C SER A 1071 -2.97 -7.49 12.24
N ARG A 1072 -2.16 -6.47 12.54
CA ARG A 1072 -0.72 -6.60 12.37
C ARG A 1072 -0.11 -7.54 13.40
N GLY A 1073 -0.81 -7.77 14.51
CA GLY A 1073 -0.33 -8.73 15.49
C GLY A 1073 -0.67 -10.16 15.08
N THR A 1074 -1.87 -10.37 14.56
CA THR A 1074 -2.27 -11.73 14.20
C THR A 1074 -1.64 -12.19 12.89
N ALA A 1075 -1.23 -11.26 12.02
CA ALA A 1075 -0.72 -11.65 10.71
C ALA A 1075 0.55 -12.50 10.84
N ALA A 1076 1.51 -12.05 11.64
CA ALA A 1076 2.77 -12.77 11.77
C ALA A 1076 2.55 -14.13 12.43
N SER A 1077 1.72 -14.16 13.47
CA SER A 1077 1.45 -15.42 14.15
C SER A 1077 0.82 -16.44 13.20
N ILE A 1078 -0.15 -16.01 12.39
CA ILE A 1078 -0.79 -16.98 11.50
C ILE A 1078 0.14 -17.39 10.37
N SER A 1079 1.02 -16.49 9.92
CA SER A 1079 1.98 -16.89 8.90
C SER A 1079 2.94 -17.95 9.43
N PHE A 1080 3.47 -17.73 10.64
CA PHE A 1080 4.37 -18.71 11.25
C PHE A 1080 3.65 -20.04 11.47
N MET A 1081 2.42 -19.98 11.99
CA MET A 1081 1.67 -21.20 12.27
C MET A 1081 1.41 -21.99 10.99
N PHE A 1082 1.12 -21.30 9.89
CA PHE A 1082 0.85 -22.02 8.64
C PHE A 1082 2.13 -22.64 8.07
N SER A 1083 3.22 -21.87 8.06
CA SER A 1083 4.49 -22.43 7.58
C SER A 1083 4.88 -23.67 8.37
N TYR A 1084 4.71 -23.65 9.68
CA TYR A 1084 5.20 -24.78 10.43
C TYR A 1084 4.18 -25.90 10.61
N ILE A 1085 2.89 -25.64 10.39
CA ILE A 1085 1.94 -26.74 10.23
C ILE A 1085 2.20 -27.44 8.91
N LEU A 1086 2.76 -26.73 7.94
CA LEU A 1086 3.31 -27.43 6.77
C LEU A 1086 4.53 -28.25 7.16
N LEU A 1087 5.38 -27.69 8.02
CA LEU A 1087 6.55 -28.44 8.47
C LEU A 1087 6.17 -29.73 9.19
N THR A 1088 5.03 -29.75 9.89
CA THR A 1088 4.71 -30.89 10.74
C THR A 1088 4.54 -32.18 9.94
N MET A 1089 3.96 -32.10 8.75
CA MET A 1089 3.61 -33.29 7.96
C MET A 1089 4.72 -33.60 6.97
N CYS A 1090 5.85 -34.04 7.49
CA CYS A 1090 6.93 -34.59 6.67
C CYS A 1090 7.42 -35.85 7.38
N ARG A 1091 7.12 -37.02 6.80
CA ARG A 1091 7.23 -38.27 7.53
C ARG A 1091 8.57 -38.97 7.36
N ASN A 1092 9.33 -38.69 6.31
CA ASN A 1092 10.65 -39.31 6.19
C ASN A 1092 11.62 -38.73 7.21
N LEU A 1093 11.61 -37.40 7.37
CA LEU A 1093 12.45 -36.78 8.40
C LEU A 1093 12.06 -37.27 9.78
N ILE A 1094 10.77 -37.48 10.02
CA ILE A 1094 10.32 -37.93 11.34
C ILE A 1094 10.72 -39.39 11.56
N THR A 1095 10.60 -40.22 10.52
CA THR A 1095 11.02 -41.61 10.63
C THR A 1095 12.52 -41.70 10.90
N PHE A 1096 13.30 -40.77 10.36
CA PHE A 1096 14.73 -40.76 10.64
C PHE A 1096 15.01 -40.22 12.05
N LEU A 1097 14.25 -39.22 12.49
CA LEU A 1097 14.57 -38.55 13.74
C LEU A 1097 14.12 -39.34 14.96
N ARG A 1098 12.97 -40.01 14.90
CA ARG A 1098 12.43 -40.69 16.07
C ARG A 1098 13.28 -41.86 16.55
N GLU A 1099 14.36 -42.19 15.83
CA GLU A 1099 15.29 -43.22 16.24
C GLU A 1099 16.61 -42.60 16.71
N THR A 1100 16.54 -41.39 17.23
CA THR A 1100 17.70 -40.65 17.71
C THR A 1100 17.34 -40.08 19.09
N PHE A 1101 18.31 -39.50 19.77
CA PHE A 1101 18.08 -38.95 21.10
C PHE A 1101 17.11 -37.78 21.11
N LEU A 1102 16.68 -37.29 19.94
CA LEU A 1102 15.68 -36.23 19.92
C LEU A 1102 14.36 -36.72 20.49
N ASN A 1103 14.04 -38.00 20.31
CA ASN A 1103 12.74 -38.50 20.76
C ASN A 1103 12.61 -38.42 22.27
N ARG A 1104 13.71 -38.51 23.01
CA ARG A 1104 13.63 -38.45 24.46
C ARG A 1104 13.28 -37.05 24.94
N TYR A 1105 13.37 -36.05 24.07
CA TYR A 1105 13.07 -34.67 24.42
C TYR A 1105 11.78 -34.17 23.79
N ILE A 1106 11.47 -34.56 22.56
CA ILE A 1106 10.21 -34.23 21.91
C ILE A 1106 9.62 -35.53 21.37
N PRO A 1107 8.31 -35.74 21.48
CA PRO A 1107 7.71 -37.00 21.00
C PRO A 1107 7.34 -36.90 19.52
N PHE A 1108 7.83 -37.83 18.73
CA PHE A 1108 7.57 -37.84 17.30
C PHE A 1108 6.36 -38.70 16.92
N ASP A 1109 5.63 -39.22 17.90
CA ASP A 1109 4.43 -40.02 17.65
C ASP A 1109 3.15 -39.24 17.90
N ALA A 1110 3.25 -37.93 18.10
CA ALA A 1110 2.08 -37.07 18.28
C ALA A 1110 2.02 -35.97 17.22
N ALA A 1111 2.60 -36.22 16.05
CA ALA A 1111 2.66 -35.18 15.03
C ALA A 1111 1.28 -34.81 14.53
N VAL A 1112 0.36 -35.77 14.46
CA VAL A 1112 -0.98 -35.48 13.95
C VAL A 1112 -1.78 -34.68 14.99
N ASP A 1113 -1.61 -35.00 16.27
CA ASP A 1113 -2.27 -34.21 17.30
C ASP A 1113 -1.74 -32.77 17.31
N PHE A 1114 -0.42 -32.62 17.18
CA PHE A 1114 0.15 -31.27 17.08
C PHE A 1114 -0.36 -30.56 15.85
N HIS A 1115 -0.52 -31.29 14.74
CA HIS A 1115 -1.08 -30.73 13.52
C HIS A 1115 -2.47 -30.15 13.74
N ARG A 1116 -3.36 -30.94 14.33
CA ARG A 1116 -4.73 -30.47 14.56
C ARG A 1116 -4.77 -29.32 15.54
N LEU A 1117 -3.91 -29.35 16.56
CA LEU A 1117 -3.85 -28.25 17.52
C LEU A 1117 -3.43 -26.95 16.85
N ILE A 1118 -2.35 -26.99 16.07
CA ILE A 1118 -1.91 -25.82 15.33
C ILE A 1118 -3.01 -25.32 14.41
N ALA A 1119 -3.73 -26.24 13.76
CA ALA A 1119 -4.77 -25.83 12.83
C ALA A 1119 -5.88 -25.07 13.55
N SER A 1120 -6.32 -25.58 14.70
CA SER A 1120 -7.39 -24.89 15.44
C SER A 1120 -6.92 -23.52 15.92
N THR A 1121 -5.71 -23.44 16.47
CA THR A 1121 -5.22 -22.15 16.94
C THR A 1121 -5.10 -21.15 15.79
N ALA A 1122 -4.66 -21.63 14.62
CA ALA A 1122 -4.51 -20.75 13.47
C ALA A 1122 -5.86 -20.26 12.97
N ILE A 1123 -6.89 -21.10 13.03
CA ILE A 1123 -8.21 -20.63 12.58
C ILE A 1123 -8.77 -19.60 13.56
N ILE A 1124 -8.49 -19.77 14.85
CA ILE A 1124 -8.93 -18.75 15.81
C ILE A 1124 -8.25 -17.41 15.52
N LEU A 1125 -6.93 -17.43 15.35
CA LEU A 1125 -6.22 -16.18 15.08
C LEU A 1125 -6.63 -15.58 13.74
N THR A 1126 -6.99 -16.43 12.77
CA THR A 1126 -7.43 -15.92 11.47
C THR A 1126 -8.79 -15.24 11.58
N VAL A 1127 -9.68 -15.79 12.40
CA VAL A 1127 -10.96 -15.12 12.64
C VAL A 1127 -10.74 -13.76 13.29
N LEU A 1128 -9.80 -13.69 14.24
CA LEU A 1128 -9.48 -12.39 14.85
C LEU A 1128 -8.94 -11.42 13.80
N HIS A 1129 -8.05 -11.89 12.93
CA HIS A 1129 -7.50 -11.06 11.86
C HIS A 1129 -8.60 -10.50 10.97
N SER A 1130 -9.51 -11.36 10.53
CA SER A 1130 -10.57 -10.92 9.63
C SER A 1130 -11.52 -9.94 10.31
N ALA A 1131 -11.81 -10.15 11.60
CA ALA A 1131 -12.67 -9.20 12.31
C ALA A 1131 -12.00 -7.84 12.43
N GLY A 1132 -10.70 -7.82 12.76
CA GLY A 1132 -9.98 -6.57 12.81
C GLY A 1132 -9.98 -5.85 11.48
N HIS A 1133 -9.81 -6.59 10.38
CA HIS A 1133 -9.78 -5.94 9.08
C HIS A 1133 -11.17 -5.48 8.65
N VAL A 1134 -12.23 -6.13 9.14
CA VAL A 1134 -13.57 -5.63 8.88
C VAL A 1134 -13.81 -4.31 9.59
N VAL A 1135 -13.38 -4.22 10.85
CA VAL A 1135 -13.48 -2.95 11.57
C VAL A 1135 -12.68 -1.87 10.85
N ASN A 1136 -11.49 -2.22 10.37
CA ASN A 1136 -10.69 -1.27 9.59
C ASN A 1136 -11.43 -0.80 8.34
N VAL A 1137 -11.93 -1.75 7.53
CA VAL A 1137 -12.62 -1.40 6.29
C VAL A 1137 -13.82 -0.51 6.58
N TYR A 1138 -14.47 -0.69 7.73
CA TYR A 1138 -15.54 0.23 8.09
C TYR A 1138 -15.00 1.62 8.40
N LEU A 1139 -13.93 1.69 9.19
CA LEU A 1139 -13.39 2.99 9.58
C LEU A 1139 -12.77 3.72 8.40
N PHE A 1140 -12.51 3.00 7.30
CA PHE A 1140 -11.97 3.65 6.11
C PHE A 1140 -13.08 4.25 5.25
N SER A 1141 -14.25 3.63 5.23
CA SER A 1141 -15.35 4.10 4.40
C SER A 1141 -16.03 5.33 4.95
N ILE A 1142 -15.55 5.91 6.05
CA ILE A 1142 -16.10 7.13 6.61
C ILE A 1142 -15.02 8.20 6.79
N SER A 1143 -13.82 7.94 6.28
CA SER A 1143 -12.71 8.88 6.35
C SER A 1143 -12.64 9.70 5.07
N PRO A 1144 -12.36 11.00 5.17
CA PRO A 1144 -12.27 11.85 3.97
C PRO A 1144 -11.13 11.40 3.08
N LEU A 1145 -11.18 11.89 1.83
CA LEU A 1145 -10.14 11.54 0.87
C LEU A 1145 -8.81 12.15 1.26
N SER A 1146 -8.83 13.28 1.98
CA SER A 1146 -7.59 13.94 2.36
C SER A 1146 -6.86 13.17 3.44
N VAL A 1147 -7.59 12.33 4.19
CA VAL A 1147 -6.95 11.49 5.19
C VAL A 1147 -6.50 10.17 4.57
N LEU A 1148 -7.34 9.59 3.70
CA LEU A 1148 -6.99 8.34 3.06
C LEU A 1148 -5.82 8.51 2.09
N SER A 1149 -5.67 9.71 1.53
CA SER A 1149 -4.65 9.92 0.50
C SER A 1149 -3.24 10.00 1.06
N CYS A 1150 -3.07 9.92 2.38
CA CYS A 1150 -1.74 9.85 2.97
C CYS A 1150 -1.62 8.72 3.99
N LEU A 1151 -2.63 7.87 4.10
CA LEU A 1151 -2.42 6.56 4.72
C LEU A 1151 -1.91 5.57 3.69
N PHE A 1152 -2.53 5.54 2.51
CA PHE A 1152 -2.10 4.70 1.41
C PHE A 1152 -1.73 5.55 0.21
N PRO A 1153 -0.62 6.30 0.28
CA PRO A 1153 -0.25 7.15 -0.86
C PRO A 1153 0.05 6.31 -2.09
N GLY A 1154 -0.13 6.93 -3.25
CA GLY A 1154 0.01 6.23 -4.51
C GLY A 1154 -1.25 5.49 -4.91
N LEU A 1155 -1.96 4.94 -3.93
CA LEU A 1155 -3.24 4.30 -4.18
C LEU A 1155 -4.39 5.30 -4.21
N PHE A 1156 -4.24 6.43 -3.50
CA PHE A 1156 -5.26 7.47 -3.47
C PHE A 1156 -4.62 8.81 -3.81
N HIS A 1157 -5.44 9.71 -4.36
CA HIS A 1157 -5.00 11.04 -4.73
C HIS A 1157 -6.03 12.06 -4.28
N ASP A 1158 -5.55 13.20 -3.80
CA ASP A 1158 -6.42 14.19 -3.17
C ASP A 1158 -6.81 15.31 -4.13
N ASP A 1159 -7.76 15.00 -5.01
CA ASP A 1159 -8.58 16.04 -5.59
C ASP A 1159 -9.81 16.21 -4.70
N GLY A 1160 -10.31 17.44 -4.61
CA GLY A 1160 -11.20 17.80 -3.52
C GLY A 1160 -12.55 17.12 -3.50
N SER A 1161 -12.73 16.07 -4.30
CA SER A 1161 -14.00 15.37 -4.35
C SER A 1161 -14.41 14.87 -2.96
N GLU A 1162 -13.43 14.47 -2.15
CA GLU A 1162 -13.47 14.15 -0.72
C GLU A 1162 -14.28 12.90 -0.42
N PHE A 1163 -14.91 12.28 -1.41
CA PHE A 1163 -15.71 11.10 -1.12
C PHE A 1163 -14.85 9.86 -1.20
N PRO A 1164 -14.79 9.06 -0.14
CA PRO A 1164 -13.97 7.85 -0.16
C PRO A 1164 -14.64 6.72 -0.91
N GLN A 1165 -13.87 5.68 -1.18
CA GLN A 1165 -14.39 4.50 -1.86
C GLN A 1165 -15.26 3.68 -0.92
N LYS A 1166 -16.29 3.07 -1.50
CA LYS A 1166 -17.26 2.30 -0.72
C LYS A 1166 -16.61 1.05 -0.15
N TYR A 1167 -17.34 0.37 0.74
CA TYR A 1167 -16.83 -0.83 1.39
C TYR A 1167 -16.55 -1.94 0.37
N TYR A 1168 -17.47 -2.15 -0.59
CA TYR A 1168 -17.28 -3.23 -1.53
C TYR A 1168 -16.10 -3.00 -2.45
N TRP A 1169 -15.63 -1.76 -2.56
CA TRP A 1169 -14.37 -1.52 -3.26
C TRP A 1169 -13.21 -2.13 -2.49
N TRP A 1170 -13.19 -1.93 -1.16
CA TRP A 1170 -12.14 -2.52 -0.34
C TRP A 1170 -12.25 -4.04 -0.34
N PHE A 1171 -13.48 -4.57 -0.33
CA PHE A 1171 -13.65 -6.01 -0.20
C PHE A 1171 -13.40 -6.73 -1.51
N PHE A 1172 -14.15 -6.41 -2.56
CA PHE A 1172 -14.17 -7.21 -3.78
C PHE A 1172 -13.44 -6.56 -4.94
N GLN A 1173 -12.73 -5.44 -4.72
CA GLN A 1173 -12.02 -4.78 -5.79
C GLN A 1173 -10.57 -4.47 -5.43
N THR A 1174 -10.06 -5.01 -4.33
CA THR A 1174 -8.66 -4.90 -3.96
C THR A 1174 -8.08 -6.31 -3.88
N VAL A 1175 -6.77 -6.40 -4.10
CA VAL A 1175 -6.11 -7.71 -4.02
C VAL A 1175 -6.18 -8.30 -2.62
N PRO A 1176 -5.79 -7.59 -1.55
CA PRO A 1176 -5.94 -8.17 -0.21
C PRO A 1176 -7.37 -8.57 0.14
N GLY A 1177 -8.35 -7.71 -0.12
CA GLY A 1177 -9.72 -8.05 0.25
C GLY A 1177 -10.26 -9.24 -0.52
N LEU A 1178 -10.06 -9.24 -1.84
CA LEU A 1178 -10.56 -10.34 -2.66
C LEU A 1178 -9.90 -11.67 -2.29
N THR A 1179 -8.57 -11.68 -2.20
CA THR A 1179 -7.89 -12.90 -1.81
C THR A 1179 -8.18 -13.29 -0.35
N GLY A 1180 -8.55 -12.33 0.50
CA GLY A 1180 -8.93 -12.69 1.86
C GLY A 1180 -10.28 -13.37 1.91
N VAL A 1181 -11.22 -12.91 1.09
CA VAL A 1181 -12.51 -13.59 1.00
C VAL A 1181 -12.32 -14.99 0.41
N LEU A 1182 -11.47 -15.09 -0.61
CA LEU A 1182 -11.19 -16.41 -1.19
C LEU A 1182 -10.55 -17.34 -0.16
N LEU A 1183 -9.62 -16.81 0.64
CA LEU A 1183 -8.98 -17.63 1.66
C LEU A 1183 -9.95 -18.03 2.75
N LEU A 1184 -10.87 -17.14 3.11
CA LEU A 1184 -11.90 -17.50 4.08
C LEU A 1184 -12.75 -18.65 3.57
N LEU A 1185 -13.14 -18.59 2.29
CA LEU A 1185 -13.93 -19.68 1.72
C LEU A 1185 -13.15 -20.99 1.71
N ALA A 1186 -11.89 -20.94 1.25
CA ALA A 1186 -11.08 -22.14 1.18
C ALA A 1186 -10.83 -22.72 2.57
N LEU A 1187 -10.57 -21.87 3.56
CA LEU A 1187 -10.36 -22.35 4.93
C LEU A 1187 -11.63 -22.98 5.48
N ALA A 1188 -12.79 -22.37 5.23
CA ALA A 1188 -14.03 -22.97 5.70
C ALA A 1188 -14.24 -24.35 5.09
N ILE A 1189 -14.06 -24.47 3.78
CA ILE A 1189 -14.21 -25.77 3.12
C ILE A 1189 -13.24 -26.79 3.72
N MET A 1190 -11.96 -26.44 3.76
CA MET A 1190 -10.94 -27.41 4.18
C MET A 1190 -11.08 -27.77 5.65
N TYR A 1191 -11.62 -26.87 6.47
CA TYR A 1191 -11.75 -27.15 7.89
C TYR A 1191 -13.01 -27.96 8.18
N VAL A 1192 -14.09 -27.71 7.44
CA VAL A 1192 -15.33 -28.44 7.71
C VAL A 1192 -15.25 -29.84 7.12
N PHE A 1193 -14.64 -29.99 5.95
CA PHE A 1193 -14.53 -31.31 5.34
C PHE A 1193 -13.54 -32.19 6.10
N ALA A 1194 -12.72 -31.58 6.94
CA ALA A 1194 -11.70 -32.33 7.68
C ALA A 1194 -12.14 -32.65 9.11
N SER A 1195 -13.39 -32.36 9.43
CA SER A 1195 -13.86 -32.57 10.80
C SER A 1195 -13.80 -34.05 11.16
N HIS A 1196 -13.83 -34.32 12.46
CA HIS A 1196 -13.83 -35.71 12.92
C HIS A 1196 -15.09 -36.43 12.47
N HIS A 1197 -16.21 -35.74 12.44
CA HIS A 1197 -17.48 -36.33 12.07
C HIS A 1197 -17.76 -36.26 10.57
N PHE A 1198 -16.80 -35.83 9.76
CA PHE A 1198 -16.99 -35.76 8.31
C PHE A 1198 -15.86 -36.43 7.54
N ARG A 1199 -14.80 -36.87 8.22
CA ARG A 1199 -13.77 -37.69 7.58
C ARG A 1199 -13.92 -39.17 7.90
N ARG A 1200 -14.63 -39.51 8.97
CA ARG A 1200 -14.94 -40.90 9.25
C ARG A 1200 -15.89 -41.47 8.19
N ARG A 1201 -16.77 -40.64 7.64
CA ARG A 1201 -17.72 -41.12 6.64
C ARG A 1201 -17.04 -41.38 5.30
N SER A 1202 -16.36 -40.37 4.77
CA SER A 1202 -15.77 -40.47 3.42
C SER A 1202 -14.31 -40.05 3.50
N PHE A 1203 -13.41 -41.02 3.30
CA PHE A 1203 -11.99 -40.70 3.26
C PHE A 1203 -11.61 -40.01 1.96
N ARG A 1204 -12.42 -40.16 0.91
CA ARG A 1204 -12.09 -39.50 -0.35
C ARG A 1204 -12.58 -38.05 -0.38
N GLY A 1205 -13.66 -37.75 0.33
CA GLY A 1205 -14.02 -36.35 0.53
C GLY A 1205 -12.94 -35.59 1.26
N PHE A 1206 -12.55 -36.09 2.44
CA PHE A 1206 -11.40 -35.55 3.16
C PHE A 1206 -10.19 -35.41 2.26
N TRP A 1207 -9.97 -36.37 1.36
CA TRP A 1207 -8.73 -36.38 0.58
C TRP A 1207 -8.81 -35.42 -0.59
N LEU A 1208 -10.02 -35.10 -1.07
CA LEU A 1208 -10.16 -34.23 -2.23
C LEU A 1208 -9.99 -32.77 -1.86
N THR A 1209 -10.51 -32.37 -0.71
CA THR A 1209 -10.46 -30.96 -0.33
C THR A 1209 -9.08 -30.55 0.15
N HIS A 1210 -8.38 -31.44 0.87
CA HIS A 1210 -7.15 -31.03 1.54
C HIS A 1210 -6.05 -30.64 0.56
N HIS A 1211 -6.24 -30.91 -0.73
CA HIS A 1211 -5.28 -30.43 -1.71
C HIS A 1211 -5.45 -28.95 -2.00
N LEU A 1212 -6.28 -28.26 -1.20
CA LEU A 1212 -6.44 -26.83 -1.36
C LEU A 1212 -5.26 -26.07 -0.75
N TYR A 1213 -4.46 -26.75 0.08
CA TYR A 1213 -3.38 -26.09 0.80
C TYR A 1213 -2.37 -25.48 -0.18
N ILE A 1214 -2.27 -26.02 -1.38
CA ILE A 1214 -1.43 -25.37 -2.39
C ILE A 1214 -2.11 -24.10 -2.93
N PHE A 1215 -3.42 -24.17 -3.15
CA PHE A 1215 -4.18 -22.97 -3.46
C PHE A 1215 -4.09 -21.97 -2.32
N LEU A 1216 -4.11 -22.47 -1.08
CA LEU A 1216 -3.97 -21.61 0.09
C LEU A 1216 -2.61 -20.92 0.11
N TYR A 1217 -1.54 -21.65 -0.21
CA TYR A 1217 -0.21 -21.06 -0.12
C TYR A 1217 0.09 -20.21 -1.36
N ILE A 1218 -0.73 -20.32 -2.39
CA ILE A 1218 -0.67 -19.36 -3.49
C ILE A 1218 -1.35 -18.06 -3.09
N LEU A 1219 -2.58 -18.16 -2.56
CA LEU A 1219 -3.29 -16.96 -2.13
C LEU A 1219 -2.51 -16.21 -1.04
N LEU A 1220 -1.91 -16.94 -0.11
CA LEU A 1220 -1.17 -16.31 0.98
C LEU A 1220 0.08 -15.59 0.52
N ILE A 1221 0.42 -15.68 -0.75
CA ILE A 1221 1.51 -14.81 -1.22
C ILE A 1221 0.88 -13.57 -1.92
N ILE A 1222 -0.19 -13.79 -2.63
CA ILE A 1222 -0.88 -12.70 -3.21
C ILE A 1222 -1.47 -11.80 -2.12
N HIS A 1223 -1.91 -12.28 -0.96
CA HIS A 1223 -2.47 -11.46 0.08
C HIS A 1223 -1.45 -10.46 0.50
N GLY A 1224 -0.19 -10.76 0.65
CA GLY A 1224 0.78 -9.73 1.00
C GLY A 1224 1.43 -8.99 -0.19
N SER A 1225 1.13 -9.36 -1.42
CA SER A 1225 1.69 -8.66 -2.58
C SER A 1225 1.21 -7.21 -2.90
N PHE A 1226 1.46 -6.23 -2.02
CA PHE A 1226 1.04 -4.84 -2.01
C PHE A 1226 1.84 -4.12 -0.93
N ALA A 1227 1.84 -2.79 -1.01
CA ALA A 1227 2.51 -1.94 -0.03
C ALA A 1227 1.52 -1.10 0.75
N LEU A 1228 0.38 -1.71 1.12
CA LEU A 1228 -0.66 -1.00 1.86
C LEU A 1228 -0.19 -0.57 3.24
N ILE A 1229 0.21 -1.54 4.06
CA ILE A 1229 0.58 -1.25 5.44
C ILE A 1229 2.07 -1.47 5.66
N GLN A 1230 2.59 -2.61 5.20
CA GLN A 1230 3.98 -2.97 5.43
C GLN A 1230 4.47 -3.82 4.26
N MET A 1231 5.72 -4.28 4.39
CA MET A 1231 6.33 -5.12 3.37
C MET A 1231 5.90 -6.58 3.55
N PRO A 1232 5.95 -7.38 2.48
CA PRO A 1232 5.62 -8.80 2.61
C PRO A 1232 6.69 -9.52 3.42
N ARG A 1233 6.23 -10.38 4.35
CA ARG A 1233 7.13 -11.17 5.17
C ARG A 1233 6.77 -12.64 5.20
N PHE A 1234 5.69 -13.05 4.53
CA PHE A 1234 5.33 -14.45 4.53
C PHE A 1234 6.38 -15.31 3.83
N HIS A 1235 6.93 -14.81 2.73
CA HIS A 1235 7.96 -15.56 2.02
C HIS A 1235 9.23 -15.74 2.84
N ILE A 1236 9.39 -14.98 3.93
CA ILE A 1236 10.51 -15.22 4.83
C ILE A 1236 10.26 -16.46 5.66
N PHE A 1237 9.04 -16.62 6.16
CA PHE A 1237 8.70 -17.78 6.98
C PHE A 1237 8.56 -19.04 6.13
N PHE A 1238 8.13 -18.89 4.88
CA PHE A 1238 7.63 -20.04 4.13
C PHE A 1238 8.75 -20.82 3.45
N LEU A 1239 9.97 -20.29 3.44
CA LEU A 1239 11.02 -20.91 2.62
C LEU A 1239 11.44 -22.26 3.18
N VAL A 1240 12.01 -22.28 4.38
CA VAL A 1240 12.63 -23.49 4.94
C VAL A 1240 11.61 -24.62 5.11
N PRO A 1241 10.46 -24.40 5.75
CA PRO A 1241 9.49 -25.50 5.87
C PRO A 1241 9.04 -26.06 4.54
N ALA A 1242 8.77 -25.19 3.55
CA ALA A 1242 8.34 -25.68 2.24
C ALA A 1242 9.45 -26.43 1.54
N ILE A 1243 10.70 -25.96 1.65
CA ILE A 1243 11.81 -26.67 1.04
C ILE A 1243 11.92 -28.07 1.62
N ILE A 1244 11.90 -28.17 2.96
CA ILE A 1244 12.03 -29.47 3.62
C ILE A 1244 10.86 -30.37 3.25
N TYR A 1245 9.65 -29.83 3.23
CA TYR A 1245 8.47 -30.63 2.94
C TYR A 1245 8.49 -31.13 1.50
N VAL A 1246 8.93 -30.29 0.55
CA VAL A 1246 9.00 -30.73 -0.84
C VAL A 1246 10.07 -31.80 -1.01
N GLY A 1247 11.22 -31.61 -0.34
CA GLY A 1247 12.24 -32.65 -0.38
C GLY A 1247 11.73 -33.98 0.15
N ASP A 1248 11.00 -33.95 1.27
CA ASP A 1248 10.50 -35.19 1.84
C ASP A 1248 9.40 -35.80 0.98
N LYS A 1249 8.60 -34.97 0.33
CA LYS A 1249 7.61 -35.47 -0.62
C LYS A 1249 8.29 -36.17 -1.78
N LEU A 1250 9.38 -35.59 -2.29
CA LEU A 1250 10.11 -36.24 -3.37
C LEU A 1250 10.74 -37.55 -2.92
N VAL A 1251 11.23 -37.58 -1.67
CA VAL A 1251 11.81 -38.82 -1.16
C VAL A 1251 10.75 -39.91 -1.04
N SER A 1252 9.57 -39.56 -0.51
CA SER A 1252 8.49 -40.52 -0.37
C SER A 1252 7.82 -40.86 -1.68
N LEU A 1253 8.05 -40.07 -2.72
CA LEU A 1253 7.47 -40.31 -4.03
C LEU A 1253 8.42 -41.03 -4.98
N SER A 1254 9.72 -41.07 -4.68
CA SER A 1254 10.65 -41.80 -5.53
C SER A 1254 10.46 -43.30 -5.41
N ARG A 1255 10.63 -43.84 -4.20
CA ARG A 1255 10.53 -45.29 -3.99
C ARG A 1255 9.09 -45.76 -4.13
N LYS A 1256 8.91 -46.99 -4.62
CA LYS A 1256 7.60 -47.56 -4.85
C LYS A 1256 7.60 -49.04 -4.50
N LYS A 1257 6.53 -49.48 -3.82
CA LYS A 1257 6.28 -50.89 -3.56
C LYS A 1257 4.79 -51.06 -3.34
N VAL A 1258 4.22 -52.09 -3.97
CA VAL A 1258 2.76 -52.24 -4.04
C VAL A 1258 2.33 -53.69 -4.13
N GLU A 1259 1.03 -53.92 -3.97
CA GLU A 1259 0.35 -55.15 -4.38
C GLU A 1259 0.86 -56.39 -3.65
N ILE A 1260 0.62 -56.42 -2.35
CA ILE A 1260 0.72 -57.67 -1.61
C ILE A 1260 -0.62 -58.39 -1.64
N SER A 1261 -0.58 -59.72 -1.58
CA SER A 1261 -1.78 -60.53 -1.55
C SER A 1261 -1.93 -61.18 -0.18
N VAL A 1262 -3.11 -61.01 0.42
CA VAL A 1262 -3.36 -61.46 1.78
C VAL A 1262 -3.61 -62.97 1.74
N VAL A 1263 -2.71 -63.73 2.38
CA VAL A 1263 -2.88 -65.19 2.42
C VAL A 1263 -4.05 -65.56 3.31
N LYS A 1264 -4.05 -65.08 4.55
CA LYS A 1264 -5.12 -65.38 5.50
C LYS A 1264 -5.17 -64.31 6.59
N ALA A 1265 -6.37 -63.93 7.01
CA ALA A 1265 -6.55 -62.91 8.03
C ALA A 1265 -7.70 -63.32 8.94
N GLU A 1266 -7.38 -63.99 10.04
CA GLU A 1266 -8.40 -64.31 11.03
C GLU A 1266 -8.70 -63.10 11.90
N LEU A 1267 -9.89 -63.08 12.47
CA LEU A 1267 -10.36 -61.98 13.31
C LEU A 1267 -10.30 -62.43 14.76
N LEU A 1268 -9.54 -61.70 15.56
CA LEU A 1268 -9.31 -62.01 16.96
C LEU A 1268 -10.15 -61.12 17.86
N PRO A 1269 -10.35 -61.50 19.12
CA PRO A 1269 -11.10 -60.66 20.04
C PRO A 1269 -10.29 -59.44 20.48
N SER A 1270 -10.94 -58.61 21.28
CA SER A 1270 -10.34 -57.43 21.91
C SER A 1270 -10.02 -56.34 20.89
N GLY A 1271 -10.27 -56.61 19.61
CA GLY A 1271 -10.07 -55.59 18.59
C GLY A 1271 -9.00 -55.93 17.59
N VAL A 1272 -7.98 -56.69 18.01
CA VAL A 1272 -6.87 -57.00 17.13
C VAL A 1272 -7.35 -57.90 16.00
N THR A 1273 -6.88 -57.61 14.78
CA THR A 1273 -7.20 -58.39 13.60
C THR A 1273 -5.92 -58.94 13.00
N HIS A 1274 -5.58 -60.18 13.33
CA HIS A 1274 -4.38 -60.80 12.78
C HIS A 1274 -4.45 -60.84 11.27
N LEU A 1275 -3.49 -60.20 10.61
CA LEU A 1275 -3.43 -60.11 9.16
C LEU A 1275 -2.13 -60.74 8.68
N ARG A 1276 -2.23 -61.52 7.61
CA ARG A 1276 -1.09 -62.27 7.09
C ARG A 1276 -1.13 -62.27 5.57
N PHE A 1277 -0.07 -61.76 4.96
CA PHE A 1277 0.02 -61.62 3.52
C PHE A 1277 1.34 -62.20 3.03
N GLN A 1278 1.39 -62.50 1.74
CA GLN A 1278 2.58 -63.16 1.18
C GLN A 1278 3.77 -62.20 1.20
N ARG A 1279 4.97 -62.80 1.22
CA ARG A 1279 6.20 -62.02 1.26
C ARG A 1279 6.71 -61.82 -0.15
N PRO A 1280 6.80 -60.59 -0.65
CA PRO A 1280 7.42 -60.37 -1.97
C PRO A 1280 8.86 -60.87 -1.99
N GLN A 1281 9.35 -61.14 -3.20
CA GLN A 1281 10.65 -61.79 -3.35
C GLN A 1281 11.78 -60.93 -2.81
N GLY A 1282 11.81 -59.65 -3.18
CA GLY A 1282 12.95 -58.81 -2.83
C GLY A 1282 12.91 -58.32 -1.40
N PHE A 1283 11.85 -58.66 -0.66
CA PHE A 1283 11.65 -58.12 0.68
C PHE A 1283 12.59 -58.73 1.70
N GLU A 1284 13.71 -58.06 1.96
CA GLU A 1284 14.64 -58.44 3.02
C GLU A 1284 14.56 -57.42 4.15
N TYR A 1285 14.18 -57.88 5.34
CA TYR A 1285 13.98 -56.99 6.47
C TYR A 1285 14.54 -57.64 7.73
N LYS A 1286 14.63 -56.85 8.79
CA LYS A 1286 15.18 -57.27 10.07
C LYS A 1286 14.09 -57.36 11.12
N SER A 1287 14.49 -57.74 12.33
CA SER A 1287 13.56 -57.96 13.44
C SER A 1287 13.29 -56.64 14.15
N GLY A 1288 12.07 -56.13 14.01
CA GLY A 1288 11.69 -54.90 14.67
C GLY A 1288 11.50 -53.74 13.72
N GLN A 1289 11.03 -54.02 12.52
CA GLN A 1289 10.82 -53.00 11.50
C GLN A 1289 9.35 -52.97 11.13
N TRP A 1290 8.81 -51.76 10.92
CA TRP A 1290 7.41 -51.59 10.60
C TRP A 1290 7.22 -51.28 9.12
N VAL A 1291 6.03 -51.60 8.63
CA VAL A 1291 5.63 -51.31 7.26
C VAL A 1291 4.34 -50.51 7.32
N ARG A 1292 4.07 -49.73 6.27
CA ARG A 1292 2.86 -48.93 6.19
C ARG A 1292 2.05 -49.40 4.99
N ILE A 1293 0.76 -49.67 5.21
CA ILE A 1293 -0.10 -50.32 4.24
C ILE A 1293 -1.33 -49.44 4.00
N ALA A 1294 -1.96 -49.61 2.84
CA ALA A 1294 -3.21 -48.93 2.52
C ALA A 1294 -4.08 -49.89 1.71
N CYS A 1295 -5.36 -49.98 2.08
CA CYS A 1295 -6.36 -50.70 1.30
C CYS A 1295 -7.19 -49.69 0.52
N LEU A 1296 -7.35 -49.93 -0.79
CA LEU A 1296 -8.06 -48.97 -1.64
C LEU A 1296 -9.53 -49.35 -1.79
N ALA A 1297 -9.88 -50.59 -1.45
CA ALA A 1297 -11.26 -51.04 -1.59
C ALA A 1297 -12.22 -50.14 -0.81
N LEU A 1298 -11.80 -49.68 0.35
CA LEU A 1298 -12.63 -48.84 1.21
C LEU A 1298 -11.89 -47.53 1.47
N GLY A 1299 -12.16 -46.51 0.66
CA GLY A 1299 -11.64 -45.19 0.91
C GLY A 1299 -10.59 -44.72 -0.07
N THR A 1300 -9.41 -44.36 0.45
CA THR A 1300 -8.35 -43.78 -0.36
C THR A 1300 -7.04 -44.52 -0.19
N THR A 1301 -5.96 -43.96 -0.75
CA THR A 1301 -4.61 -44.50 -0.59
C THR A 1301 -3.92 -43.76 0.56
N GLU A 1302 -4.33 -44.10 1.78
CA GLU A 1302 -3.80 -43.49 3.00
C GLU A 1302 -2.90 -44.50 3.70
N TYR A 1303 -1.61 -44.19 3.77
CA TYR A 1303 -0.61 -45.08 4.33
C TYR A 1303 -0.60 -44.96 5.84
N HIS A 1304 -0.91 -46.06 6.53
CA HIS A 1304 -0.86 -46.11 7.98
C HIS A 1304 0.22 -47.09 8.45
N PRO A 1305 1.00 -46.72 9.46
CA PRO A 1305 2.16 -47.55 9.84
C PRO A 1305 1.76 -48.64 10.83
N PHE A 1306 2.35 -49.82 10.66
CA PHE A 1306 2.12 -50.94 11.57
C PHE A 1306 3.40 -51.75 11.70
N THR A 1307 3.68 -52.20 12.92
CA THR A 1307 4.89 -52.94 13.23
C THR A 1307 4.68 -54.41 12.92
N LEU A 1308 5.62 -55.00 12.19
CA LEU A 1308 5.51 -56.41 11.82
C LEU A 1308 5.65 -57.31 13.03
N THR A 1309 4.92 -58.42 13.01
CA THR A 1309 4.96 -59.38 14.11
C THR A 1309 5.31 -60.76 13.60
N SER A 1310 6.27 -60.85 12.70
CA SER A 1310 6.72 -62.12 12.14
C SER A 1310 8.24 -62.14 12.11
N ALA A 1311 8.80 -63.32 12.37
CA ALA A 1311 10.24 -63.47 12.30
C ALA A 1311 10.71 -63.39 10.84
N PRO A 1312 11.91 -62.86 10.61
CA PRO A 1312 12.38 -62.73 9.22
C PRO A 1312 12.51 -64.06 8.49
N HIS A 1313 12.91 -65.12 9.19
CA HIS A 1313 13.04 -66.43 8.56
C HIS A 1313 11.71 -66.98 8.07
N GLU A 1314 10.59 -66.44 8.54
CA GLU A 1314 9.27 -66.95 8.22
C GLU A 1314 8.71 -66.22 7.00
N ASP A 1315 8.14 -66.99 6.09
CA ASP A 1315 7.42 -66.41 4.97
C ASP A 1315 6.07 -65.89 5.42
N THR A 1316 5.34 -65.28 4.49
CA THR A 1316 3.99 -64.78 4.76
C THR A 1316 4.00 -63.78 5.92
N LEU A 1317 4.62 -62.63 5.71
CA LEU A 1317 4.70 -61.60 6.75
C LEU A 1317 3.35 -61.35 7.40
N SER A 1318 3.38 -61.04 8.69
CA SER A 1318 2.18 -60.93 9.49
C SER A 1318 1.97 -59.49 9.97
N LEU A 1319 0.83 -59.26 10.62
CA LEU A 1319 0.52 -57.99 11.24
C LEU A 1319 -0.52 -58.24 12.33
N HIS A 1320 -0.57 -57.32 13.30
CA HIS A 1320 -1.59 -57.33 14.33
C HIS A 1320 -2.10 -55.90 14.49
N ILE A 1321 -3.33 -55.66 14.05
CA ILE A 1321 -3.87 -54.32 13.91
C ILE A 1321 -5.00 -54.12 14.92
N ARG A 1322 -4.92 -53.03 15.68
CA ARG A 1322 -5.84 -52.75 16.78
C ARG A 1322 -6.82 -51.67 16.36
N ALA A 1323 -8.11 -51.96 16.52
CA ALA A 1323 -9.16 -51.02 16.13
C ALA A 1323 -9.09 -49.76 16.97
N ALA A 1324 -8.72 -48.64 16.32
CA ALA A 1324 -8.57 -47.40 17.06
C ALA A 1324 -9.13 -46.17 16.33
N GLY A 1325 -9.99 -46.35 15.33
CA GLY A 1325 -10.59 -45.21 14.66
C GLY A 1325 -11.21 -45.55 13.32
N PRO A 1326 -11.36 -44.53 12.47
CA PRO A 1326 -12.04 -44.72 11.18
C PRO A 1326 -11.38 -45.75 10.27
N TRP A 1327 -10.11 -45.52 9.95
CA TRP A 1327 -9.42 -46.37 8.98
C TRP A 1327 -9.33 -47.81 9.47
N THR A 1328 -9.05 -47.99 10.76
CA THR A 1328 -8.86 -49.34 11.28
C THR A 1328 -10.17 -50.10 11.37
N THR A 1329 -11.26 -49.41 11.75
CA THR A 1329 -12.56 -50.06 11.77
C THR A 1329 -13.03 -50.41 10.37
N ARG A 1330 -12.79 -49.51 9.41
CA ARG A 1330 -13.12 -49.82 8.02
C ARG A 1330 -12.32 -51.02 7.52
N LEU A 1331 -11.03 -51.09 7.85
CA LEU A 1331 -10.21 -52.22 7.43
C LEU A 1331 -10.68 -53.52 8.07
N ARG A 1332 -11.06 -53.49 9.34
CA ARG A 1332 -11.62 -54.67 9.97
C ARG A 1332 -12.93 -55.09 9.32
N GLU A 1333 -13.75 -54.12 8.91
CA GLU A 1333 -14.97 -54.44 8.20
C GLU A 1333 -14.67 -55.07 6.84
N ILE A 1334 -13.61 -54.59 6.19
CA ILE A 1334 -13.28 -55.08 4.85
C ILE A 1334 -12.85 -56.54 4.90
N TYR A 1335 -11.92 -56.88 5.80
CA TYR A 1335 -11.39 -58.22 5.91
C TYR A 1335 -12.23 -59.10 6.84
N SER A 1336 -13.43 -58.68 7.19
CA SER A 1336 -14.30 -59.48 8.04
C SER A 1336 -14.78 -60.72 7.30
N PRO A 1337 -15.44 -61.61 8.04
CA PRO A 1337 -16.05 -62.84 7.52
C PRO A 1337 -15.01 -63.70 6.81
N PRO A 1338 -14.07 -64.31 7.56
CA PRO A 1338 -13.04 -65.17 6.94
C PRO A 1338 -13.63 -66.41 6.30
N ARG A 1345 -10.38 -61.86 3.18
CA ARG A 1345 -8.96 -61.97 2.87
C ARG A 1345 -8.70 -61.73 1.39
N TYR A 1346 -9.74 -61.31 0.67
CA TYR A 1346 -9.67 -61.14 -0.78
C TYR A 1346 -8.94 -59.87 -1.20
N PRO A 1347 -9.22 -58.69 -0.61
CA PRO A 1347 -8.54 -57.47 -1.06
C PRO A 1347 -7.03 -57.55 -0.93
N LYS A 1348 -6.35 -56.63 -1.61
CA LYS A 1348 -4.89 -56.59 -1.67
C LYS A 1348 -4.40 -55.21 -1.23
N LEU A 1349 -3.37 -55.19 -0.39
CA LEU A 1349 -2.86 -53.96 0.17
C LEU A 1349 -1.71 -53.41 -0.68
N TYR A 1350 -1.06 -52.35 -0.19
CA TYR A 1350 0.04 -51.66 -0.86
C TYR A 1350 1.21 -51.44 0.07
N LEU A 1351 1.68 -52.53 0.70
CA LEU A 1351 2.85 -52.48 1.58
C LEU A 1351 3.96 -51.60 1.02
N ASP A 1352 4.55 -50.79 1.88
CA ASP A 1352 5.57 -49.82 1.49
C ASP A 1352 6.90 -50.06 2.17
N GLY A 1353 7.32 -51.31 2.30
CA GLY A 1353 8.66 -51.62 2.75
C GLY A 1353 8.90 -51.32 4.21
N PRO A 1354 9.99 -51.87 4.75
CA PRO A 1354 10.29 -51.64 6.17
C PRO A 1354 10.85 -50.25 6.41
N PHE A 1355 10.68 -49.75 7.64
CA PHE A 1355 11.18 -48.44 8.04
C PHE A 1355 11.77 -48.54 9.45
N GLY A 1356 13.07 -48.81 9.52
CA GLY A 1356 13.73 -48.86 10.81
C GLY A 1356 15.23 -48.99 10.65
N GLU A 1357 15.93 -48.85 11.77
CA GLU A 1357 17.37 -49.09 11.81
C GLU A 1357 17.71 -50.53 12.13
N GLY A 1358 16.76 -51.29 12.68
CA GLY A 1358 16.99 -52.69 13.00
C GLY A 1358 18.13 -52.91 13.97
N HIS A 1359 18.16 -52.13 15.05
CA HIS A 1359 19.22 -52.26 16.03
C HIS A 1359 19.17 -53.63 16.70
N GLN A 1360 20.23 -54.41 16.52
CA GLN A 1360 20.34 -55.76 17.04
C GLN A 1360 21.44 -55.83 18.08
N GLU A 1361 21.51 -54.83 18.95
CA GLU A 1361 22.66 -54.65 19.84
C GLU A 1361 22.67 -55.62 21.01
N TRP A 1362 21.74 -56.57 21.09
CA TRP A 1362 21.79 -57.54 22.18
C TRP A 1362 22.66 -58.74 21.86
N HIS A 1363 23.42 -58.70 20.76
CA HIS A 1363 24.43 -59.73 20.50
C HIS A 1363 25.76 -59.41 21.16
N LYS A 1364 26.00 -58.15 21.49
CA LYS A 1364 27.27 -57.71 22.07
C LYS A 1364 27.30 -57.90 23.58
N PHE A 1365 26.18 -58.30 24.18
CA PHE A 1365 26.07 -58.47 25.63
C PHE A 1365 25.80 -59.93 25.93
N GLU A 1366 26.57 -60.50 26.86
CA GLU A 1366 26.41 -61.90 27.23
C GLU A 1366 24.97 -62.19 27.67
N VAL A 1367 24.40 -61.31 28.49
CA VAL A 1367 23.06 -61.48 29.01
C VAL A 1367 22.27 -60.21 28.72
N SER A 1368 21.12 -60.36 28.08
CA SER A 1368 20.29 -59.19 27.83
C SER A 1368 19.05 -59.20 28.73
N VAL A 1369 18.43 -58.04 28.86
CA VAL A 1369 17.17 -57.92 29.59
C VAL A 1369 16.20 -57.11 28.73
N LEU A 1370 15.35 -57.81 27.97
CA LEU A 1370 14.40 -57.13 27.11
C LEU A 1370 13.17 -56.72 27.91
N VAL A 1371 12.94 -55.41 27.99
CA VAL A 1371 11.85 -54.84 28.76
C VAL A 1371 10.91 -54.10 27.83
N GLY A 1372 9.63 -54.45 27.88
CA GLY A 1372 8.62 -53.78 27.08
C GLY A 1372 7.39 -53.43 27.91
N GLY A 1373 6.82 -52.24 27.68
CA GLY A 1373 5.67 -51.82 28.45
C GLY A 1373 4.61 -51.19 27.57
N GLY A 1374 3.36 -51.38 27.98
CA GLY A 1374 2.24 -50.77 27.28
C GLY A 1374 2.19 -51.17 25.82
N ILE A 1375 2.09 -50.17 24.94
CA ILE A 1375 2.01 -50.40 23.51
C ILE A 1375 3.36 -50.85 22.93
N GLY A 1376 4.45 -50.66 23.67
CA GLY A 1376 5.77 -50.98 23.16
C GLY A 1376 6.10 -52.46 23.10
N VAL A 1377 5.12 -53.33 23.30
CA VAL A 1377 5.36 -54.77 23.30
C VAL A 1377 4.92 -55.36 21.97
N THR A 1378 4.83 -54.52 20.93
CA THR A 1378 4.42 -55.01 19.63
C THR A 1378 5.55 -55.70 18.88
N PRO A 1379 6.76 -55.12 18.75
CA PRO A 1379 7.81 -55.80 17.98
C PRO A 1379 8.52 -56.90 18.75
N PHE A 1380 8.23 -57.08 20.04
CA PHE A 1380 8.94 -58.07 20.82
C PHE A 1380 8.51 -59.48 20.44
N ALA A 1381 7.34 -59.65 19.84
CA ALA A 1381 6.96 -60.95 19.31
C ALA A 1381 7.91 -61.39 18.20
N SER A 1382 8.09 -60.53 17.19
CA SER A 1382 9.05 -60.79 16.12
C SER A 1382 10.45 -60.98 16.69
N ILE A 1383 10.84 -60.10 17.62
CA ILE A 1383 12.19 -60.16 18.18
C ILE A 1383 12.43 -61.52 18.84
N LEU A 1384 11.52 -61.94 19.73
CA LEU A 1384 11.73 -63.19 20.45
C LEU A 1384 11.66 -64.40 19.52
N LYS A 1385 10.70 -64.41 18.58
CA LYS A 1385 10.62 -65.54 17.66
C LYS A 1385 11.90 -65.68 16.85
N ASP A 1386 12.34 -64.58 16.22
CA ASP A 1386 13.60 -64.60 15.48
C ASP A 1386 14.77 -65.03 16.37
N LEU A 1387 14.80 -64.55 17.61
CA LEU A 1387 15.94 -64.80 18.47
C LEU A 1387 16.02 -66.28 18.85
N VAL A 1388 14.89 -66.87 19.25
CA VAL A 1388 14.89 -68.29 19.58
C VAL A 1388 15.19 -69.13 18.35
N PHE A 1389 14.67 -68.74 17.19
CA PHE A 1389 14.96 -69.50 15.97
C PHE A 1389 16.44 -69.48 15.66
N LYS A 1390 17.07 -68.30 15.74
CA LYS A 1390 18.49 -68.19 15.42
C LYS A 1390 19.35 -68.93 16.45
N SER A 1391 18.94 -68.89 17.72
CA SER A 1391 19.68 -69.62 18.75
C SER A 1391 19.56 -71.13 18.53
N SER A 1392 18.42 -71.58 18.01
CA SER A 1392 18.24 -73.01 17.79
C SER A 1392 19.01 -73.48 16.57
N VAL A 1393 18.87 -72.78 15.44
CA VAL A 1393 19.42 -73.28 14.18
C VAL A 1393 20.93 -73.16 14.15
N SER A 1394 21.46 -71.99 14.46
CA SER A 1394 22.90 -71.75 14.30
C SER A 1394 23.73 -72.60 15.27
N CYS A 1395 23.20 -72.89 16.45
CA CYS A 1395 23.88 -73.69 17.46
C CYS A 1395 25.27 -73.13 17.80
N CYS A 1399 24.86 -63.69 24.05
CA CYS A 1399 23.41 -63.88 23.98
C CYS A 1399 22.96 -64.98 24.94
N LYS A 1400 23.67 -65.09 26.06
CA LYS A 1400 23.38 -66.16 27.02
C LYS A 1400 22.22 -65.75 27.93
N LYS A 1401 21.15 -66.54 27.89
CA LYS A 1401 20.03 -66.40 28.83
C LYS A 1401 19.41 -65.01 28.78
N ILE A 1402 18.88 -64.68 27.60
CA ILE A 1402 18.19 -63.41 27.42
C ILE A 1402 16.83 -63.46 28.12
N TYR A 1403 16.52 -62.41 28.87
CA TYR A 1403 15.29 -62.34 29.66
C TYR A 1403 14.34 -61.32 29.05
N PHE A 1404 13.05 -61.67 29.04
CA PHE A 1404 12.00 -60.79 28.54
C PHE A 1404 11.05 -60.46 29.68
N ILE A 1405 10.87 -59.16 29.93
CA ILE A 1405 10.00 -58.67 31.00
C ILE A 1405 9.04 -57.66 30.38
N TRP A 1406 7.74 -57.96 30.46
CA TRP A 1406 6.73 -57.07 29.89
C TRP A 1406 5.70 -56.75 30.97
N VAL A 1407 5.53 -55.47 31.26
CA VAL A 1407 4.58 -55.00 32.26
C VAL A 1407 3.49 -54.21 31.54
N THR A 1408 2.25 -54.61 31.76
CA THR A 1408 1.08 -54.02 31.12
C THR A 1408 0.09 -53.61 32.20
N ARG A 1409 -0.82 -52.70 31.84
CA ARG A 1409 -1.86 -52.27 32.79
C ARG A 1409 -2.99 -53.29 32.83
N THR A 1410 -3.63 -53.55 31.69
CA THR A 1410 -4.81 -54.39 31.64
C THR A 1410 -4.60 -55.73 30.95
N GLN A 1411 -3.61 -55.85 30.06
CA GLN A 1411 -3.42 -57.07 29.27
C GLN A 1411 -4.65 -57.36 28.42
N ARG A 1412 -5.24 -56.32 27.85
CA ARG A 1412 -6.53 -56.43 27.17
C ARG A 1412 -6.36 -56.76 25.70
N GLN A 1413 -5.65 -55.90 24.97
CA GLN A 1413 -5.53 -56.10 23.52
C GLN A 1413 -4.41 -57.08 23.18
N PHE A 1414 -3.46 -57.28 24.10
CA PHE A 1414 -2.31 -58.15 23.84
C PHE A 1414 -2.54 -59.53 24.49
N GLU A 1415 -3.41 -60.31 23.84
CA GLU A 1415 -3.54 -61.73 24.17
C GLU A 1415 -2.82 -62.61 23.15
N TRP A 1416 -2.82 -62.20 21.89
CA TRP A 1416 -1.97 -62.85 20.89
C TRP A 1416 -0.53 -62.85 21.33
N LEU A 1417 -0.11 -61.83 22.08
CA LEU A 1417 1.27 -61.82 22.59
C LEU A 1417 1.47 -62.94 23.63
N ALA A 1418 0.44 -63.24 24.42
CA ALA A 1418 0.55 -64.36 25.34
C ALA A 1418 0.59 -65.68 24.59
N ASP A 1419 -0.20 -65.79 23.52
CA ASP A 1419 -0.12 -66.99 22.67
C ASP A 1419 1.28 -67.15 22.08
N ILE A 1420 1.90 -66.04 21.68
CA ILE A 1420 3.25 -66.09 21.12
C ILE A 1420 4.28 -66.45 22.19
N ILE A 1421 4.09 -65.94 23.41
CA ILE A 1421 4.96 -66.35 24.52
C ILE A 1421 4.87 -67.85 24.74
N ARG A 1422 3.66 -68.40 24.67
CA ARG A 1422 3.52 -69.85 24.82
C ARG A 1422 4.20 -70.59 23.67
N GLU A 1423 4.02 -70.11 22.44
CA GLU A 1423 4.63 -70.77 21.29
C GLU A 1423 6.15 -70.70 21.34
N VAL A 1424 6.69 -69.65 21.97
CA VAL A 1424 8.14 -69.53 22.10
C VAL A 1424 8.65 -70.41 23.22
N GLU A 1425 7.96 -70.46 24.35
CA GLU A 1425 8.34 -71.37 25.43
C GLU A 1425 8.32 -72.82 24.96
N GLU A 1426 7.32 -73.18 24.17
CA GLU A 1426 7.23 -74.56 23.69
C GLU A 1426 8.36 -74.89 22.72
N ASN A 1427 8.75 -73.94 21.88
CA ASN A 1427 9.77 -74.20 20.87
C ASN A 1427 11.14 -74.39 21.50
N ASP A 1428 11.51 -73.50 22.44
CA ASP A 1428 12.84 -73.50 23.03
C ASP A 1428 12.97 -74.64 24.02
N ARG A 1429 13.85 -75.58 23.73
CA ARG A 1429 14.20 -76.66 24.66
C ARG A 1429 15.57 -76.45 25.30
N GLN A 1430 16.31 -75.44 24.86
CA GLN A 1430 17.60 -75.12 25.44
C GLN A 1430 17.50 -74.15 26.61
N ASP A 1431 16.28 -73.75 26.98
CA ASP A 1431 16.02 -72.88 28.12
C ASP A 1431 16.73 -71.54 27.99
N LEU A 1432 16.67 -70.93 26.81
CA LEU A 1432 17.32 -69.63 26.61
C LEU A 1432 16.47 -68.48 27.13
N VAL A 1433 15.27 -68.33 26.60
CA VAL A 1433 14.41 -67.19 26.91
C VAL A 1433 13.56 -67.51 28.12
N SER A 1434 13.63 -66.65 29.13
CA SER A 1434 12.81 -66.74 30.33
C SER A 1434 11.95 -65.48 30.43
N VAL A 1435 10.63 -65.66 30.41
CA VAL A 1435 9.69 -64.55 30.40
C VAL A 1435 9.20 -64.30 31.84
N HIS A 1436 8.91 -63.03 32.12
CA HIS A 1436 8.36 -62.61 33.39
C HIS A 1436 7.27 -61.57 33.15
N ILE A 1437 6.21 -61.62 33.94
CA ILE A 1437 5.00 -60.83 33.70
C ILE A 1437 4.62 -60.11 34.99
N TYR A 1438 4.33 -58.82 34.88
CA TYR A 1438 3.79 -58.03 35.98
C TYR A 1438 2.58 -57.25 35.46
N ILE A 1439 1.44 -57.43 36.12
CA ILE A 1439 0.15 -56.98 35.58
C ILE A 1439 -0.24 -55.63 36.17
N THR A 1440 0.30 -55.31 37.36
CA THR A 1440 0.19 -54.02 38.02
C THR A 1440 -1.15 -53.29 37.82
N GLN A 1441 -2.25 -53.93 38.21
CA GLN A 1441 -3.57 -53.26 38.18
C GLN A 1441 -4.38 -53.84 39.34
N LEU A 1442 -4.71 -52.98 40.30
CA LEU A 1442 -5.30 -53.44 41.56
C LEU A 1442 -6.73 -52.91 41.73
N ALA A 1443 -7.61 -53.82 42.15
CA ALA A 1443 -8.93 -53.50 42.70
C ALA A 1443 -9.92 -52.99 41.66
N GLU A 1444 -9.47 -52.78 40.44
CA GLU A 1444 -10.35 -52.31 39.37
C GLU A 1444 -10.47 -53.29 38.22
N LYS A 1445 -9.94 -54.49 38.38
CA LYS A 1445 -9.85 -55.44 37.27
C LYS A 1445 -11.08 -56.36 37.23
N PHE A 1446 -11.14 -57.15 36.17
CA PHE A 1446 -12.08 -58.26 36.03
C PHE A 1446 -11.53 -59.54 36.63
N ASP A 1447 -10.43 -59.44 37.38
CA ASP A 1447 -9.64 -60.60 37.83
C ASP A 1447 -8.94 -61.27 36.65
N LEU A 1448 -9.20 -60.75 35.44
CA LEU A 1448 -8.45 -61.08 34.24
C LEU A 1448 -8.66 -62.52 33.79
N ARG A 1449 -9.42 -63.29 34.56
CA ARG A 1449 -9.65 -64.70 34.27
C ARG A 1449 -10.82 -65.25 35.07
N GLY A 1479 1.43 -57.06 40.78
CA GLY A 1479 2.55 -56.44 41.46
C GLY A 1479 3.30 -55.44 40.61
N ARG A 1480 4.39 -54.90 41.16
CA ARG A 1480 5.22 -53.94 40.46
C ARG A 1480 6.49 -54.61 39.95
N PRO A 1481 7.10 -54.09 38.90
CA PRO A 1481 8.28 -54.72 38.30
C PRO A 1481 9.54 -54.43 39.11
N PRO A 1482 9.89 -55.28 40.09
CA PRO A 1482 10.95 -54.92 41.02
C PRO A 1482 12.34 -54.96 40.40
N PHE A 1483 12.70 -53.89 39.67
CA PHE A 1483 14.02 -53.79 39.06
C PHE A 1483 15.13 -53.52 40.08
N GLU A 1484 14.79 -53.26 41.34
CA GLU A 1484 15.82 -52.89 42.31
C GLU A 1484 16.66 -54.09 42.77
N PRO A 1485 16.08 -55.22 43.22
CA PRO A 1485 16.93 -56.37 43.56
C PRO A 1485 17.23 -57.23 42.35
N PHE A 1486 16.56 -56.92 41.24
CA PHE A 1486 16.69 -57.72 40.02
C PHE A 1486 18.14 -57.77 39.56
N PHE A 1487 18.73 -56.61 39.27
CA PHE A 1487 20.10 -56.57 38.79
C PHE A 1487 21.11 -57.03 39.83
N ASN A 1488 20.79 -56.85 41.12
CA ASN A 1488 21.68 -57.33 42.16
C ASN A 1488 21.76 -58.85 42.14
N SER A 1489 20.60 -59.51 41.98
CA SER A 1489 20.60 -60.98 41.92
C SER A 1489 21.11 -61.48 40.57
N LEU A 1490 20.96 -60.69 39.51
CA LEU A 1490 21.33 -61.14 38.17
C LEU A 1490 22.81 -61.47 38.08
N GLN A 1491 23.67 -60.49 38.41
CA GLN A 1491 25.11 -60.72 38.36
C GLN A 1491 25.54 -61.79 39.35
N GLU A 1492 24.77 -61.99 40.41
CA GLU A 1492 25.14 -62.96 41.44
C GLU A 1492 24.90 -64.38 40.97
N VAL A 1493 23.71 -64.65 40.42
CA VAL A 1493 23.36 -66.02 40.05
C VAL A 1493 24.24 -66.53 38.92
N HIS A 1494 24.68 -65.63 38.04
CA HIS A 1494 25.61 -66.00 36.98
C HIS A 1494 26.59 -64.85 36.71
N PRO A 1495 27.90 -65.11 36.74
CA PRO A 1495 28.87 -64.03 36.48
C PRO A 1495 29.08 -63.78 34.99
N GLN A 1496 28.21 -62.99 34.39
CA GLN A 1496 28.31 -62.66 32.97
C GLN A 1496 29.60 -61.91 32.66
N LYS A 1499 29.15 -57.07 31.58
CA LYS A 1499 28.34 -56.21 30.72
C LYS A 1499 27.05 -56.93 30.30
N ILE A 1500 25.91 -56.33 30.64
CA ILE A 1500 24.60 -56.89 30.31
C ILE A 1500 23.72 -55.76 29.77
N GLY A 1501 23.05 -56.01 28.65
CA GLY A 1501 22.14 -55.03 28.10
C GLY A 1501 20.76 -55.09 28.72
N VAL A 1502 20.17 -53.91 28.90
CA VAL A 1502 18.86 -53.79 29.54
C VAL A 1502 17.94 -52.96 28.67
N PHE A 1503 18.10 -53.08 27.35
CA PHE A 1503 17.24 -52.38 26.39
C PHE A 1503 15.78 -52.39 26.82
N SER A 1504 15.12 -51.24 26.72
CA SER A 1504 13.75 -51.08 27.21
C SER A 1504 12.96 -50.24 26.23
N CYS A 1505 11.67 -50.58 26.06
CA CYS A 1505 10.75 -49.84 25.22
C CYS A 1505 9.39 -49.77 25.90
N GLY A 1506 8.91 -48.57 26.15
CA GLY A 1506 7.63 -48.40 26.80
C GLY A 1506 7.32 -46.95 27.17
N PRO A 1507 6.36 -46.77 28.07
CA PRO A 1507 5.94 -45.42 28.46
C PRO A 1507 7.04 -44.72 29.23
N PRO A 1508 6.95 -43.39 29.42
CA PRO A 1508 8.02 -42.69 30.13
C PRO A 1508 8.18 -43.12 31.57
N GLY A 1509 7.10 -43.49 32.26
CA GLY A 1509 7.21 -43.89 33.66
C GLY A 1509 8.09 -45.11 33.85
N MET A 1510 7.80 -46.18 33.10
CA MET A 1510 8.55 -47.42 33.27
C MET A 1510 10.02 -47.24 32.88
N THR A 1511 10.29 -46.52 31.78
CA THR A 1511 11.67 -46.37 31.35
C THR A 1511 12.44 -45.49 32.31
N LYS A 1512 11.79 -44.46 32.88
CA LYS A 1512 12.44 -43.65 33.90
C LYS A 1512 12.74 -44.48 35.14
N ASN A 1513 11.79 -45.35 35.54
CA ASN A 1513 12.01 -46.20 36.71
C ASN A 1513 13.18 -47.15 36.49
N VAL A 1514 13.22 -47.81 35.33
CA VAL A 1514 14.30 -48.77 35.08
C VAL A 1514 15.63 -48.03 34.90
N GLU A 1515 15.59 -46.80 34.39
CA GLU A 1515 16.79 -45.99 34.31
C GLU A 1515 17.34 -45.68 35.69
N LYS A 1516 16.48 -45.19 36.58
CA LYS A 1516 16.91 -44.94 37.95
C LYS A 1516 17.46 -46.20 38.60
N ALA A 1517 16.81 -47.34 38.36
CA ALA A 1517 17.28 -48.59 38.96
C ALA A 1517 18.66 -48.97 38.45
N CYS A 1518 18.84 -49.03 37.14
CA CYS A 1518 20.12 -49.48 36.59
C CYS A 1518 21.23 -48.50 36.91
N GLN A 1519 20.89 -47.23 37.08
CA GLN A 1519 21.93 -46.25 37.42
C GLN A 1519 22.30 -46.36 38.90
N LEU A 1520 21.30 -46.49 39.78
CA LEU A 1520 21.55 -46.68 41.20
C LEU A 1520 22.31 -47.97 41.48
N ILE A 1521 22.20 -48.98 40.63
CA ILE A 1521 22.85 -50.27 40.86
C ILE A 1521 24.10 -50.46 40.01
N ASN A 1522 24.35 -49.57 39.05
CA ASN A 1522 25.56 -49.70 38.23
C ASN A 1522 26.81 -49.35 39.02
N ARG A 1523 26.75 -48.31 39.85
CA ARG A 1523 27.92 -47.83 40.56
C ARG A 1523 28.46 -48.89 41.51
N GLN A 1524 29.78 -49.09 41.45
CA GLN A 1524 30.44 -50.08 42.29
C GLN A 1524 31.79 -49.57 42.79
N THR A 1527 28.93 -54.26 36.55
CA THR A 1527 29.26 -54.42 35.14
C THR A 1527 28.93 -53.14 34.35
N HIS A 1528 28.60 -53.31 33.08
CA HIS A 1528 28.31 -52.15 32.24
C HIS A 1528 26.89 -51.64 32.43
N PHE A 1529 25.90 -52.50 32.18
CA PHE A 1529 24.49 -52.11 32.27
C PHE A 1529 24.22 -50.94 31.34
N SER A 1530 24.39 -51.18 30.03
CA SER A 1530 24.40 -50.10 29.04
C SER A 1530 23.15 -49.22 29.14
N HIS A 1531 21.97 -49.84 29.20
CA HIS A 1531 20.70 -49.11 29.22
C HIS A 1531 20.52 -48.29 27.95
N HIS A 1532 20.48 -48.98 26.82
CA HIS A 1532 20.25 -48.35 25.50
C HIS A 1532 18.77 -48.46 25.15
N TYR A 1533 18.04 -47.43 25.53
CA TYR A 1533 16.58 -47.39 25.35
C TYR A 1533 16.24 -47.28 23.87
N GLU A 1534 15.60 -48.31 23.32
CA GLU A 1534 15.29 -48.40 21.90
C GLU A 1534 13.81 -48.13 21.68
N ASN A 1535 13.51 -47.15 20.83
CA ASN A 1535 12.14 -46.84 20.44
C ASN A 1535 11.89 -47.40 19.05
N PHE A 1536 11.13 -48.48 18.97
CA PHE A 1536 10.86 -49.13 17.70
C PHE A 1536 9.73 -48.43 16.95
N ARG B 50 24.79 -40.17 -27.36
CA ARG B 50 24.39 -39.41 -26.19
C ARG B 50 23.88 -38.03 -26.61
N LEU B 51 23.37 -37.95 -27.84
CA LEU B 51 22.89 -36.67 -28.37
C LEU B 51 21.69 -36.16 -27.60
N PHE B 52 20.74 -37.05 -27.28
CA PHE B 52 19.52 -36.62 -26.61
C PHE B 52 19.81 -36.07 -25.22
N TRP B 53 20.85 -36.59 -24.55
CA TRP B 53 21.22 -36.06 -23.25
C TRP B 53 21.74 -34.65 -23.35
N LEU B 54 22.61 -34.39 -24.33
CA LEU B 54 23.09 -33.03 -24.56
C LEU B 54 21.94 -32.11 -24.93
N LEU B 55 20.98 -32.61 -25.70
CA LEU B 55 19.82 -31.79 -26.06
C LEU B 55 19.00 -31.42 -24.83
N ARG B 56 18.77 -32.38 -23.94
CA ARG B 56 17.99 -32.10 -22.74
C ARG B 56 18.73 -31.11 -21.82
N VAL B 57 20.04 -31.28 -21.68
CA VAL B 57 20.82 -30.35 -20.86
C VAL B 57 20.77 -28.95 -21.47
N VAL B 58 20.93 -28.85 -22.79
CA VAL B 58 20.88 -27.56 -23.46
C VAL B 58 19.54 -26.88 -23.24
N THR B 59 18.45 -27.63 -23.43
CA THR B 59 17.12 -27.06 -23.25
C THR B 59 16.92 -26.55 -21.82
N SER B 60 17.27 -27.37 -20.83
CA SER B 60 17.06 -26.97 -19.44
C SER B 60 17.90 -25.74 -19.09
N LEU B 61 19.17 -25.74 -19.49
CA LEU B 61 20.04 -24.62 -19.14
C LEU B 61 19.61 -23.35 -19.83
N PHE B 62 19.19 -23.44 -21.10
CA PHE B 62 18.69 -22.26 -21.80
C PHE B 62 17.44 -21.70 -21.14
N ILE B 63 16.50 -22.56 -20.75
CA ILE B 63 15.29 -22.04 -20.12
C ILE B 63 15.62 -21.36 -18.80
N GLY B 64 16.48 -21.98 -17.99
CA GLY B 64 16.85 -21.34 -16.73
C GLY B 64 17.57 -20.01 -16.94
N ALA B 65 18.49 -19.97 -17.91
CA ALA B 65 19.25 -18.76 -18.16
C ALA B 65 18.34 -17.64 -18.67
N VAL B 66 17.37 -17.96 -19.53
CA VAL B 66 16.51 -16.91 -20.06
C VAL B 66 15.56 -16.41 -18.97
N ILE B 67 15.09 -17.31 -18.10
CA ILE B 67 14.27 -16.82 -16.98
C ILE B 67 15.07 -15.84 -16.13
N LEU B 68 16.29 -16.23 -15.73
CA LEU B 68 17.09 -15.36 -14.87
C LEU B 68 17.43 -14.05 -15.55
N ALA B 69 17.84 -14.09 -16.83
CA ALA B 69 18.24 -12.88 -17.52
C ALA B 69 17.06 -11.95 -17.76
N VAL B 70 15.89 -12.50 -18.10
CA VAL B 70 14.73 -11.67 -18.38
C VAL B 70 14.21 -11.03 -17.10
N ASN B 71 14.34 -11.72 -15.96
CA ASN B 71 13.85 -11.11 -14.72
C ASN B 71 14.69 -9.91 -14.31
N PHE B 72 15.94 -9.80 -14.79
CA PHE B 72 16.84 -8.73 -14.42
C PHE B 72 17.21 -7.83 -15.59
N SER B 73 16.46 -7.89 -16.68
CA SER B 73 16.76 -7.12 -17.88
C SER B 73 15.85 -5.91 -17.95
N SER B 74 16.44 -4.75 -18.25
CA SER B 74 15.68 -3.51 -18.45
C SER B 74 15.50 -3.24 -19.94
N GLU B 75 14.80 -4.16 -20.61
CA GLU B 75 14.53 -4.00 -22.04
C GLU B 75 13.12 -4.44 -22.43
N TRP B 76 12.16 -4.41 -21.50
CA TRP B 76 10.82 -4.90 -21.79
C TRP B 76 10.11 -3.97 -22.76
N SER B 77 10.07 -2.68 -22.46
CA SER B 77 9.57 -1.67 -23.38
C SER B 77 10.74 -0.79 -23.81
N VAL B 78 10.91 -0.64 -25.12
CA VAL B 78 12.07 0.06 -25.68
C VAL B 78 11.59 1.09 -26.70
N GLY B 79 11.89 2.36 -26.43
CA GLY B 79 11.69 3.40 -27.40
C GLY B 79 13.03 4.02 -27.77
N HIS B 80 13.02 4.77 -28.87
CA HIS B 80 14.25 5.38 -29.38
C HIS B 80 13.89 6.38 -30.45
N VAL B 81 14.61 7.50 -30.47
CA VAL B 81 14.37 8.57 -31.45
C VAL B 81 15.63 9.42 -31.55
N ASN B 82 15.77 10.11 -32.68
CA ASN B 82 16.88 11.02 -32.95
C ASN B 82 16.28 12.42 -33.10
N ALA B 83 16.43 13.24 -32.06
CA ALA B 83 15.78 14.54 -32.02
C ALA B 83 16.79 15.68 -31.96
N ASN B 84 16.28 16.90 -31.99
CA ASN B 84 17.05 18.12 -31.78
C ASN B 84 16.53 18.78 -30.52
N THR B 85 17.32 18.75 -29.45
CA THR B 85 16.85 19.19 -28.15
C THR B 85 17.80 20.27 -27.62
N THR B 86 17.46 20.82 -26.46
CA THR B 86 18.31 21.75 -25.73
C THR B 86 19.20 20.97 -24.78
N TYR B 87 20.48 21.33 -24.72
CA TYR B 87 21.42 20.52 -23.96
C TYR B 87 21.21 20.69 -22.45
N LYS B 88 21.40 21.90 -21.94
CA LYS B 88 21.30 22.11 -20.50
C LYS B 88 21.08 23.60 -20.24
N ALA B 89 20.91 23.92 -18.96
CA ALA B 89 20.61 25.28 -18.55
C ALA B 89 21.78 26.22 -18.79
N PHE B 90 21.49 27.51 -18.84
CA PHE B 90 22.44 28.61 -19.00
C PHE B 90 23.12 28.60 -20.35
N SER B 91 22.58 27.91 -21.34
CA SER B 91 23.11 27.91 -22.69
C SER B 91 21.97 27.88 -23.69
N PRO B 92 21.98 28.77 -24.69
CA PRO B 92 20.95 28.76 -25.73
C PRO B 92 21.25 27.85 -26.91
N LYS B 93 22.20 26.92 -26.78
CA LYS B 93 22.64 26.11 -27.89
C LYS B 93 21.82 24.82 -27.98
N TRP B 94 21.33 24.52 -29.17
CA TRP B 94 20.58 23.29 -29.42
C TRP B 94 21.54 22.23 -29.93
N VAL B 95 21.33 20.98 -29.49
CA VAL B 95 22.21 19.89 -29.87
C VAL B 95 21.45 18.89 -30.74
N SER B 96 22.18 17.94 -31.31
CA SER B 96 21.60 16.83 -32.06
C SER B 96 21.98 15.54 -31.33
N VAL B 97 20.98 14.86 -30.78
CA VAL B 97 21.21 13.68 -29.95
C VAL B 97 20.21 12.60 -30.31
N ASP B 98 20.45 11.40 -29.79
CA ASP B 98 19.55 10.26 -29.94
C ASP B 98 19.10 9.81 -28.57
N VAL B 99 17.80 9.93 -28.31
CA VAL B 99 17.23 9.72 -27.00
C VAL B 99 16.37 8.46 -27.03
N GLY B 100 16.44 7.66 -25.97
CA GLY B 100 15.64 6.46 -25.86
C GLY B 100 15.58 5.90 -24.45
N LEU B 101 14.40 5.47 -24.03
CA LEU B 101 14.23 4.92 -22.69
C LEU B 101 13.96 3.41 -22.76
N GLN B 102 14.25 2.73 -21.64
CA GLN B 102 14.11 1.28 -21.56
C GLN B 102 13.54 0.95 -20.18
N ILE B 103 12.38 0.31 -20.16
CA ILE B 103 11.64 0.05 -18.93
C ILE B 103 11.77 -1.44 -18.60
N GLY B 104 12.18 -1.75 -17.37
CA GLY B 104 12.52 -3.11 -17.02
C GLY B 104 11.93 -3.68 -15.75
N LEU B 105 10.69 -3.31 -15.41
CA LEU B 105 9.95 -3.84 -14.26
C LEU B 105 10.47 -3.30 -12.94
N GLY B 106 11.58 -2.58 -12.97
CA GLY B 106 12.20 -2.12 -11.75
C GLY B 106 12.87 -0.77 -11.87
N GLY B 107 12.49 -0.01 -12.89
CA GLY B 107 13.09 1.28 -13.14
C GLY B 107 13.39 1.46 -14.62
N VAL B 108 13.74 2.69 -14.99
CA VAL B 108 13.95 3.05 -16.38
C VAL B 108 15.40 3.50 -16.57
N ASN B 109 15.93 3.19 -17.76
CA ASN B 109 17.20 3.71 -18.24
C ASN B 109 16.92 4.74 -19.32
N ILE B 110 17.48 5.93 -19.17
CA ILE B 110 17.32 7.01 -20.14
C ILE B 110 18.69 7.38 -20.67
N THR B 111 18.87 7.28 -21.98
CA THR B 111 20.17 7.43 -22.61
C THR B 111 20.16 8.64 -23.54
N LEU B 112 21.03 9.60 -23.27
CA LEU B 112 21.25 10.74 -24.15
C LEU B 112 22.66 10.63 -24.73
N THR B 113 22.75 10.44 -26.05
CA THR B 113 24.02 10.29 -26.73
C THR B 113 24.03 11.18 -27.98
N GLY B 114 24.95 12.13 -28.03
CA GLY B 114 25.06 13.01 -29.17
C GLY B 114 25.50 12.27 -30.41
N THR B 115 24.95 12.65 -31.57
CA THR B 115 25.30 11.99 -32.82
C THR B 115 26.79 12.20 -33.08
N PRO B 116 27.31 13.43 -33.03
CA PRO B 116 28.73 13.59 -32.71
C PRO B 116 28.90 13.65 -31.20
N VAL B 117 29.64 12.68 -30.65
CA VAL B 117 29.76 12.59 -29.20
C VAL B 117 30.39 13.85 -28.62
N GLN B 118 31.23 14.53 -29.39
CA GLN B 118 31.85 15.79 -28.98
C GLN B 118 31.45 16.86 -29.99
N GLN B 119 30.37 17.58 -29.68
CA GLN B 119 29.86 18.61 -30.58
C GLN B 119 29.80 20.00 -29.96
N LEU B 120 29.78 20.12 -28.64
CA LEU B 120 29.76 21.42 -27.97
C LEU B 120 30.87 21.49 -26.93
N ASN B 121 32.07 21.06 -27.31
CA ASN B 121 33.27 21.02 -26.46
C ASN B 121 33.12 20.04 -25.31
N GLU B 122 31.98 19.39 -25.18
CA GLU B 122 31.73 18.40 -24.13
C GLU B 122 31.39 17.07 -24.79
N THR B 123 31.64 15.97 -24.07
CA THR B 123 31.29 14.64 -24.54
C THR B 123 29.91 14.28 -24.00
N ILE B 124 29.02 13.83 -24.90
CA ILE B 124 27.64 13.56 -24.52
C ILE B 124 27.37 12.06 -24.59
N ASN B 125 27.50 11.40 -23.45
CA ASN B 125 27.17 9.98 -23.32
C ASN B 125 26.61 9.74 -21.93
N TYR B 126 25.28 9.70 -21.83
CA TYR B 126 24.60 9.59 -20.55
C TYR B 126 23.78 8.31 -20.51
N ASN B 127 23.74 7.69 -19.33
CA ASN B 127 22.88 6.54 -19.08
C ASN B 127 22.47 6.57 -17.62
N GLU B 128 21.30 7.16 -17.33
CA GLU B 128 20.84 7.34 -15.97
C GLU B 128 19.69 6.37 -15.68
N ALA B 129 19.59 5.98 -14.41
CA ALA B 129 18.59 5.00 -13.99
C ALA B 129 17.79 5.55 -12.83
N PHE B 130 16.47 5.51 -12.96
CA PHE B 130 15.54 5.89 -11.90
C PHE B 130 14.65 4.70 -11.60
N ALA B 131 14.72 4.19 -10.37
CA ALA B 131 14.08 2.94 -10.01
C ALA B 131 12.92 3.20 -9.06
N TRP B 132 11.84 2.42 -9.22
CA TRP B 132 10.62 2.60 -8.44
C TRP B 132 10.21 1.36 -7.67
N ARG B 133 11.07 0.35 -7.59
CA ARG B 133 10.70 -0.88 -6.90
C ARG B 133 10.54 -0.62 -5.41
N LEU B 134 9.88 -1.56 -4.73
CA LEU B 134 9.56 -1.45 -3.32
C LEU B 134 10.79 -1.19 -2.46
N GLY B 135 11.96 -1.61 -2.94
CA GLY B 135 13.19 -1.35 -2.20
C GLY B 135 13.56 0.13 -2.17
N ARG B 136 13.45 0.80 -3.31
CA ARG B 136 13.92 2.17 -3.45
C ARG B 136 12.76 3.14 -3.66
N SER B 137 13.10 4.40 -3.91
CA SER B 137 12.13 5.47 -4.10
C SER B 137 12.48 6.25 -5.36
N TYR B 138 11.46 6.76 -6.04
CA TYR B 138 11.67 7.48 -7.29
C TYR B 138 11.86 8.97 -7.07
N ALA B 139 11.07 9.57 -6.17
CA ALA B 139 11.10 11.01 -6.01
C ALA B 139 12.44 11.51 -5.49
N GLU B 140 13.07 10.75 -4.58
CA GLU B 140 14.38 11.16 -4.07
C GLU B 140 15.44 11.08 -5.17
N GLU B 141 15.38 10.03 -5.99
CA GLU B 141 16.31 9.93 -7.11
C GLU B 141 16.13 11.07 -8.10
N TYR B 142 14.88 11.41 -8.42
CA TYR B 142 14.63 12.52 -9.32
C TYR B 142 15.13 13.84 -8.72
N ALA B 143 14.93 14.04 -7.42
CA ALA B 143 15.40 15.26 -6.78
C ALA B 143 16.91 15.35 -6.81
N LYS B 144 17.61 14.23 -6.57
CA LYS B 144 19.07 14.26 -6.62
C LYS B 144 19.57 14.51 -8.03
N ALA B 145 18.92 13.90 -9.03
CA ALA B 145 19.31 14.14 -10.41
C ALA B 145 19.08 15.60 -10.80
N LEU B 146 18.00 16.20 -10.28
CA LEU B 146 17.69 17.59 -10.60
C LEU B 146 18.65 18.53 -9.90
N GLU B 147 19.11 18.16 -8.70
CA GLU B 147 20.13 18.95 -8.03
C GLU B 147 21.48 18.83 -8.71
N LYS B 148 21.75 17.69 -9.35
CA LYS B 148 23.03 17.53 -10.04
C LYS B 148 23.14 18.47 -11.23
N GLY B 149 22.15 18.44 -12.14
CA GLY B 149 22.15 19.30 -13.31
C GLY B 149 22.29 18.60 -14.64
N LEU B 150 21.94 17.32 -14.73
CA LEU B 150 22.10 16.58 -15.97
C LEU B 150 21.12 17.10 -17.02
N PRO B 151 21.37 16.82 -18.33
CA PRO B 151 20.66 17.53 -19.40
C PRO B 151 19.14 17.52 -19.31
N ASP B 152 18.53 18.49 -20.00
CA ASP B 152 17.09 18.70 -19.88
C ASP B 152 16.23 17.55 -20.39
N PRO B 153 16.50 16.95 -21.56
CA PRO B 153 15.62 15.85 -22.01
C PRO B 153 15.60 14.66 -21.08
N VAL B 154 16.75 14.33 -20.47
CA VAL B 154 16.78 13.23 -19.52
C VAL B 154 15.92 13.57 -18.30
N LEU B 155 16.02 14.81 -17.81
CA LEU B 155 15.19 15.24 -16.68
C LEU B 155 13.72 15.18 -17.05
N TYR B 156 13.38 15.56 -18.28
CA TYR B 156 12.00 15.53 -18.73
C TYR B 156 11.45 14.11 -18.73
N LEU B 157 12.16 13.19 -19.41
CA LEU B 157 11.71 11.81 -19.46
C LEU B 157 11.69 11.16 -18.08
N ALA B 158 12.55 11.61 -17.17
CA ALA B 158 12.50 11.14 -15.79
C ALA B 158 11.26 11.66 -15.09
N GLU B 159 10.89 12.92 -15.37
CA GLU B 159 9.73 13.52 -14.74
C GLU B 159 8.44 12.84 -15.18
N LYS B 160 8.39 12.39 -16.44
CA LYS B 160 7.18 11.73 -16.93
C LYS B 160 6.75 10.56 -16.05
N PHE B 161 7.69 9.93 -15.34
CA PHE B 161 7.38 8.76 -14.53
C PHE B 161 7.31 9.07 -13.03
N THR B 162 7.52 10.32 -12.64
CA THR B 162 7.56 10.67 -11.23
C THR B 162 6.19 10.46 -10.59
N PRO B 163 6.13 10.26 -9.27
CA PRO B 163 4.83 10.10 -8.61
C PRO B 163 4.04 11.41 -8.60
N ARG B 164 2.73 11.30 -8.79
CA ARG B 164 1.74 12.37 -8.81
C ARG B 164 1.80 13.18 -10.10
N SER B 165 2.59 12.77 -11.09
CA SER B 165 2.55 13.43 -12.38
C SER B 165 1.19 13.21 -13.03
N PRO B 166 0.71 14.17 -13.84
CA PRO B 166 -0.59 14.01 -14.48
C PRO B 166 -0.75 12.71 -15.27
N CYS B 167 0.28 12.32 -16.02
CA CYS B 167 0.17 11.13 -16.86
C CYS B 167 -0.12 9.86 -16.06
N GLY B 168 0.17 9.85 -14.76
CA GLY B 168 -0.11 8.68 -13.93
C GLY B 168 0.62 7.43 -14.38
N LEU B 169 1.89 7.55 -14.74
CA LEU B 169 2.65 6.43 -15.29
C LEU B 169 3.46 5.68 -14.24
N TYR B 170 3.29 5.99 -12.96
CA TYR B 170 4.13 5.46 -11.90
C TYR B 170 3.50 4.34 -11.10
N ASN B 171 2.21 4.43 -10.77
CA ASN B 171 1.57 3.43 -9.93
C ASN B 171 1.02 2.26 -10.73
N GLN B 172 1.04 2.32 -12.06
CA GLN B 172 0.77 1.13 -12.87
C GLN B 172 2.03 0.47 -13.36
N TYR B 173 3.18 1.11 -13.19
CA TYR B 173 4.49 0.53 -13.46
C TYR B 173 5.15 0.02 -12.20
N ARG B 174 4.73 0.51 -11.04
CA ARG B 174 5.23 0.05 -9.76
C ARG B 174 4.57 -1.25 -9.31
N LEU B 175 3.36 -1.54 -9.78
CA LEU B 175 2.65 -2.76 -9.41
C LEU B 175 2.68 -3.82 -10.50
N ALA B 176 2.52 -3.44 -11.77
CA ALA B 176 2.66 -4.42 -12.84
C ALA B 176 4.08 -4.96 -12.90
N GLY B 177 5.08 -4.09 -12.80
CA GLY B 177 6.45 -4.55 -12.79
C GLY B 177 6.83 -5.26 -11.51
N HIS B 178 5.96 -5.18 -10.50
CA HIS B 178 6.21 -5.91 -9.25
C HIS B 178 5.59 -7.30 -9.31
N TYR B 179 4.44 -7.44 -9.96
CA TYR B 179 3.82 -8.74 -10.10
C TYR B 179 4.47 -9.56 -11.20
N ALA B 180 4.89 -8.92 -12.30
CA ALA B 180 5.58 -9.64 -13.35
C ALA B 180 7.02 -9.99 -12.97
N SER B 181 7.50 -9.50 -11.83
CA SER B 181 8.81 -9.88 -11.30
C SER B 181 8.66 -10.84 -10.13
N ALA B 182 7.43 -11.10 -9.70
CA ALA B 182 7.14 -12.15 -8.73
C ALA B 182 6.59 -13.41 -9.36
N MET B 183 5.92 -13.31 -10.51
CA MET B 183 5.55 -14.46 -11.30
C MET B 183 6.69 -14.98 -12.17
N LEU B 184 7.87 -14.38 -12.07
CA LEU B 184 9.07 -14.89 -12.70
C LEU B 184 10.07 -15.43 -11.69
N TRP B 185 9.82 -15.22 -10.39
CA TRP B 185 10.47 -15.98 -9.34
C TRP B 185 9.70 -17.25 -8.99
N VAL B 186 8.42 -17.33 -9.39
CA VAL B 186 7.63 -18.55 -9.24
C VAL B 186 7.87 -19.51 -10.38
N ALA B 187 8.11 -19.02 -11.60
CA ALA B 187 8.46 -19.85 -12.73
C ALA B 187 9.93 -20.25 -12.74
N PHE B 188 10.61 -20.09 -11.60
CA PHE B 188 11.96 -20.59 -11.40
C PHE B 188 11.99 -21.78 -10.45
N LEU B 189 11.23 -21.70 -9.35
CA LEU B 189 11.11 -22.85 -8.46
C LEU B 189 10.43 -24.01 -9.16
N CYS B 190 9.58 -23.72 -10.15
CA CYS B 190 8.97 -24.78 -10.95
C CYS B 190 9.95 -25.35 -11.95
N TRP B 191 10.83 -24.54 -12.52
CA TRP B 191 11.85 -25.07 -13.42
C TRP B 191 12.85 -25.93 -12.66
N LEU B 192 13.18 -25.53 -11.44
CA LEU B 192 14.05 -26.36 -10.61
C LEU B 192 13.42 -27.73 -10.33
N LEU B 193 12.10 -27.74 -10.10
CA LEU B 193 11.43 -29.00 -9.84
C LEU B 193 11.31 -29.84 -11.11
N ALA B 194 11.16 -29.18 -12.27
CA ALA B 194 11.18 -29.92 -13.53
C ALA B 194 12.57 -30.44 -13.85
N ASN B 195 13.60 -29.82 -13.27
CA ASN B 195 14.97 -30.33 -13.44
C ASN B 195 15.20 -31.51 -12.51
N VAL B 196 14.62 -31.47 -11.31
CA VAL B 196 14.82 -32.55 -10.34
C VAL B 196 14.02 -33.78 -10.73
N MET B 197 12.72 -33.60 -11.02
CA MET B 197 11.86 -34.74 -11.31
C MET B 197 12.27 -35.44 -12.60
N LEU B 198 13.10 -34.80 -13.42
CA LEU B 198 13.62 -35.46 -14.61
C LEU B 198 14.92 -36.20 -14.31
N SER B 199 15.66 -35.75 -13.29
CA SER B 199 16.92 -36.42 -12.95
C SER B 199 16.64 -37.76 -12.28
N MET B 200 15.79 -37.79 -11.27
CA MET B 200 15.30 -39.03 -10.67
C MET B 200 13.96 -39.36 -11.29
N PRO B 201 13.92 -40.23 -12.31
CA PRO B 201 12.78 -40.24 -13.25
C PRO B 201 11.43 -40.41 -12.56
N VAL B 202 10.65 -39.32 -12.53
CA VAL B 202 9.23 -39.35 -12.23
C VAL B 202 8.54 -38.59 -13.36
N LEU B 203 9.06 -38.78 -14.58
CA LEU B 203 8.67 -37.95 -15.73
C LEU B 203 7.16 -37.77 -15.85
N VAL B 204 6.37 -38.76 -15.43
CA VAL B 204 4.92 -38.61 -15.46
C VAL B 204 4.49 -37.41 -14.61
N TYR B 205 5.27 -37.09 -13.58
CA TYR B 205 5.05 -35.88 -12.79
C TYR B 205 6.08 -34.80 -13.07
N GLY B 206 7.11 -35.10 -13.85
CA GLY B 206 8.05 -34.11 -14.32
C GLY B 206 7.60 -33.40 -15.58
N GLY B 207 6.48 -33.83 -16.17
CA GLY B 207 5.88 -33.14 -17.29
C GLY B 207 4.76 -32.20 -16.92
N HIS B 208 4.53 -31.93 -15.64
CA HIS B 208 3.58 -30.94 -15.18
C HIS B 208 4.26 -29.67 -14.70
N MET B 209 5.48 -29.79 -14.18
CA MET B 209 6.27 -28.61 -13.87
C MET B 209 6.60 -27.83 -15.13
N LEU B 210 6.63 -28.50 -16.29
CA LEU B 210 6.86 -27.82 -17.55
C LEU B 210 5.58 -27.20 -18.10
N LEU B 211 4.42 -27.48 -17.51
CA LEU B 211 3.20 -26.74 -17.78
C LEU B 211 2.95 -25.66 -16.75
N ALA B 212 3.61 -25.75 -15.60
CA ALA B 212 3.58 -24.67 -14.61
C ALA B 212 4.60 -23.58 -14.90
N THR B 213 5.83 -23.93 -15.31
CA THR B 213 6.81 -22.92 -15.68
C THR B 213 6.36 -22.16 -16.93
N GLY B 214 5.87 -22.87 -17.93
CA GLY B 214 5.45 -22.20 -19.16
C GLY B 214 4.19 -21.39 -18.98
N LEU B 215 3.45 -21.63 -17.90
CA LEU B 215 2.25 -20.84 -17.64
C LEU B 215 2.55 -19.66 -16.74
N PHE B 216 3.48 -19.81 -15.81
CA PHE B 216 3.82 -18.70 -14.93
C PHE B 216 4.66 -17.65 -15.64
N GLN B 217 5.11 -17.94 -16.86
CA GLN B 217 5.77 -16.92 -17.66
C GLN B 217 4.75 -16.10 -18.44
N LEU B 218 3.75 -16.75 -19.02
CA LEU B 218 2.68 -16.06 -19.70
C LEU B 218 1.65 -15.48 -18.74
N LEU B 219 1.78 -15.76 -17.45
CA LEU B 219 1.01 -15.08 -16.42
C LEU B 219 1.73 -13.84 -15.89
N ALA B 220 2.98 -13.65 -16.28
CA ALA B 220 3.72 -12.42 -16.02
C ALA B 220 3.90 -11.57 -17.26
N LEU B 221 3.77 -12.17 -18.45
CA LEU B 221 3.74 -11.43 -19.71
C LEU B 221 2.38 -10.75 -19.92
N PHE B 222 1.51 -10.81 -18.93
CA PHE B 222 0.19 -10.20 -18.95
C PHE B 222 0.11 -8.97 -18.06
N PHE B 223 0.72 -9.03 -16.87
CA PHE B 223 0.81 -7.86 -16.02
C PHE B 223 1.59 -6.74 -16.71
N PHE B 224 2.68 -7.09 -17.40
CA PHE B 224 3.37 -6.08 -18.18
C PHE B 224 2.73 -5.84 -19.55
N SER B 225 1.65 -6.54 -19.86
CA SER B 225 0.86 -6.26 -21.06
C SER B 225 -0.29 -5.31 -20.77
N MET B 226 -0.66 -5.16 -19.49
CA MET B 226 -1.73 -4.25 -19.10
C MET B 226 -1.22 -2.85 -18.75
N THR B 227 -0.10 -2.42 -19.36
CA THR B 227 0.48 -1.10 -19.11
C THR B 227 0.60 -0.24 -20.36
N THR B 228 0.92 -0.84 -21.51
CA THR B 228 0.90 -0.10 -22.76
C THR B 228 -0.48 0.44 -23.10
N SER B 229 -1.52 -0.05 -22.43
CA SER B 229 -2.86 0.52 -22.61
C SER B 229 -2.91 1.96 -22.13
N LEU B 230 -2.09 2.31 -21.14
CA LEU B 230 -2.11 3.65 -20.60
C LEU B 230 -0.87 4.46 -20.98
N ILE B 231 0.25 3.81 -21.30
CA ILE B 231 1.42 4.58 -21.75
C ILE B 231 1.22 5.18 -23.13
N SER B 232 0.19 4.78 -23.87
CA SER B 232 -0.01 5.27 -25.23
C SER B 232 -0.59 6.69 -25.26
N PRO B 233 -1.60 7.03 -24.43
CA PRO B 233 -2.11 8.41 -24.49
C PRO B 233 -1.12 9.46 -24.02
N CYS B 234 -0.26 9.14 -23.05
CA CYS B 234 0.65 10.12 -22.47
C CYS B 234 1.62 10.61 -23.53
N PRO B 235 1.70 11.91 -23.80
CA PRO B 235 2.60 12.40 -24.85
C PRO B 235 4.05 12.36 -24.39
N LEU B 236 4.97 12.23 -25.34
CA LEU B 236 6.39 12.21 -25.09
C LEU B 236 7.14 13.04 -26.11
N ARG B 237 6.57 14.18 -26.49
CA ARG B 237 7.20 15.05 -27.48
C ARG B 237 8.54 15.55 -26.96
N LEU B 238 9.58 15.38 -27.76
CA LEU B 238 10.92 15.84 -27.44
C LEU B 238 11.37 16.83 -28.50
N GLY B 239 11.23 18.12 -28.20
CA GLY B 239 11.55 19.13 -29.19
C GLY B 239 10.65 19.00 -30.39
N THR B 240 11.21 18.53 -31.50
CA THR B 240 10.48 18.36 -32.75
C THR B 240 10.17 16.90 -33.07
N ALA B 241 10.51 15.97 -32.18
CA ALA B 241 10.32 14.55 -32.42
C ALA B 241 9.43 13.95 -31.34
N VAL B 242 8.89 12.76 -31.64
CA VAL B 242 8.03 12.02 -30.73
C VAL B 242 8.79 10.76 -30.30
N LEU B 243 8.26 10.09 -29.28
CA LEU B 243 8.88 8.88 -28.75
C LEU B 243 7.82 7.80 -28.60
N HIS B 244 7.96 6.73 -29.39
CA HIS B 244 7.04 5.60 -29.35
C HIS B 244 7.71 4.44 -28.63
N THR B 245 7.13 4.02 -27.52
CA THR B 245 7.63 2.90 -26.74
C THR B 245 6.84 1.65 -27.07
N HIS B 246 7.52 0.65 -27.62
CA HIS B 246 6.91 -0.63 -27.98
C HIS B 246 7.65 -1.75 -27.28
N HIS B 247 6.99 -2.90 -27.17
CA HIS B 247 7.54 -4.07 -26.50
C HIS B 247 8.92 -4.43 -27.04
N GLY B 248 9.85 -4.77 -26.17
CA GLY B 248 11.22 -5.00 -26.55
C GLY B 248 11.61 -6.45 -26.52
N PRO B 249 12.93 -6.72 -26.50
CA PRO B 249 13.41 -8.11 -26.53
C PRO B 249 12.83 -9.00 -25.45
N ALA B 250 12.95 -8.60 -24.17
CA ALA B 250 12.57 -9.47 -23.07
C ALA B 250 11.14 -9.97 -23.19
N PHE B 251 10.25 -9.14 -23.73
CA PHE B 251 8.85 -9.54 -23.89
C PHE B 251 8.72 -10.70 -24.87
N TRP B 252 9.34 -10.56 -26.04
CA TRP B 252 9.24 -11.62 -27.05
C TRP B 252 9.97 -12.88 -26.59
N ILE B 253 11.08 -12.71 -25.86
CA ILE B 253 11.81 -13.87 -25.37
C ILE B 253 10.97 -14.63 -24.34
N THR B 254 10.29 -13.91 -23.45
CA THR B 254 9.40 -14.57 -22.50
C THR B 254 8.26 -15.26 -23.22
N LEU B 255 7.72 -14.63 -24.27
CA LEU B 255 6.66 -15.27 -25.06
C LEU B 255 7.15 -16.57 -25.66
N ALA B 256 8.33 -16.55 -26.29
CA ALA B 256 8.87 -17.74 -26.94
C ALA B 256 9.16 -18.85 -25.92
N THR B 257 9.76 -18.48 -24.80
CA THR B 257 10.09 -19.50 -23.79
C THR B 257 8.83 -20.08 -23.16
N GLY B 258 7.82 -19.25 -22.90
CA GLY B 258 6.58 -19.77 -22.37
C GLY B 258 5.89 -20.71 -23.33
N LEU B 259 5.83 -20.34 -24.61
CA LEU B 259 5.24 -21.24 -25.61
C LEU B 259 6.03 -22.54 -25.69
N LEU B 260 7.36 -22.45 -25.69
CA LEU B 260 8.18 -23.65 -25.79
C LEU B 260 7.93 -24.59 -24.62
N CYS B 261 7.91 -24.05 -23.40
CA CYS B 261 7.68 -24.91 -22.23
C CYS B 261 6.28 -25.49 -22.23
N ILE B 262 5.27 -24.66 -22.54
CA ILE B 262 3.88 -25.15 -22.57
C ILE B 262 3.72 -26.28 -23.56
N LEU B 263 4.36 -26.17 -24.73
CA LEU B 263 4.27 -27.24 -25.72
C LEU B 263 5.11 -28.46 -25.36
N LEU B 264 6.31 -28.24 -24.84
CA LEU B 264 7.21 -29.36 -24.54
C LEU B 264 6.66 -30.22 -23.42
N GLY B 265 6.21 -29.59 -22.33
CA GLY B 265 5.62 -30.35 -21.25
C GLY B 265 4.43 -31.16 -21.71
N LEU B 266 3.54 -30.54 -22.50
CA LEU B 266 2.35 -31.23 -22.97
C LEU B 266 2.71 -32.42 -23.85
N VAL B 267 3.63 -32.22 -24.81
CA VAL B 267 3.96 -33.29 -25.74
C VAL B 267 4.66 -34.44 -25.01
N MET B 268 5.55 -34.11 -24.06
CA MET B 268 6.27 -35.16 -23.36
C MET B 268 5.34 -35.92 -22.42
N ALA B 269 4.38 -35.21 -21.82
CA ALA B 269 3.42 -35.89 -20.95
C ALA B 269 2.51 -36.81 -21.75
N VAL B 270 1.99 -36.33 -22.88
CA VAL B 270 1.13 -37.16 -23.72
C VAL B 270 1.90 -38.39 -24.21
N ALA B 271 3.16 -38.18 -24.61
CA ALA B 271 3.96 -39.31 -25.09
C ALA B 271 4.20 -40.33 -23.98
N HIS B 272 4.80 -39.91 -22.87
CA HIS B 272 5.14 -40.86 -21.81
C HIS B 272 3.88 -41.43 -21.14
N ARG B 273 2.72 -40.83 -21.40
CA ARG B 273 1.48 -41.42 -20.92
C ARG B 273 0.99 -42.51 -21.86
N MET B 274 0.80 -42.17 -23.14
CA MET B 274 0.23 -43.14 -24.08
C MET B 274 1.29 -44.11 -24.59
N GLN B 275 2.57 -43.80 -24.40
CA GLN B 275 3.68 -44.64 -24.89
C GLN B 275 4.92 -44.38 -24.05
N PRO B 276 5.13 -45.14 -22.99
CA PRO B 276 6.32 -44.95 -22.16
C PRO B 276 7.58 -45.52 -22.81
N HIS B 277 7.85 -45.14 -24.06
CA HIS B 277 9.01 -45.63 -24.77
C HIS B 277 10.28 -44.89 -24.42
#